data_9EGB
#
_entry.id   9EGB
#
_cell.length_a   205.002
_cell.length_b   84.395
_cell.length_c   164.975
_cell.angle_alpha   90.000
_cell.angle_beta   105.325
_cell.angle_gamma   90.000
#
_symmetry.space_group_name_H-M   'C 1 2 1'
#
loop_
_entity.id
_entity.type
_entity.pdbx_description
1 polymer 'THIF-type NAD/FAD binding fold domain-containing protein'
2 non-polymer N~2~-octanoyl-L-lysine
3 non-polymer DI(HYDROXYETHYL)ETHER
#
_entity_poly.entity_id   1
_entity_poly.type   'polypeptide(L)'
_entity_poly.pdbx_seq_one_letter_code
;MGSSHHHHHHSQDPMMKHRYSRNRLYLNPKEQELIKDYPILLGGAGIGSIIAECALRFGFENITIVDGDHVENSNLNRQN
YTEGDVSVNKVEAIKARLKSINSKANIKIHNCFLTSDNVEEYIKGHKVAINALDFSSEVPLLFDEICQKMDIPVLHPYNL
GWGGLVTIISPKGLSLNSIAKKGEKFNELNVVEYVSSYMRFWGKPQEWLEDIIYKFKNEREKLSPPQLSVGSWVVAGMCT
HILFNIATQREIKSFPEFYLSSLEG
;
_entity_poly.pdbx_strand_id   A,B,C,D,E,F,G
#
loop_
_chem_comp.id
_chem_comp.type
_chem_comp.name
_chem_comp.formula
A1BIH non-polymer N~2~-octanoyl-L-lysine 'C14 H28 N2 O3'
PEG non-polymer DI(HYDROXYETHYL)ETHER 'C4 H10 O3'
#
# COMPACT_ATOMS: atom_id res chain seq x y z
N MET A 16 14.18 44.12 7.93
CA MET A 16 14.04 42.67 8.09
C MET A 16 13.79 42.03 6.71
N LYS A 17 13.98 40.72 6.59
CA LYS A 17 13.85 40.11 5.27
C LYS A 17 12.38 39.91 4.94
N HIS A 18 12.06 39.74 3.65
CA HIS A 18 10.65 39.56 3.30
C HIS A 18 9.99 38.36 4.00
N ARG A 19 10.76 37.32 4.36
CA ARG A 19 10.23 36.20 5.13
C ARG A 19 9.80 36.59 6.54
N TYR A 20 10.50 37.55 7.16
CA TYR A 20 10.18 38.02 8.49
C TYR A 20 9.45 39.36 8.50
N SER A 21 8.79 39.71 7.39
CA SER A 21 8.13 41.00 7.29
C SER A 21 7.11 41.18 8.41
N ARG A 22 6.26 40.19 8.62
CA ARG A 22 5.20 40.32 9.62
C ARG A 22 5.71 40.13 11.05
N ASN A 23 7.01 39.97 11.25
CA ASN A 23 7.58 39.93 12.59
C ASN A 23 7.78 41.32 13.16
N ARG A 24 7.52 42.37 12.37
CA ARG A 24 7.83 43.74 12.77
C ARG A 24 7.02 44.19 13.98
N LEU A 25 7.47 45.28 14.60
CA LEU A 25 6.92 45.81 15.84
C LEU A 25 7.20 44.86 17.00
N TYR A 26 6.86 43.58 16.85
CA TYR A 26 7.22 42.60 17.87
C TYR A 26 8.73 42.46 18.00
N LEU A 27 9.44 42.40 16.88
CA LEU A 27 10.89 42.32 16.86
C LEU A 27 11.45 43.46 16.01
N ASN A 28 12.52 44.07 16.48
CA ASN A 28 13.23 45.04 15.66
C ASN A 28 14.25 44.34 14.77
N PRO A 29 14.78 45.03 13.76
CA PRO A 29 15.74 44.36 12.86
C PRO A 29 16.94 43.75 13.56
N LYS A 30 17.44 44.40 14.61
CA LYS A 30 18.62 43.91 15.31
C LYS A 30 18.33 42.63 16.10
N GLU A 31 17.12 42.49 16.65
CA GLU A 31 16.77 41.24 17.32
C GLU A 31 16.61 40.10 16.33
N GLN A 32 15.98 40.36 15.18
CA GLN A 32 15.88 39.33 14.15
C GLN A 32 17.26 38.84 13.73
N GLU A 33 18.22 39.76 13.59
CA GLU A 33 19.59 39.38 13.27
C GLU A 33 20.19 38.54 14.39
N LEU A 34 19.94 38.93 15.64
CA LEU A 34 20.56 38.24 16.78
C LEU A 34 20.12 36.77 16.85
N ILE A 35 18.81 36.52 16.76
CA ILE A 35 18.37 35.15 16.91
C ILE A 35 18.69 34.29 15.68
N LYS A 36 18.99 34.92 14.54
CA LYS A 36 19.31 34.16 13.32
C LYS A 36 20.44 33.17 13.53
N ASP A 37 21.50 33.57 14.22
CA ASP A 37 22.69 32.73 14.38
C ASP A 37 22.84 32.15 15.78
N TYR A 38 21.91 32.44 16.70
CA TYR A 38 21.92 31.96 18.06
C TYR A 38 21.89 30.44 18.07
N PRO A 39 22.99 29.78 18.44
CA PRO A 39 23.08 28.32 18.32
C PRO A 39 22.21 27.64 19.37
N ILE A 40 21.21 26.90 18.90
CA ILE A 40 20.29 26.13 19.75
C ILE A 40 20.65 24.67 19.63
N LEU A 41 20.73 23.97 20.76
CA LEU A 41 20.86 22.52 20.78
C LEU A 41 19.53 21.90 21.16
N LEU A 42 19.06 20.98 20.35
CA LEU A 42 17.80 20.29 20.55
C LEU A 42 18.08 18.82 20.79
N GLY A 43 17.83 18.37 22.01
CA GLY A 43 17.96 16.96 22.31
C GLY A 43 16.60 16.31 22.25
N GLY A 44 16.36 15.56 21.19
CA GLY A 44 15.05 14.98 21.01
C GLY A 44 14.23 15.63 19.92
N ALA A 45 13.94 14.86 18.86
CA ALA A 45 13.21 15.32 17.69
C ALA A 45 11.79 14.80 17.68
N GLY A 46 11.22 14.55 18.86
CA GLY A 46 9.84 14.17 18.94
C GLY A 46 8.98 15.40 19.13
N ILE A 47 8.63 15.72 20.37
CA ILE A 47 8.04 17.02 20.66
C ILE A 47 8.94 18.14 20.14
N GLY A 48 10.25 17.88 20.07
CA GLY A 48 11.21 18.86 19.56
C GLY A 48 11.07 19.15 18.08
N SER A 49 10.44 18.26 17.30
CA SER A 49 10.28 18.55 15.88
C SER A 49 9.22 19.64 15.66
N ILE A 50 8.21 19.71 16.53
CA ILE A 50 7.27 20.84 16.52
C ILE A 50 7.96 22.11 16.99
N ILE A 51 8.77 22.01 18.06
CA ILE A 51 9.48 23.18 18.57
C ILE A 51 10.38 23.76 17.49
N ALA A 52 11.08 22.89 16.75
CA ALA A 52 12.04 23.38 15.76
C ALA A 52 11.36 24.21 14.66
N GLU A 53 10.20 23.76 14.17
CA GLU A 53 9.55 24.50 13.09
C GLU A 53 9.09 25.87 13.57
N CYS A 54 8.42 25.92 14.72
CA CYS A 54 7.94 27.20 15.24
C CYS A 54 9.10 28.16 15.49
N ALA A 55 10.21 27.63 16.01
CA ALA A 55 11.36 28.47 16.28
C ALA A 55 12.05 28.89 14.98
N LEU A 56 12.10 28.00 14.00
CA LEU A 56 12.70 28.36 12.72
C LEU A 56 11.88 29.45 12.03
N ARG A 57 10.56 29.25 11.94
CA ARG A 57 9.71 30.25 11.32
C ARG A 57 9.77 31.58 12.05
N PHE A 58 9.92 31.56 13.38
CA PHE A 58 10.11 32.79 14.14
C PHE A 58 11.38 33.51 13.70
N GLY A 59 12.42 32.75 13.34
CA GLY A 59 13.66 33.35 12.87
C GLY A 59 14.97 32.77 13.38
N PHE A 60 14.88 31.75 14.26
CA PHE A 60 16.05 31.01 14.76
C PHE A 60 16.51 30.03 13.69
N GLU A 61 17.64 30.34 13.04
CA GLU A 61 18.08 29.58 11.88
C GLU A 61 19.29 28.70 12.18
N ASN A 62 19.72 28.62 13.42
CA ASN A 62 20.89 27.82 13.78
C ASN A 62 20.45 26.80 14.81
N ILE A 63 20.08 25.61 14.33
CA ILE A 63 19.52 24.59 15.19
C ILE A 63 20.28 23.29 14.96
N THR A 64 20.76 22.72 16.05
CA THR A 64 21.35 21.39 16.07
C THR A 64 20.33 20.43 16.68
N ILE A 65 20.06 19.32 16.00
CA ILE A 65 19.08 18.36 16.48
C ILE A 65 19.76 17.02 16.61
N VAL A 66 19.69 16.42 17.80
CA VAL A 66 20.29 15.13 18.10
C VAL A 66 19.17 14.21 18.56
N ASP A 67 19.03 13.08 17.88
CA ASP A 67 18.01 12.09 18.20
C ASP A 67 18.40 10.80 17.48
N GLY A 68 18.18 9.65 18.14
CA GLY A 68 18.51 8.38 17.53
C GLY A 68 17.35 7.49 17.11
N ASP A 69 16.11 7.93 17.36
CA ASP A 69 14.93 7.14 17.05
C ASP A 69 14.54 7.27 15.58
N HIS A 70 13.68 6.35 15.15
CA HIS A 70 13.04 6.41 13.85
C HIS A 70 11.61 6.90 13.96
N VAL A 71 11.06 7.36 12.83
CA VAL A 71 9.68 7.83 12.79
C VAL A 71 8.76 6.64 12.84
N GLU A 72 7.81 6.66 13.77
CA GLU A 72 6.84 5.60 13.98
C GLU A 72 5.45 6.12 13.66
N ASN A 73 4.54 5.17 13.40
CA ASN A 73 3.17 5.54 13.08
C ASN A 73 2.57 6.37 14.21
N SER A 74 2.77 5.96 15.46
CA SER A 74 2.16 6.62 16.60
C SER A 74 2.63 8.06 16.80
N ASN A 75 3.70 8.49 16.11
CA ASN A 75 4.16 9.87 16.24
C ASN A 75 3.23 10.86 15.56
N LEU A 76 2.43 10.40 14.61
CA LEU A 76 1.74 11.33 13.73
C LEU A 76 0.66 12.13 14.45
N ASN A 77 0.25 11.70 15.65
CA ASN A 77 -0.79 12.43 16.36
C ASN A 77 -0.26 13.69 17.06
N ARG A 78 1.06 13.92 17.05
CA ARG A 78 1.61 15.03 17.82
C ARG A 78 3.00 15.49 17.38
N GLN A 79 3.59 14.82 16.40
CA GLN A 79 4.94 15.15 15.96
C GLN A 79 4.99 15.53 14.49
N ASN A 80 6.08 16.17 14.12
CA ASN A 80 6.21 16.87 12.83
C ASN A 80 6.68 15.92 11.75
N TYR A 81 5.91 14.85 11.50
CA TYR A 81 6.31 13.88 10.47
C TYR A 81 5.09 13.47 9.65
N THR A 82 5.37 12.88 8.49
CA THR A 82 4.37 12.49 7.52
C THR A 82 4.37 10.97 7.32
N GLU A 83 3.35 10.47 6.60
CA GLU A 83 3.29 9.05 6.29
C GLU A 83 4.54 8.60 5.53
N GLY A 84 5.10 9.47 4.68
CA GLY A 84 6.30 9.12 3.95
C GLY A 84 7.54 9.05 4.82
N ASP A 85 7.51 9.68 5.99
CA ASP A 85 8.63 9.68 6.91
C ASP A 85 8.76 8.37 7.71
N VAL A 86 7.71 7.55 7.76
CA VAL A 86 7.73 6.39 8.64
C VAL A 86 8.84 5.43 8.24
N SER A 87 9.61 4.99 9.23
CA SER A 87 10.80 4.11 9.16
C SER A 87 12.08 4.88 8.89
N VAL A 88 12.03 6.20 8.75
CA VAL A 88 13.21 7.01 8.48
C VAL A 88 13.69 7.59 9.80
N ASN A 89 14.99 7.88 9.89
CA ASN A 89 15.57 8.60 11.03
C ASN A 89 14.82 9.90 11.25
N LYS A 90 14.39 10.14 12.50
CA LYS A 90 13.71 11.39 12.78
C LYS A 90 14.54 12.59 12.33
N VAL A 91 15.86 12.55 12.56
CA VAL A 91 16.70 13.71 12.28
C VAL A 91 16.78 13.98 10.78
N GLU A 92 16.82 12.92 9.96
CA GLU A 92 16.80 13.15 8.51
C GLU A 92 15.45 13.73 8.09
N ALA A 93 14.34 13.22 8.66
CA ALA A 93 13.02 13.70 8.27
C ALA A 93 12.78 15.14 8.70
N ILE A 94 13.11 15.49 9.95
CA ILE A 94 12.84 16.85 10.39
C ILE A 94 13.75 17.85 9.69
N LYS A 95 14.96 17.45 9.31
CA LYS A 95 15.81 18.37 8.56
C LYS A 95 15.23 18.62 7.17
N ALA A 96 14.70 17.59 6.53
CA ALA A 96 14.07 17.81 5.24
C ALA A 96 12.94 18.82 5.37
N ARG A 97 12.10 18.63 6.38
CA ARG A 97 10.99 19.54 6.65
C ARG A 97 11.48 20.96 6.92
N LEU A 98 12.49 21.10 7.78
CA LEU A 98 12.98 22.43 8.14
C LEU A 98 13.63 23.13 6.93
N LYS A 99 14.39 22.39 6.12
CA LYS A 99 15.07 23.02 4.99
C LYS A 99 14.12 23.37 3.85
N SER A 100 12.94 22.74 3.80
CA SER A 100 11.93 23.20 2.85
C SER A 100 11.26 24.49 3.32
N ILE A 101 11.27 24.78 4.62
CA ILE A 101 10.81 26.07 5.12
C ILE A 101 11.86 27.16 4.89
N ASN A 102 13.13 26.85 5.11
CA ASN A 102 14.22 27.84 4.99
C ASN A 102 15.44 27.14 4.43
N SER A 103 15.69 27.34 3.13
CA SER A 103 16.81 26.71 2.45
C SER A 103 18.15 27.24 2.94
N LYS A 104 18.20 28.53 3.28
CA LYS A 104 19.42 29.18 3.74
C LYS A 104 19.66 28.97 5.23
N ALA A 105 18.81 28.17 5.90
CA ALA A 105 18.95 27.89 7.32
C ALA A 105 20.06 26.89 7.61
N ASN A 106 20.64 27.01 8.81
CA ASN A 106 21.77 26.21 9.25
C ASN A 106 21.26 25.11 10.19
N ILE A 107 20.78 24.02 9.61
CA ILE A 107 20.18 22.91 10.35
C ILE A 107 21.17 21.75 10.37
N LYS A 108 21.81 21.52 11.51
CA LYS A 108 22.79 20.45 11.66
C LYS A 108 22.19 19.32 12.47
N ILE A 109 22.20 18.11 11.92
CA ILE A 109 21.56 16.98 12.57
C ILE A 109 22.63 15.93 12.89
N HIS A 110 22.32 15.09 13.88
CA HIS A 110 23.15 13.97 14.29
C HIS A 110 22.25 12.80 14.69
N ASN A 111 22.31 11.71 13.94
CA ASN A 111 21.50 10.52 14.22
C ASN A 111 22.27 9.66 15.22
N CYS A 112 22.20 10.06 16.48
CA CYS A 112 22.94 9.40 17.54
C CYS A 112 22.15 9.56 18.84
N PHE A 113 22.22 8.55 19.70
CA PHE A 113 21.70 8.69 21.04
C PHE A 113 22.71 9.38 21.95
N LEU A 114 22.21 10.18 22.88
CA LEU A 114 23.11 10.84 23.80
C LEU A 114 23.43 9.83 24.90
N THR A 115 24.71 9.74 25.24
CA THR A 115 25.19 8.85 26.29
C THR A 115 26.06 9.68 27.23
N SER A 116 26.42 9.10 28.37
CA SER A 116 27.35 9.78 29.26
C SER A 116 28.67 10.10 28.58
N ASP A 117 29.05 9.32 27.58
CA ASP A 117 30.34 9.49 26.93
C ASP A 117 30.34 10.61 25.88
N ASN A 118 29.26 10.78 25.13
CA ASN A 118 29.27 11.74 24.02
C ASN A 118 28.56 13.04 24.32
N VAL A 119 27.77 13.12 25.40
CA VAL A 119 26.82 14.21 25.52
C VAL A 119 27.54 15.54 25.70
N GLU A 120 28.69 15.55 26.36
CA GLU A 120 29.37 16.82 26.59
C GLU A 120 29.85 17.43 25.27
N GLU A 121 30.38 16.60 24.36
CA GLU A 121 30.90 17.14 23.11
C GLU A 121 29.81 17.74 22.24
N TYR A 122 28.59 17.18 22.27
CA TYR A 122 27.50 17.80 21.53
C TYR A 122 27.11 19.15 22.12
N ILE A 123 27.07 19.25 23.45
CA ILE A 123 26.62 20.48 24.10
C ILE A 123 27.56 21.65 23.79
N LYS A 124 28.86 21.40 23.71
CA LYS A 124 29.82 22.48 23.45
C LYS A 124 29.45 23.31 22.23
N GLY A 125 29.49 24.63 22.39
CA GLY A 125 29.30 25.51 21.26
C GLY A 125 27.92 26.09 21.13
N HIS A 126 27.00 25.71 22.01
CA HIS A 126 25.64 26.21 21.96
C HIS A 126 25.41 27.18 23.10
N LYS A 127 24.52 28.16 22.86
CA LYS A 127 24.18 29.16 23.85
C LYS A 127 22.98 28.76 24.69
N VAL A 128 22.13 27.86 24.18
CA VAL A 128 20.93 27.40 24.87
C VAL A 128 20.61 25.98 24.41
N ALA A 129 19.99 25.20 25.29
CA ALA A 129 19.68 23.80 24.97
C ALA A 129 18.25 23.48 25.38
N ILE A 130 17.65 22.56 24.64
CA ILE A 130 16.32 22.05 24.92
C ILE A 130 16.43 20.58 25.22
N ASN A 131 16.11 20.20 26.45
CA ASN A 131 16.18 18.81 26.88
C ASN A 131 14.80 18.21 26.65
N ALA A 132 14.66 17.49 25.54
CA ALA A 132 13.45 16.74 25.24
C ALA A 132 13.76 15.26 25.16
N LEU A 133 14.61 14.79 26.09
CA LEU A 133 15.09 13.42 26.05
C LEU A 133 14.21 12.48 26.85
N ASP A 134 13.91 11.32 26.26
CA ASP A 134 13.26 10.24 26.98
C ASP A 134 14.06 9.87 28.22
N PHE A 135 13.35 9.65 29.32
CA PHE A 135 13.94 9.26 30.59
C PHE A 135 14.29 7.77 30.64
N SER A 136 14.06 7.06 29.54
CA SER A 136 14.46 5.67 29.43
C SER A 136 15.86 5.50 28.88
N SER A 137 16.43 6.55 28.29
CA SER A 137 17.84 6.50 27.92
C SER A 137 18.66 6.50 29.21
N GLU A 138 19.59 7.42 29.35
CA GLU A 138 20.45 7.32 30.52
C GLU A 138 20.86 8.71 30.99
N VAL A 139 20.81 9.66 30.07
CA VAL A 139 21.48 10.93 30.34
C VAL A 139 20.61 12.17 30.48
N PRO A 140 19.29 12.07 30.69
CA PRO A 140 18.50 13.31 30.74
C PRO A 140 19.01 14.27 31.81
N LEU A 141 19.29 13.78 33.03
CA LEU A 141 19.78 14.66 34.08
C LEU A 141 21.25 15.00 33.93
N LEU A 142 22.08 14.06 33.45
CA LEU A 142 23.48 14.40 33.25
C LEU A 142 23.62 15.51 32.21
N PHE A 143 22.81 15.46 31.14
CA PHE A 143 22.75 16.53 30.14
C PHE A 143 22.61 17.89 30.81
N ASP A 144 21.69 17.99 31.77
CA ASP A 144 21.46 19.26 32.46
C ASP A 144 22.67 19.65 33.29
N GLU A 145 23.27 18.68 33.99
CA GLU A 145 24.44 18.98 34.82
C GLU A 145 25.55 19.59 33.99
N ILE A 146 25.79 19.02 32.80
CA ILE A 146 26.83 19.53 31.92
C ILE A 146 26.47 20.91 31.40
N CYS A 147 25.20 21.13 31.06
CA CYS A 147 24.80 22.46 30.60
C CYS A 147 24.97 23.52 31.69
N GLN A 148 24.60 23.20 32.93
CA GLN A 148 24.79 24.15 34.03
C GLN A 148 26.25 24.56 34.14
N LYS A 149 27.17 23.59 34.11
CA LYS A 149 28.59 23.86 34.20
C LYS A 149 29.05 24.84 33.10
N MET A 150 28.40 24.83 31.93
CA MET A 150 28.82 25.63 30.77
C MET A 150 28.02 26.91 30.54
N ASP A 151 27.19 27.36 31.51
CA ASP A 151 26.37 28.56 31.36
C ASP A 151 25.35 28.46 30.23
N ILE A 152 24.82 27.27 30.04
CA ILE A 152 23.81 27.00 29.02
C ILE A 152 22.46 26.75 29.72
N PRO A 153 21.51 27.68 29.64
CA PRO A 153 20.18 27.38 30.19
C PRO A 153 19.47 26.28 29.40
N VAL A 154 18.67 25.49 30.10
CA VAL A 154 18.04 24.29 29.56
C VAL A 154 16.53 24.39 29.65
N LEU A 155 15.86 24.29 28.52
CA LEU A 155 14.42 24.23 28.48
C LEU A 155 13.97 22.76 28.58
N HIS A 156 13.04 22.48 29.49
CA HIS A 156 12.42 21.17 29.59
C HIS A 156 10.97 21.32 29.18
N PRO A 157 10.63 20.95 27.95
CA PRO A 157 9.22 20.97 27.53
C PRO A 157 8.52 19.64 27.78
N TYR A 158 7.27 19.72 28.22
CA TYR A 158 6.44 18.56 28.47
C TYR A 158 5.09 18.75 27.80
N ASN A 159 4.55 17.63 27.32
CA ASN A 159 3.27 17.58 26.62
C ASN A 159 2.26 17.05 27.64
N LEU A 160 1.46 17.95 28.20
CA LEU A 160 0.46 17.50 29.15
C LEU A 160 -0.89 17.34 28.48
N GLY A 161 -0.90 16.88 27.23
CA GLY A 161 -2.16 16.68 26.54
C GLY A 161 -2.85 17.98 26.20
N TRP A 162 -3.68 18.47 27.12
CA TRP A 162 -4.35 19.75 26.94
C TRP A 162 -3.43 20.92 27.23
N GLY A 163 -2.34 20.70 27.94
CA GLY A 163 -1.49 21.79 28.37
C GLY A 163 -0.07 21.69 27.84
N GLY A 164 0.60 22.82 27.76
CA GLY A 164 2.04 22.85 27.53
C GLY A 164 2.73 23.26 28.81
N LEU A 165 3.82 22.55 29.13
CA LEU A 165 4.59 22.82 30.33
C LEU A 165 6.04 23.04 29.92
N VAL A 166 6.63 24.15 30.37
CA VAL A 166 8.06 24.40 30.18
C VAL A 166 8.64 24.89 31.49
N THR A 167 9.80 24.33 31.86
CA THR A 167 10.64 24.84 32.93
C THR A 167 12.07 24.98 32.42
N ILE A 168 12.77 26.01 32.89
CA ILE A 168 14.12 26.31 32.43
C ILE A 168 15.05 26.01 33.59
N ILE A 169 16.01 25.11 33.35
CA ILE A 169 17.07 24.86 34.33
C ILE A 169 18.11 25.96 34.14
N SER A 170 18.24 26.79 35.10
CA SER A 170 19.25 27.81 34.86
C SER A 170 20.60 27.41 35.45
N PRO A 171 21.72 27.88 34.86
CA PRO A 171 23.03 27.37 35.30
C PRO A 171 23.28 27.47 36.80
N LYS A 172 22.92 28.57 37.47
CA LYS A 172 23.23 28.72 38.89
C LYS A 172 22.07 28.36 39.82
N GLY A 173 21.00 27.74 39.31
CA GLY A 173 19.84 27.43 40.11
C GLY A 173 19.65 25.93 40.33
N LEU A 174 18.52 25.60 40.97
CA LEU A 174 18.22 24.20 41.24
C LEU A 174 18.08 23.40 39.96
N SER A 175 18.47 22.14 40.06
CA SER A 175 18.28 21.14 39.03
C SER A 175 17.07 20.27 39.34
N LEU A 176 16.69 19.47 38.34
CA LEU A 176 15.57 18.54 38.47
C LEU A 176 15.83 17.50 39.54
N ASN A 177 17.11 17.30 39.92
CA ASN A 177 17.45 16.36 40.98
C ASN A 177 16.62 16.59 42.24
N SER A 178 16.30 17.85 42.53
CA SER A 178 15.57 18.24 43.72
C SER A 178 14.20 17.56 43.83
N ILE A 179 13.62 17.12 42.70
CA ILE A 179 12.34 16.41 42.69
C ILE A 179 12.51 14.90 42.58
N ALA A 180 13.73 14.42 42.41
CA ALA A 180 14.07 13.00 42.44
C ALA A 180 14.28 12.45 43.83
N LYS A 181 13.85 11.20 44.04
CA LYS A 181 14.17 10.47 45.26
C LYS A 181 15.34 9.56 44.93
N LYS A 182 16.34 9.57 45.80
CA LYS A 182 17.62 8.88 45.56
C LYS A 182 17.49 7.39 45.33
N GLY A 183 16.35 6.76 45.62
CA GLY A 183 16.30 5.33 45.37
C GLY A 183 15.61 4.86 44.10
N GLU A 184 14.84 5.69 43.42
CA GLU A 184 14.19 5.22 42.22
C GLU A 184 14.52 6.13 41.06
N LYS A 185 14.38 5.58 39.86
CA LYS A 185 14.70 6.36 38.68
C LYS A 185 13.61 7.42 38.49
N PHE A 186 14.00 8.47 37.81
CA PHE A 186 13.28 9.72 37.71
C PHE A 186 12.85 9.86 36.27
N ASN A 187 11.56 10.11 36.07
CA ASN A 187 11.05 10.31 34.73
C ASN A 187 10.04 11.46 34.76
N GLU A 188 9.33 11.59 33.65
CA GLU A 188 8.43 12.72 33.47
C GLU A 188 7.24 12.69 34.41
N LEU A 189 6.85 11.51 34.90
CA LEU A 189 5.73 11.46 35.84
C LEU A 189 6.05 12.20 37.14
N ASN A 190 7.32 12.23 37.55
CA ASN A 190 7.72 13.01 38.72
C ASN A 190 7.61 14.51 38.50
N VAL A 191 7.95 15.00 37.30
CA VAL A 191 7.81 16.43 37.02
C VAL A 191 6.35 16.84 37.04
N VAL A 192 5.50 16.03 36.39
CA VAL A 192 4.10 16.37 36.27
C VAL A 192 3.41 16.25 37.63
N GLU A 193 3.77 15.24 38.42
CA GLU A 193 3.22 15.14 39.78
C GLU A 193 3.67 16.32 40.63
N TYR A 194 4.91 16.79 40.41
CA TYR A 194 5.37 18.00 41.08
C TYR A 194 4.56 19.21 40.69
N VAL A 195 4.29 19.37 39.39
CA VAL A 195 3.56 20.54 38.92
C VAL A 195 2.12 20.56 39.45
N SER A 196 1.39 19.46 39.31
CA SER A 196 0.01 19.41 39.82
C SER A 196 -0.03 19.66 41.32
N SER A 197 0.88 19.04 42.07
CA SER A 197 0.92 19.26 43.51
C SER A 197 1.21 20.72 43.84
N TYR A 198 2.12 21.34 43.11
CA TYR A 198 2.41 22.76 43.29
C TYR A 198 1.19 23.60 43.05
N MET A 199 0.48 23.33 41.95
CA MET A 199 -0.71 24.09 41.61
C MET A 199 -1.79 23.97 42.69
N ARG A 200 -2.08 22.75 43.13
CA ARG A 200 -3.13 22.55 44.14
C ARG A 200 -2.73 23.20 45.47
N PHE A 201 -1.47 23.06 45.86
CA PHE A 201 -1.02 23.64 47.12
C PHE A 201 -1.22 25.15 47.15
N TRP A 202 -0.97 25.83 46.02
CA TRP A 202 -1.04 27.28 45.93
C TRP A 202 -2.40 27.81 45.48
N GLY A 203 -3.44 26.99 45.57
CA GLY A 203 -4.82 27.40 45.36
C GLY A 203 -5.33 27.46 43.95
N LYS A 204 -4.57 27.01 42.96
CA LYS A 204 -5.03 26.93 41.57
C LYS A 204 -4.91 25.52 40.99
N PRO A 205 -5.63 24.55 41.58
CA PRO A 205 -5.56 23.15 41.13
C PRO A 205 -5.96 22.94 39.68
N GLN A 206 -5.19 22.08 39.00
CA GLN A 206 -5.47 21.70 37.62
C GLN A 206 -6.11 20.31 37.68
N GLU A 207 -7.43 20.25 37.85
CA GLU A 207 -8.07 18.95 38.02
C GLU A 207 -7.94 18.09 36.75
N TRP A 208 -7.88 18.73 35.59
CA TRP A 208 -7.61 17.99 34.36
C TRP A 208 -6.28 17.27 34.43
N LEU A 209 -5.24 17.94 34.95
CA LEU A 209 -3.93 17.33 35.03
C LEU A 209 -3.93 16.21 36.06
N GLU A 210 -4.56 16.46 37.20
CA GLU A 210 -4.68 15.43 38.22
C GLU A 210 -5.46 14.24 37.70
N ASP A 211 -6.47 14.49 36.86
CA ASP A 211 -7.27 13.41 36.31
C ASP A 211 -6.45 12.49 35.42
N ILE A 212 -5.65 13.07 34.50
CA ILE A 212 -4.83 12.28 33.59
C ILE A 212 -3.67 11.62 34.31
N ILE A 213 -3.10 12.25 35.33
CA ILE A 213 -2.09 11.56 36.13
C ILE A 213 -2.71 10.32 36.75
N TYR A 214 -3.89 10.46 37.34
CA TYR A 214 -4.56 9.33 38.00
C TYR A 214 -4.88 8.22 37.01
N LYS A 215 -5.46 8.58 35.85
CA LYS A 215 -5.80 7.60 34.83
C LYS A 215 -4.57 6.82 34.39
N PHE A 216 -3.46 7.52 34.18
CA PHE A 216 -2.24 6.91 33.66
C PHE A 216 -1.63 5.93 34.67
N LYS A 217 -1.62 6.30 35.95
CA LYS A 217 -1.04 5.45 36.99
C LYS A 217 -1.80 4.15 37.13
N ASN A 218 -3.13 4.23 37.09
CA ASN A 218 -4.00 3.06 37.26
C ASN A 218 -4.20 2.26 35.98
N GLU A 219 -3.37 2.46 34.96
CA GLU A 219 -3.41 1.57 33.81
C GLU A 219 -2.78 0.23 34.15
N ARG A 220 -3.47 -0.86 33.79
CA ARG A 220 -2.93 -2.20 34.02
C ARG A 220 -1.61 -2.41 33.30
N GLU A 221 -1.62 -2.27 31.98
CA GLU A 221 -0.40 -2.43 31.22
C GLU A 221 0.46 -1.19 31.41
N LYS A 222 1.76 -1.38 31.35
CA LYS A 222 2.70 -0.27 31.44
C LYS A 222 3.04 0.22 30.04
N LEU A 223 2.58 1.42 29.73
CA LEU A 223 2.75 2.03 28.42
C LEU A 223 3.36 3.41 28.60
N SER A 224 3.79 3.99 27.47
CA SER A 224 4.29 5.36 27.48
C SER A 224 3.15 6.35 27.71
N PRO A 225 3.46 7.52 28.29
CA PRO A 225 2.41 8.53 28.56
C PRO A 225 1.71 8.98 27.30
N PRO A 226 0.39 9.20 27.38
CA PRO A 226 -0.33 9.79 26.25
C PRO A 226 0.05 11.25 26.04
N GLN A 227 -0.05 11.70 24.80
CA GLN A 227 0.21 13.09 24.44
C GLN A 227 -0.73 13.47 23.29
N LEU A 228 -1.04 14.78 23.18
CA LEU A 228 -1.99 15.27 22.18
C LEU A 228 -1.32 16.30 21.29
N SER A 229 -1.89 16.51 20.09
CA SER A 229 -1.34 17.56 19.24
C SER A 229 -1.48 18.93 19.88
N VAL A 230 -2.55 19.16 20.66
CA VAL A 230 -2.79 20.49 21.23
C VAL A 230 -1.62 20.88 22.14
N GLY A 231 -1.24 19.99 23.05
CA GLY A 231 -0.14 20.27 23.95
C GLY A 231 1.19 20.45 23.21
N SER A 232 1.41 19.65 22.16
CA SER A 232 2.63 19.83 21.36
C SER A 232 2.69 21.22 20.75
N TRP A 233 1.58 21.66 20.14
CA TRP A 233 1.55 22.96 19.50
C TRP A 233 1.68 24.10 20.50
N VAL A 234 1.01 24.00 21.64
CA VAL A 234 1.12 25.04 22.66
C VAL A 234 2.53 25.12 23.23
N VAL A 235 3.14 23.96 23.53
CA VAL A 235 4.46 23.97 24.14
C VAL A 235 5.52 24.48 23.17
N ALA A 236 5.31 24.24 21.86
CA ALA A 236 6.23 24.77 20.84
C ALA A 236 6.20 26.29 20.83
N GLY A 237 5.00 26.88 20.98
CA GLY A 237 4.91 28.33 21.04
C GLY A 237 5.60 28.89 22.27
N MET A 238 5.37 28.25 23.43
CA MET A 238 6.01 28.68 24.66
C MET A 238 7.52 28.67 24.53
N CYS A 239 8.08 27.57 23.99
CA CYS A 239 9.52 27.47 23.87
C CYS A 239 10.09 28.58 22.99
N THR A 240 9.42 28.87 21.86
CA THR A 240 9.91 29.91 20.98
C THR A 240 9.95 31.27 21.69
N HIS A 241 8.89 31.58 22.45
CA HIS A 241 8.91 32.79 23.25
C HIS A 241 10.06 32.77 24.27
N ILE A 242 10.22 31.65 24.98
CA ILE A 242 11.29 31.57 25.99
C ILE A 242 12.66 31.72 25.34
N LEU A 243 12.86 31.07 24.19
CA LEU A 243 14.10 31.24 23.46
C LEU A 243 14.33 32.70 23.09
N PHE A 244 13.29 33.38 22.59
CA PHE A 244 13.47 34.78 22.24
C PHE A 244 13.86 35.59 23.47
N ASN A 245 13.26 35.27 24.62
CA ASN A 245 13.58 36.00 25.83
C ASN A 245 15.01 35.73 26.29
N ILE A 246 15.46 34.48 26.23
CA ILE A 246 16.83 34.20 26.63
C ILE A 246 17.83 34.88 25.70
N ALA A 247 17.59 34.84 24.39
CA ALA A 247 18.57 35.40 23.45
C ALA A 247 18.67 36.91 23.59
N THR A 248 17.54 37.58 23.79
CA THR A 248 17.56 39.02 23.96
C THR A 248 17.72 39.42 25.42
N GLN A 249 17.99 38.45 26.30
CA GLN A 249 18.31 38.69 27.72
C GLN A 249 17.17 39.41 28.44
N ARG A 250 15.95 38.99 28.16
CA ARG A 250 14.76 39.38 28.91
C ARG A 250 14.53 38.39 30.06
N GLU A 251 13.85 38.87 31.10
CA GLU A 251 13.65 38.06 32.30
C GLU A 251 12.81 36.81 32.01
N ILE A 252 13.16 35.70 32.68
CA ILE A 252 12.40 34.45 32.65
C ILE A 252 12.40 33.79 34.03
N LYS A 253 11.41 32.91 34.25
CA LYS A 253 11.37 32.09 35.46
C LYS A 253 12.22 30.85 35.31
N SER A 254 13.03 30.59 36.33
CA SER A 254 13.84 29.38 36.37
C SER A 254 13.25 28.39 37.35
N PHE A 255 13.50 27.10 37.10
CA PHE A 255 13.14 26.04 38.03
C PHE A 255 13.68 26.36 39.43
N PRO A 256 12.88 26.11 40.49
CA PRO A 256 11.63 25.34 40.60
C PRO A 256 10.35 26.01 40.06
N GLU A 257 10.46 27.22 39.51
CA GLU A 257 9.33 27.82 38.82
C GLU A 257 9.23 27.32 37.38
N PHE A 258 8.02 27.47 36.82
CA PHE A 258 7.72 26.90 35.51
C PHE A 258 6.63 27.70 34.83
N TYR A 259 6.42 27.39 33.56
CA TYR A 259 5.36 27.97 32.75
C TYR A 259 4.37 26.87 32.35
N LEU A 260 3.10 27.07 32.65
CA LEU A 260 2.04 26.13 32.28
C LEU A 260 0.99 26.91 31.51
N SER A 261 0.65 26.41 30.32
CA SER A 261 -0.23 27.14 29.42
C SER A 261 -1.29 26.17 28.92
N SER A 262 -2.55 26.59 28.98
CA SER A 262 -3.65 25.73 28.61
C SER A 262 -4.83 26.59 28.20
N LEU A 263 -5.85 25.94 27.65
CA LEU A 263 -7.03 26.65 27.17
C LEU A 263 -7.62 27.57 28.24
N GLU A 264 -7.64 27.12 29.49
CA GLU A 264 -8.05 27.95 30.64
C GLU A 264 -6.87 28.74 31.20
N GLY A 265 -6.22 29.52 30.33
CA GLY A 265 -5.05 30.31 30.70
C GLY A 265 -4.02 30.48 29.59
N MET B 16 -9.92 4.01 17.27
CA MET B 16 -8.52 4.47 17.32
C MET B 16 -7.62 3.62 16.40
N LYS B 17 -6.98 4.28 15.43
CA LYS B 17 -5.90 3.65 14.68
C LYS B 17 -4.59 3.81 15.46
N HIS B 18 -3.59 3.00 15.11
CA HIS B 18 -2.27 3.09 15.75
C HIS B 18 -1.68 4.50 15.60
N ARG B 19 -2.14 5.25 14.60
CA ARG B 19 -1.79 6.67 14.45
C ARG B 19 -2.30 7.51 15.61
N TYR B 20 -3.49 7.18 16.13
CA TYR B 20 -4.04 7.91 17.28
C TYR B 20 -3.84 7.12 18.57
N SER B 21 -2.87 6.20 18.57
CA SER B 21 -2.60 5.37 19.74
C SER B 21 -2.32 6.21 20.98
N ARG B 22 -1.47 7.21 20.83
CA ARG B 22 -1.05 8.00 21.98
C ARG B 22 -2.13 9.01 22.40
N ASN B 23 -3.29 8.99 21.76
CA ASN B 23 -4.42 9.84 22.16
C ASN B 23 -5.19 9.25 23.34
N ARG B 24 -4.85 8.04 23.78
CA ARG B 24 -5.67 7.32 24.75
C ARG B 24 -5.68 8.04 26.10
N LEU B 25 -6.65 7.63 26.92
CA LEU B 25 -6.97 8.25 28.21
C LEU B 25 -7.55 9.64 28.05
N TYR B 26 -6.87 10.52 27.29
CA TYR B 26 -7.43 11.84 26.97
C TYR B 26 -8.70 11.72 26.16
N LEU B 27 -8.70 10.83 25.18
CA LEU B 27 -9.87 10.53 24.36
C LEU B 27 -10.15 9.05 24.48
N ASN B 28 -11.41 8.69 24.62
CA ASN B 28 -11.71 7.28 24.52
C ASN B 28 -12.02 6.90 23.07
N PRO B 29 -12.00 5.62 22.72
CA PRO B 29 -12.21 5.22 21.31
C PRO B 29 -13.49 5.77 20.70
N LYS B 30 -14.55 5.88 21.49
CA LYS B 30 -15.80 6.38 20.93
C LYS B 30 -15.70 7.88 20.59
N GLU B 31 -14.92 8.66 21.35
CA GLU B 31 -14.71 10.06 21.01
C GLU B 31 -13.86 10.23 19.75
N GLN B 32 -12.80 9.41 19.63
CA GLN B 32 -11.93 9.45 18.45
C GLN B 32 -12.71 9.17 17.18
N GLU B 33 -13.63 8.22 17.21
CA GLU B 33 -14.47 7.94 16.06
C GLU B 33 -15.38 9.13 15.71
N LEU B 34 -15.94 9.78 16.72
CA LEU B 34 -16.90 10.86 16.46
C LEU B 34 -16.25 12.02 15.71
N ILE B 35 -15.08 12.48 16.17
CA ILE B 35 -14.46 13.62 15.51
C ILE B 35 -13.88 13.26 14.15
N LYS B 36 -13.70 11.97 13.88
CA LYS B 36 -13.15 11.54 12.60
C LYS B 36 -13.96 12.09 11.43
N ASP B 37 -15.29 12.03 11.53
CA ASP B 37 -16.17 12.45 10.44
C ASP B 37 -16.87 13.77 10.70
N TYR B 38 -16.64 14.40 11.86
CA TYR B 38 -17.25 15.66 12.25
C TYR B 38 -16.91 16.74 11.23
N PRO B 39 -17.87 17.18 10.42
CA PRO B 39 -17.57 18.10 9.30
C PRO B 39 -17.23 19.49 9.80
N ILE B 40 -16.00 19.91 9.56
CA ILE B 40 -15.51 21.24 9.96
C ILE B 40 -15.39 22.11 8.73
N LEU B 41 -15.86 23.35 8.84
CA LEU B 41 -15.62 24.35 7.82
C LEU B 41 -14.56 25.32 8.31
N LEU B 42 -13.52 25.50 7.51
CA LEU B 42 -12.44 26.41 7.82
C LEU B 42 -12.43 27.47 6.72
N GLY B 43 -12.80 28.70 7.06
CA GLY B 43 -12.75 29.80 6.13
C GLY B 43 -11.46 30.59 6.28
N GLY B 44 -10.54 30.40 5.34
CA GLY B 44 -9.25 31.07 5.44
C GLY B 44 -8.14 30.12 5.81
N ALA B 45 -7.16 29.97 4.91
CA ALA B 45 -6.05 29.04 5.06
C ALA B 45 -4.75 29.72 5.47
N GLY B 46 -4.83 30.84 6.19
CA GLY B 46 -3.62 31.46 6.71
C GLY B 46 -3.27 30.92 8.07
N ILE B 47 -3.68 31.64 9.12
CA ILE B 47 -3.61 31.10 10.48
C ILE B 47 -4.33 29.76 10.56
N GLY B 48 -5.35 29.57 9.72
CA GLY B 48 -6.09 28.31 9.69
C GLY B 48 -5.29 27.14 9.19
N SER B 49 -4.19 27.40 8.47
CA SER B 49 -3.37 26.27 7.98
C SER B 49 -2.62 25.65 9.14
N ILE B 50 -2.24 26.46 10.13
CA ILE B 50 -1.66 25.90 11.35
C ILE B 50 -2.75 25.16 12.12
N ILE B 51 -3.94 25.75 12.22
CA ILE B 51 -5.06 25.10 12.90
C ILE B 51 -5.41 23.76 12.26
N ALA B 52 -5.40 23.72 10.91
CA ALA B 52 -5.79 22.51 10.20
C ALA B 52 -4.90 21.32 10.54
N GLU B 53 -3.57 21.52 10.58
CA GLU B 53 -2.66 20.41 10.87
C GLU B 53 -2.83 19.89 12.30
N CYS B 54 -2.89 20.81 13.27
CA CYS B 54 -3.04 20.38 14.66
C CYS B 54 -4.35 19.63 14.86
N ALA B 55 -5.41 20.10 14.23
CA ALA B 55 -6.69 19.40 14.37
C ALA B 55 -6.68 18.07 13.63
N LEU B 56 -6.02 18.00 12.47
CA LEU B 56 -5.95 16.74 11.73
C LEU B 56 -5.19 15.68 12.51
N ARG B 57 -4.04 16.04 13.05
CA ARG B 57 -3.27 15.07 13.82
C ARG B 57 -4.04 14.60 15.04
N PHE B 58 -4.84 15.50 15.63
CA PHE B 58 -5.72 15.15 16.74
C PHE B 58 -6.75 14.09 16.36
N GLY B 59 -7.24 14.10 15.13
CA GLY B 59 -8.18 13.08 14.71
C GLY B 59 -9.36 13.61 13.91
N PHE B 60 -9.42 14.92 13.75
CA PHE B 60 -10.44 15.56 12.92
C PHE B 60 -10.04 15.35 11.46
N GLU B 61 -10.71 14.45 10.76
CA GLU B 61 -10.29 14.08 9.42
C GLU B 61 -11.19 14.62 8.33
N ASN B 62 -12.20 15.42 8.67
CA ASN B 62 -13.18 15.94 7.70
C ASN B 62 -13.15 17.45 7.75
N ILE B 63 -12.35 18.04 6.88
CA ILE B 63 -12.09 19.48 6.89
C ILE B 63 -12.30 20.03 5.49
N THR B 64 -13.10 21.08 5.40
CA THR B 64 -13.26 21.86 4.18
C THR B 64 -12.49 23.16 4.34
N ILE B 65 -11.65 23.50 3.36
CA ILE B 65 -10.83 24.69 3.45
C ILE B 65 -11.14 25.59 2.25
N VAL B 66 -11.47 26.84 2.54
CA VAL B 66 -11.81 27.83 1.51
C VAL B 66 -10.89 29.04 1.68
N ASP B 67 -10.16 29.39 0.63
CA ASP B 67 -9.25 30.53 0.59
C ASP B 67 -8.93 30.80 -0.87
N GLY B 68 -8.85 32.08 -1.23
CA GLY B 68 -8.56 32.44 -2.61
C GLY B 68 -7.18 33.03 -2.85
N ASP B 69 -6.40 33.17 -1.79
CA ASP B 69 -5.08 33.78 -1.89
C ASP B 69 -4.04 32.76 -2.33
N HIS B 70 -2.92 33.28 -2.81
CA HIS B 70 -1.74 32.49 -3.12
C HIS B 70 -0.72 32.67 -2.00
N VAL B 71 0.23 31.72 -1.94
CA VAL B 71 1.26 31.76 -0.91
C VAL B 71 2.29 32.81 -1.27
N GLU B 72 2.60 33.68 -0.33
CA GLU B 72 3.62 34.71 -0.45
C GLU B 72 4.75 34.44 0.53
N ASN B 73 5.90 35.06 0.26
CA ASN B 73 7.06 34.90 1.13
C ASN B 73 6.75 35.29 2.58
N SER B 74 6.02 36.38 2.78
CA SER B 74 5.78 36.82 4.15
C SER B 74 4.95 35.83 4.98
N ASN B 75 4.34 34.82 4.35
CA ASN B 75 3.58 33.84 5.12
C ASN B 75 4.45 32.89 5.92
N LEU B 76 5.72 32.68 5.52
CA LEU B 76 6.50 31.58 6.09
C LEU B 76 6.89 31.81 7.54
N ASN B 77 6.69 33.00 8.08
CA ASN B 77 7.03 33.26 9.46
C ASN B 77 5.96 32.78 10.45
N ARG B 78 4.80 32.30 9.96
CA ARG B 78 3.69 31.94 10.85
C ARG B 78 2.62 31.02 10.24
N GLN B 79 2.76 30.66 8.98
CA GLN B 79 1.77 29.84 8.29
C GLN B 79 2.37 28.54 7.77
N ASN B 80 1.49 27.59 7.48
CA ASN B 80 1.89 26.20 7.25
C ASN B 80 2.26 25.97 5.79
N TYR B 81 3.25 26.72 5.32
CA TYR B 81 3.68 26.58 3.94
C TYR B 81 5.20 26.57 3.86
N THR B 82 5.69 26.09 2.72
CA THR B 82 7.12 25.95 2.47
C THR B 82 7.54 26.81 1.28
N GLU B 83 8.86 26.91 1.09
CA GLU B 83 9.39 27.67 -0.03
C GLU B 83 8.89 27.13 -1.37
N GLY B 84 8.70 25.81 -1.47
CA GLY B 84 8.18 25.26 -2.71
C GLY B 84 6.73 25.60 -2.98
N ASP B 85 5.96 25.92 -1.93
CA ASP B 85 4.55 26.28 -2.08
C ASP B 85 4.34 27.70 -2.60
N VAL B 86 5.38 28.55 -2.58
CA VAL B 86 5.20 29.96 -2.91
C VAL B 86 4.73 30.09 -4.35
N SER B 87 3.70 30.91 -4.56
CA SER B 87 2.97 31.22 -5.81
C SER B 87 1.87 30.20 -6.12
N VAL B 88 1.64 29.22 -5.28
CA VAL B 88 0.55 28.27 -5.46
C VAL B 88 -0.60 28.74 -4.59
N ASN B 89 -1.82 28.40 -5.00
CA ASN B 89 -2.99 28.63 -4.17
C ASN B 89 -2.76 28.06 -2.79
N LYS B 90 -3.00 28.87 -1.74
CA LYS B 90 -2.83 28.37 -0.38
C LYS B 90 -3.58 27.05 -0.19
N VAL B 91 -4.77 26.93 -0.79
CA VAL B 91 -5.60 25.75 -0.57
C VAL B 91 -4.93 24.52 -1.18
N GLU B 92 -4.26 24.68 -2.32
CA GLU B 92 -3.55 23.56 -2.93
C GLU B 92 -2.39 23.11 -2.06
N ALA B 93 -1.65 24.05 -1.48
CA ALA B 93 -0.51 23.71 -0.65
C ALA B 93 -0.93 23.03 0.64
N ILE B 94 -1.95 23.57 1.30
CA ILE B 94 -2.34 23.00 2.59
C ILE B 94 -2.98 21.63 2.40
N LYS B 95 -3.66 21.37 1.27
CA LYS B 95 -4.19 20.03 1.06
C LYS B 95 -3.07 19.02 0.84
N ALA B 96 -2.02 19.41 0.11
CA ALA B 96 -0.86 18.54 -0.03
C ALA B 96 -0.22 18.23 1.31
N ARG B 97 0.03 19.27 2.10
CA ARG B 97 0.63 19.07 3.42
C ARG B 97 -0.22 18.14 4.28
N LEU B 98 -1.53 18.42 4.37
CA LEU B 98 -2.40 17.62 5.22
C LEU B 98 -2.53 16.19 4.72
N LYS B 99 -2.67 16.00 3.40
CA LYS B 99 -2.88 14.67 2.88
C LYS B 99 -1.62 13.82 2.92
N SER B 100 -0.44 14.45 3.00
CA SER B 100 0.78 13.69 3.24
C SER B 100 0.90 13.23 4.69
N ILE B 101 0.21 13.92 5.62
CA ILE B 101 0.10 13.49 7.01
C ILE B 101 -0.90 12.34 7.16
N ASN B 102 -2.03 12.41 6.47
CA ASN B 102 -3.09 11.39 6.56
C ASN B 102 -3.69 11.21 5.17
N SER B 103 -3.31 10.13 4.49
CA SER B 103 -3.80 9.88 3.13
C SER B 103 -5.30 9.59 3.08
N LYS B 104 -5.85 8.94 4.11
CA LYS B 104 -7.27 8.64 4.15
C LYS B 104 -8.12 9.79 4.68
N ALA B 105 -7.54 10.97 4.90
CA ALA B 105 -8.33 12.10 5.40
C ALA B 105 -9.18 12.69 4.29
N ASN B 106 -10.30 13.28 4.70
CA ASN B 106 -11.28 13.84 3.77
C ASN B 106 -11.09 15.35 3.73
N ILE B 107 -10.16 15.79 2.88
CA ILE B 107 -9.77 17.19 2.79
C ILE B 107 -10.29 17.77 1.48
N LYS B 108 -11.35 18.58 1.57
CA LYS B 108 -11.99 19.21 0.42
C LYS B 108 -11.66 20.70 0.40
N ILE B 109 -11.11 21.18 -0.72
CA ILE B 109 -10.65 22.55 -0.83
C ILE B 109 -11.46 23.28 -1.89
N HIS B 110 -11.46 24.61 -1.80
CA HIS B 110 -12.15 25.48 -2.76
C HIS B 110 -11.33 26.75 -2.95
N ASN B 111 -10.76 26.93 -4.16
CA ASN B 111 -9.93 28.10 -4.49
C ASN B 111 -10.79 29.27 -4.97
N CYS B 112 -11.47 29.89 -4.02
CA CYS B 112 -12.34 31.01 -4.33
C CYS B 112 -12.49 31.86 -3.08
N PHE B 113 -12.69 33.15 -3.28
CA PHE B 113 -13.02 34.04 -2.18
C PHE B 113 -14.51 33.94 -1.88
N LEU B 114 -14.85 34.09 -0.62
CA LEU B 114 -16.26 34.04 -0.24
C LEU B 114 -16.93 35.39 -0.46
N THR B 115 -18.12 35.36 -1.04
CA THR B 115 -18.91 36.55 -1.33
C THR B 115 -20.29 36.37 -0.73
N SER B 116 -21.07 37.45 -0.78
CA SER B 116 -22.44 37.41 -0.28
C SER B 116 -23.27 36.33 -0.97
N ASP B 117 -22.95 36.02 -2.23
CA ASP B 117 -23.79 35.08 -2.98
C ASP B 117 -23.42 33.62 -2.73
N ASN B 118 -22.16 33.31 -2.49
CA ASN B 118 -21.75 31.91 -2.41
C ASN B 118 -21.57 31.41 -0.98
N VAL B 119 -21.57 32.30 0.01
CA VAL B 119 -21.12 31.93 1.34
C VAL B 119 -22.08 30.98 2.02
N GLU B 120 -23.37 31.07 1.73
CA GLU B 120 -24.31 30.19 2.41
C GLU B 120 -24.13 28.74 1.98
N GLU B 121 -23.95 28.51 0.68
CA GLU B 121 -23.86 27.14 0.19
C GLU B 121 -22.56 26.48 0.65
N TYR B 122 -21.48 27.24 0.86
CA TYR B 122 -20.29 26.65 1.43
C TYR B 122 -20.55 26.22 2.87
N ILE B 123 -21.24 27.06 3.63
CA ILE B 123 -21.51 26.77 5.03
C ILE B 123 -22.38 25.52 5.18
N LYS B 124 -23.41 25.39 4.34
CA LYS B 124 -24.36 24.27 4.46
C LYS B 124 -23.62 22.93 4.50
N GLY B 125 -24.00 22.08 5.45
CA GLY B 125 -23.46 20.75 5.58
C GLY B 125 -22.38 20.55 6.63
N HIS B 126 -21.96 21.60 7.33
CA HIS B 126 -20.94 21.51 8.35
C HIS B 126 -21.56 21.66 9.74
N LYS B 127 -20.92 21.03 10.73
CA LYS B 127 -21.37 21.09 12.12
C LYS B 127 -20.70 22.21 12.90
N VAL B 128 -19.55 22.68 12.45
CA VAL B 128 -18.81 23.74 13.13
C VAL B 128 -17.97 24.44 12.07
N ALA B 129 -17.67 25.73 12.28
CA ALA B 129 -16.91 26.50 11.32
C ALA B 129 -15.83 27.31 12.03
N ILE B 130 -14.75 27.58 11.30
CA ILE B 130 -13.67 28.42 11.79
C ILE B 130 -13.60 29.61 10.86
N ASN B 131 -13.94 30.79 11.36
CA ASN B 131 -13.93 32.02 10.58
C ASN B 131 -12.56 32.66 10.74
N ALA B 132 -11.71 32.45 9.76
CA ALA B 132 -10.40 33.07 9.72
C ALA B 132 -10.31 33.97 8.51
N LEU B 133 -11.38 34.74 8.27
CA LEU B 133 -11.45 35.53 7.06
C LEU B 133 -10.92 36.91 7.39
N ASP B 134 -10.05 37.41 6.52
CA ASP B 134 -9.58 38.79 6.61
C ASP B 134 -10.77 39.74 6.64
N PHE B 135 -10.69 40.73 7.50
CA PHE B 135 -11.75 41.73 7.61
C PHE B 135 -11.73 42.72 6.47
N SER B 136 -10.83 42.54 5.51
CA SER B 136 -10.81 43.40 4.35
C SER B 136 -11.73 42.86 3.26
N SER B 137 -12.13 41.59 3.36
CA SER B 137 -13.18 41.05 2.52
C SER B 137 -14.53 41.63 2.97
N GLU B 138 -15.58 41.27 2.23
CA GLU B 138 -16.92 41.80 2.49
C GLU B 138 -17.76 40.96 3.45
N VAL B 139 -17.44 39.69 3.67
CA VAL B 139 -18.36 38.78 4.35
C VAL B 139 -18.00 38.30 5.75
N PRO B 140 -17.08 38.94 6.50
CA PRO B 140 -16.74 38.35 7.81
C PRO B 140 -17.92 38.24 8.76
N LEU B 141 -18.72 39.30 8.90
CA LEU B 141 -19.85 39.24 9.83
C LEU B 141 -21.04 38.48 9.25
N LEU B 142 -21.27 38.60 7.95
CA LEU B 142 -22.38 37.85 7.35
C LEU B 142 -22.15 36.35 7.49
N PHE B 143 -20.90 35.91 7.33
CA PHE B 143 -20.51 34.51 7.55
C PHE B 143 -21.04 33.98 8.89
N ASP B 144 -20.85 34.76 9.95
CA ASP B 144 -21.30 34.35 11.28
C ASP B 144 -22.82 34.27 11.36
N GLU B 145 -23.52 35.24 10.76
CA GLU B 145 -24.99 35.29 10.82
C GLU B 145 -25.64 34.04 10.26
N ILE B 146 -25.15 33.56 9.12
CA ILE B 146 -25.72 32.36 8.50
C ILE B 146 -25.50 31.16 9.40
N CYS B 147 -24.31 31.07 10.00
CA CYS B 147 -23.98 29.96 10.89
C CYS B 147 -24.91 29.93 12.08
N GLN B 148 -25.14 31.09 12.70
CA GLN B 148 -26.10 31.14 13.79
C GLN B 148 -27.47 30.63 13.34
N LYS B 149 -27.95 31.09 12.18
CA LYS B 149 -29.22 30.62 11.65
C LYS B 149 -29.24 29.08 11.51
N MET B 150 -28.09 28.47 11.25
CA MET B 150 -27.99 27.03 11.02
C MET B 150 -27.49 26.23 12.22
N ASP B 151 -27.37 26.84 13.40
CA ASP B 151 -26.85 26.16 14.60
C ASP B 151 -25.44 25.65 14.40
N ILE B 152 -24.62 26.43 13.70
CA ILE B 152 -23.21 26.11 13.50
C ILE B 152 -22.40 27.10 14.32
N PRO B 153 -21.78 26.67 15.42
CA PRO B 153 -20.91 27.58 16.17
C PRO B 153 -19.69 27.95 15.35
N VAL B 154 -19.20 29.18 15.56
CA VAL B 154 -18.11 29.74 14.78
C VAL B 154 -16.96 30.08 15.72
N LEU B 155 -15.78 29.51 15.47
CA LEU B 155 -14.57 29.88 16.18
C LEU B 155 -13.91 31.04 15.44
N HIS B 156 -13.54 32.09 16.18
CA HIS B 156 -12.76 33.20 15.66
C HIS B 156 -11.39 33.17 16.29
N PRO B 157 -10.37 32.64 15.60
CA PRO B 157 -9.01 32.65 16.15
C PRO B 157 -8.22 33.87 15.71
N TYR B 158 -7.42 34.41 16.63
CA TYR B 158 -6.60 35.57 16.33
C TYR B 158 -5.16 35.36 16.81
N ASN B 159 -4.24 35.93 16.04
CA ASN B 159 -2.80 35.85 16.32
C ASN B 159 -2.39 37.17 16.97
N LEU B 160 -2.24 37.15 18.28
CA LEU B 160 -1.83 38.32 19.05
C LEU B 160 -0.33 38.32 19.34
N GLY B 161 0.47 37.86 18.38
CA GLY B 161 1.91 37.83 18.53
C GLY B 161 2.37 36.80 19.55
N TRP B 162 2.51 37.23 20.82
CA TRP B 162 2.87 36.33 21.92
C TRP B 162 1.68 35.51 22.41
N GLY B 163 0.47 35.90 22.04
CA GLY B 163 -0.72 35.26 22.53
C GLY B 163 -1.58 34.62 21.46
N GLY B 164 -2.36 33.62 21.84
CA GLY B 164 -3.44 33.09 21.03
C GLY B 164 -4.77 33.52 21.61
N LEU B 165 -5.66 33.97 20.74
CA LEU B 165 -6.97 34.42 21.16
C LEU B 165 -8.00 33.68 20.34
N VAL B 166 -8.98 33.06 21.02
CA VAL B 166 -10.12 32.43 20.36
C VAL B 166 -11.38 32.87 21.08
N THR B 167 -12.39 33.25 20.29
CA THR B 167 -13.74 33.46 20.78
C THR B 167 -14.69 32.65 19.93
N ILE B 168 -15.73 32.10 20.56
CA ILE B 168 -16.70 31.25 19.87
C ILE B 168 -18.04 31.98 19.85
N ILE B 169 -18.57 32.20 18.65
CA ILE B 169 -19.91 32.74 18.46
C ILE B 169 -20.92 31.60 18.58
N SER B 170 -21.78 31.63 19.66
CA SER B 170 -22.69 30.49 19.62
C SER B 170 -23.99 30.84 18.91
N PRO B 171 -24.66 29.85 18.29
CA PRO B 171 -25.85 30.17 17.48
C PRO B 171 -26.89 31.05 18.18
N LYS B 172 -27.21 30.83 19.46
CA LYS B 172 -28.25 31.63 20.11
C LYS B 172 -27.69 32.77 20.95
N GLY B 173 -26.39 33.09 20.79
CA GLY B 173 -25.73 34.08 21.60
C GLY B 173 -25.35 35.33 20.82
N LEU B 174 -24.61 36.20 21.49
CA LEU B 174 -24.13 37.43 20.85
C LEU B 174 -23.19 37.15 19.69
N SER B 175 -23.29 37.98 18.67
CA SER B 175 -22.40 37.99 17.52
C SER B 175 -21.38 39.09 17.68
N LEU B 176 -20.37 39.05 16.79
CA LEU B 176 -19.36 40.10 16.79
C LEU B 176 -19.97 41.47 16.52
N ASN B 177 -21.20 41.52 15.97
CA ASN B 177 -21.86 42.80 15.76
C ASN B 177 -21.87 43.65 17.02
N SER B 178 -21.99 43.01 18.20
CA SER B 178 -22.15 43.77 19.43
C SER B 178 -21.02 44.76 19.66
N ILE B 179 -19.83 44.50 19.12
CA ILE B 179 -18.69 45.41 19.24
C ILE B 179 -18.44 46.22 17.99
N ALA B 180 -19.16 45.95 16.90
CA ALA B 180 -19.08 46.80 15.71
C ALA B 180 -19.91 48.06 15.93
N LYS B 181 -19.44 49.19 15.41
CA LYS B 181 -20.17 50.44 15.56
C LYS B 181 -20.99 50.71 14.31
N LYS B 182 -22.27 51.06 14.49
CA LYS B 182 -23.17 51.30 13.36
C LYS B 182 -22.61 52.49 12.58
N GLY B 183 -22.01 52.28 11.42
CA GLY B 183 -21.59 53.42 10.63
C GLY B 183 -20.10 53.52 10.40
N GLU B 184 -19.28 52.78 11.14
CA GLU B 184 -17.83 52.81 11.00
C GLU B 184 -17.36 51.39 10.72
N LYS B 185 -16.24 51.27 10.02
CA LYS B 185 -15.85 49.95 9.55
C LYS B 185 -15.29 49.09 10.68
N PHE B 186 -15.42 47.79 10.49
CA PHE B 186 -15.13 46.84 11.56
C PHE B 186 -13.99 45.99 11.05
N ASN B 187 -12.94 45.87 11.85
CA ASN B 187 -11.85 44.99 11.49
C ASN B 187 -11.38 44.25 12.73
N GLU B 188 -10.25 43.55 12.61
CA GLU B 188 -9.77 42.73 13.73
C GLU B 188 -9.29 43.58 14.89
N LEU B 189 -8.84 44.81 14.61
CA LEU B 189 -8.40 45.69 15.68
C LEU B 189 -9.52 46.00 16.66
N ASN B 190 -10.77 46.04 16.20
CA ASN B 190 -11.86 46.22 17.14
C ASN B 190 -11.99 45.03 18.09
N VAL B 191 -11.83 43.81 17.57
CA VAL B 191 -11.90 42.63 18.43
C VAL B 191 -10.76 42.66 19.44
N VAL B 192 -9.55 42.99 18.97
CA VAL B 192 -8.39 42.92 19.84
C VAL B 192 -8.45 44.03 20.90
N GLU B 193 -8.93 45.22 20.52
CA GLU B 193 -9.15 46.30 21.48
C GLU B 193 -10.23 45.98 22.50
N TYR B 194 -11.27 45.23 22.10
CA TYR B 194 -12.24 44.77 23.08
C TYR B 194 -11.58 43.83 24.08
N VAL B 195 -10.73 42.93 23.61
CA VAL B 195 -10.11 41.97 24.52
C VAL B 195 -9.24 42.70 25.54
N SER B 196 -8.37 43.61 25.08
CA SER B 196 -7.52 44.34 26.01
C SER B 196 -8.34 45.14 27.02
N SER B 197 -9.36 45.85 26.54
CA SER B 197 -10.22 46.62 27.44
C SER B 197 -10.94 45.70 28.44
N TYR B 198 -11.39 44.54 27.96
CA TYR B 198 -12.07 43.59 28.83
C TYR B 198 -11.12 43.07 29.89
N MET B 199 -9.91 42.67 29.47
CA MET B 199 -8.90 42.21 30.43
C MET B 199 -8.60 43.28 31.47
N ARG B 200 -8.42 44.53 31.04
CA ARG B 200 -8.12 45.59 32.00
C ARG B 200 -9.30 45.84 32.93
N PHE B 201 -10.53 45.76 32.40
CA PHE B 201 -11.73 45.95 33.23
C PHE B 201 -11.74 44.99 34.40
N TRP B 202 -11.26 43.76 34.18
CA TRP B 202 -11.24 42.71 35.19
C TRP B 202 -9.93 42.66 35.99
N GLY B 203 -9.13 43.72 35.96
CA GLY B 203 -7.95 43.72 36.79
C GLY B 203 -6.81 42.89 36.27
N LYS B 204 -6.90 42.41 35.02
CA LYS B 204 -5.86 41.61 34.39
C LYS B 204 -5.35 42.34 33.15
N PRO B 205 -4.86 43.57 33.29
CA PRO B 205 -4.40 44.27 32.10
C PRO B 205 -3.30 43.47 31.43
N GLN B 206 -3.38 43.36 30.09
CA GLN B 206 -2.33 42.74 29.30
C GLN B 206 -1.52 43.86 28.67
N GLU B 207 -0.53 44.35 29.40
CA GLU B 207 0.22 45.51 28.91
C GLU B 207 1.03 45.15 27.68
N TRP B 208 1.50 43.91 27.56
CA TRP B 208 2.17 43.53 26.31
C TRP B 208 1.21 43.72 25.14
N LEU B 209 -0.05 43.32 25.32
CA LEU B 209 -1.03 43.44 24.26
C LEU B 209 -1.34 44.90 23.97
N GLU B 210 -1.51 45.70 25.03
CA GLU B 210 -1.77 47.13 24.88
C GLU B 210 -0.62 47.84 24.17
N ASP B 211 0.61 47.36 24.39
CA ASP B 211 1.79 47.96 23.80
C ASP B 211 1.80 47.78 22.29
N ILE B 212 1.51 46.56 21.79
CA ILE B 212 1.55 46.33 20.36
C ILE B 212 0.42 47.06 19.64
N ILE B 213 -0.75 47.19 20.28
CA ILE B 213 -1.85 47.99 19.73
C ILE B 213 -1.42 49.44 19.56
N TYR B 214 -0.79 50.01 20.59
CA TYR B 214 -0.33 51.39 20.48
C TYR B 214 0.68 51.55 19.35
N LYS B 215 1.69 50.68 19.33
CA LYS B 215 2.70 50.74 18.28
C LYS B 215 2.07 50.61 16.90
N PHE B 216 1.12 49.69 16.76
CA PHE B 216 0.49 49.45 15.46
C PHE B 216 -0.37 50.63 15.02
N LYS B 217 -1.17 51.20 15.94
CA LYS B 217 -2.04 52.32 15.58
C LYS B 217 -1.26 53.56 15.20
N ASN B 218 -0.19 53.89 15.95
CA ASN B 218 0.67 55.03 15.70
C ASN B 218 1.73 54.75 14.65
N GLU B 219 1.56 53.70 13.86
CA GLU B 219 2.44 53.48 12.73
C GLU B 219 2.20 54.57 11.71
N ARG B 220 3.28 55.17 11.20
CA ARG B 220 3.13 56.20 10.18
C ARG B 220 2.42 55.63 8.97
N GLU B 221 3.01 54.59 8.39
CA GLU B 221 2.45 53.88 7.25
C GLU B 221 1.30 52.98 7.68
N LYS B 222 0.37 52.76 6.75
CA LYS B 222 -0.76 51.85 6.95
C LYS B 222 -0.36 50.49 6.40
N LEU B 223 -0.17 49.51 7.30
CA LEU B 223 0.32 48.16 6.97
C LEU B 223 -0.59 47.12 7.57
N SER B 224 -0.36 45.86 7.17
CA SER B 224 -1.04 44.71 7.77
C SER B 224 -0.54 44.46 9.21
N PRO B 225 -1.39 43.92 10.08
CA PRO B 225 -0.97 43.67 11.45
C PRO B 225 0.16 42.67 11.52
N PRO B 226 1.11 42.87 12.43
CA PRO B 226 2.14 41.87 12.62
C PRO B 226 1.56 40.63 13.27
N GLN B 227 2.16 39.49 12.98
CA GLN B 227 1.77 38.23 13.61
C GLN B 227 3.03 37.41 13.77
N LEU B 228 3.04 36.56 14.79
CA LEU B 228 4.24 35.81 15.12
C LEU B 228 3.93 34.32 15.05
N SER B 229 4.97 33.50 14.84
CA SER B 229 4.74 32.05 14.87
C SER B 229 4.25 31.58 16.24
N VAL B 230 4.64 32.28 17.31
CA VAL B 230 4.25 31.89 18.66
C VAL B 230 2.73 31.84 18.81
N GLY B 231 2.05 32.92 18.44
CA GLY B 231 0.60 32.98 18.57
C GLY B 231 -0.10 31.98 17.67
N SER B 232 0.42 31.80 16.44
CA SER B 232 -0.15 30.83 15.51
C SER B 232 -0.12 29.42 16.08
N TRP B 233 1.03 29.01 16.61
CA TRP B 233 1.10 27.66 17.17
C TRP B 233 0.20 27.52 18.39
N VAL B 234 0.16 28.55 19.24
CA VAL B 234 -0.70 28.52 20.42
C VAL B 234 -2.16 28.50 20.03
N VAL B 235 -2.56 29.35 19.08
CA VAL B 235 -3.98 29.40 18.77
C VAL B 235 -4.42 28.10 18.10
N ALA B 236 -3.52 27.45 17.36
CA ALA B 236 -3.85 26.16 16.76
C ALA B 236 -4.17 25.13 17.82
N GLY B 237 -3.40 25.10 18.91
CA GLY B 237 -3.72 24.19 19.99
C GLY B 237 -5.04 24.52 20.64
N MET B 238 -5.29 25.80 20.89
CA MET B 238 -6.55 26.22 21.50
C MET B 238 -7.72 25.78 20.64
N CYS B 239 -7.63 26.02 19.33
CA CYS B 239 -8.75 25.67 18.46
C CYS B 239 -9.01 24.17 18.49
N THR B 240 -7.96 23.35 18.50
CA THR B 240 -8.17 21.91 18.52
C THR B 240 -8.90 21.46 19.79
N HIS B 241 -8.52 22.02 20.95
CA HIS B 241 -9.22 21.72 22.20
C HIS B 241 -10.68 22.16 22.12
N ILE B 242 -10.92 23.38 21.63
CA ILE B 242 -12.29 23.89 21.51
C ILE B 242 -13.11 23.04 20.55
N LEU B 243 -12.52 22.67 19.40
CA LEU B 243 -13.22 21.79 18.48
C LEU B 243 -13.57 20.46 19.13
N PHE B 244 -12.63 19.87 19.87
CA PHE B 244 -12.92 18.63 20.57
C PHE B 244 -14.05 18.79 21.58
N ASN B 245 -14.07 19.92 22.30
CA ASN B 245 -15.13 20.14 23.28
C ASN B 245 -16.50 20.32 22.62
N ILE B 246 -16.55 21.05 21.50
CA ILE B 246 -17.81 21.25 20.80
C ILE B 246 -18.37 19.93 20.27
N ALA B 247 -17.52 19.10 19.69
CA ALA B 247 -17.99 17.85 19.12
C ALA B 247 -18.48 16.90 20.20
N THR B 248 -17.80 16.87 21.33
CA THR B 248 -18.12 15.97 22.42
C THR B 248 -19.11 16.57 23.41
N GLN B 249 -19.69 17.72 23.09
CA GLN B 249 -20.74 18.31 23.92
C GLN B 249 -20.22 18.60 25.33
N ARG B 250 -18.97 19.06 25.43
CA ARG B 250 -18.42 19.58 26.67
C ARG B 250 -18.65 21.07 26.70
N GLU B 251 -18.77 21.64 27.90
CA GLU B 251 -19.13 23.06 28.04
C GLU B 251 -18.02 23.93 27.44
N ILE B 252 -18.44 25.08 26.87
CA ILE B 252 -17.51 26.07 26.33
C ILE B 252 -17.90 27.49 26.72
N LYS B 253 -16.92 28.41 26.66
CA LYS B 253 -17.20 29.83 26.81
C LYS B 253 -17.63 30.43 25.48
N SER B 254 -18.73 31.18 25.49
CA SER B 254 -19.20 31.87 24.29
C SER B 254 -18.93 33.37 24.38
N PHE B 255 -18.79 34.00 23.21
CA PHE B 255 -18.73 35.45 23.16
C PHE B 255 -19.95 36.04 23.85
N PRO B 256 -19.80 37.10 24.66
CA PRO B 256 -18.67 38.01 24.82
C PRO B 256 -17.46 37.50 25.60
N GLU B 257 -17.51 36.29 26.13
CA GLU B 257 -16.33 35.71 26.76
C GLU B 257 -15.44 35.02 25.71
N PHE B 258 -14.18 34.83 26.08
CA PHE B 258 -13.17 34.37 25.13
C PHE B 258 -12.04 33.63 25.85
N TYR B 259 -11.16 33.04 25.05
CA TYR B 259 -9.96 32.34 25.53
C TYR B 259 -8.71 33.07 25.07
N LEU B 260 -7.87 33.42 26.04
CA LEU B 260 -6.59 34.08 25.81
C LEU B 260 -5.48 33.27 26.47
N SER B 261 -4.46 32.90 25.70
CA SER B 261 -3.37 32.04 26.13
C SER B 261 -2.04 32.66 25.73
N SER B 262 -1.12 32.77 26.68
CA SER B 262 0.20 33.34 26.41
C SER B 262 1.16 32.79 27.44
N LEU B 263 2.47 32.94 27.18
CA LEU B 263 3.45 32.48 28.15
C LEU B 263 3.24 33.16 29.50
N GLU B 264 3.01 34.48 29.48
CA GLU B 264 2.74 35.34 30.64
C GLU B 264 1.49 34.94 31.43
N GLY B 265 0.68 34.01 30.92
CA GLY B 265 -0.54 33.62 31.60
C GLY B 265 -0.59 32.11 31.82
N LYS C 17 9.55 -37.14 -3.92
CA LYS C 17 10.65 -36.21 -3.67
C LYS C 17 11.16 -36.43 -2.24
N HIS C 18 12.38 -35.99 -1.92
CA HIS C 18 12.87 -36.14 -0.55
C HIS C 18 11.96 -35.46 0.47
N ARG C 19 11.11 -34.52 0.02
CA ARG C 19 10.16 -33.84 0.88
C ARG C 19 9.14 -34.77 1.55
N TYR C 20 8.72 -35.83 0.87
CA TYR C 20 7.75 -36.76 1.44
C TYR C 20 8.40 -38.02 2.00
N SER C 21 9.70 -37.93 2.31
CA SER C 21 10.44 -39.09 2.80
C SER C 21 9.78 -39.72 4.03
N ARG C 22 9.43 -38.89 5.02
CA ARG C 22 8.85 -39.42 6.25
C ARG C 22 7.37 -39.78 6.11
N ASN C 23 6.80 -39.67 4.91
CA ASN C 23 5.44 -40.11 4.67
C ASN C 23 5.33 -41.62 4.45
N ARG C 24 6.47 -42.34 4.36
CA ARG C 24 6.42 -43.73 3.96
C ARG C 24 5.68 -44.58 5.01
N LEU C 25 5.33 -45.80 4.60
CA LEU C 25 4.53 -46.73 5.39
C LEU C 25 3.09 -46.24 5.57
N TYR C 26 2.90 -44.99 6.02
CA TYR C 26 1.56 -44.41 6.09
C TYR C 26 0.92 -44.29 4.70
N LEU C 27 1.69 -43.82 3.71
CA LEU C 27 1.27 -43.68 2.32
C LEU C 27 2.22 -44.47 1.42
N ASN C 28 1.68 -45.16 0.41
CA ASN C 28 2.55 -45.76 -0.60
C ASN C 28 2.87 -44.75 -1.71
N PRO C 29 3.88 -45.04 -2.52
CA PRO C 29 4.25 -44.11 -3.61
C PRO C 29 3.12 -43.74 -4.57
N LYS C 30 2.22 -44.70 -4.87
CA LYS C 30 1.16 -44.44 -5.83
C LYS C 30 0.12 -43.48 -5.23
N GLU C 31 -0.10 -43.56 -3.92
CA GLU C 31 -1.02 -42.64 -3.27
C GLU C 31 -0.45 -41.22 -3.22
N GLN C 32 0.85 -41.10 -2.93
CA GLN C 32 1.50 -39.79 -2.96
C GLN C 32 1.33 -39.15 -4.33
N GLU C 33 1.44 -39.96 -5.38
CA GLU C 33 1.22 -39.49 -6.74
C GLU C 33 -0.21 -39.01 -6.95
N LEU C 34 -1.19 -39.76 -6.45
CA LEU C 34 -2.59 -39.41 -6.67
C LEU C 34 -2.98 -38.08 -6.03
N ILE C 35 -2.61 -37.86 -4.77
CA ILE C 35 -3.03 -36.63 -4.11
C ILE C 35 -2.25 -35.42 -4.63
N LYS C 36 -1.12 -35.65 -5.29
CA LYS C 36 -0.30 -34.55 -5.80
C LYS C 36 -1.14 -33.63 -6.70
N ASP C 37 -1.94 -34.20 -7.60
CA ASP C 37 -2.71 -33.41 -8.56
C ASP C 37 -4.22 -33.40 -8.27
N TYR C 38 -4.68 -34.08 -7.21
CA TYR C 38 -6.08 -34.13 -6.80
C TYR C 38 -6.62 -32.72 -6.52
N PRO C 39 -7.50 -32.19 -7.38
CA PRO C 39 -7.91 -30.78 -7.28
C PRO C 39 -8.85 -30.51 -6.12
N ILE C 40 -8.38 -29.71 -5.15
CA ILE C 40 -9.15 -29.33 -3.98
C ILE C 40 -9.60 -27.88 -4.09
N LEU C 41 -10.87 -27.62 -3.77
CA LEU C 41 -11.40 -26.27 -3.68
C LEU C 41 -11.59 -25.87 -2.22
N LEU C 42 -11.06 -24.69 -1.86
CA LEU C 42 -11.14 -24.12 -0.53
C LEU C 42 -11.92 -22.82 -0.59
N GLY C 43 -13.13 -22.82 -0.05
CA GLY C 43 -13.89 -21.59 0.02
C GLY C 43 -13.70 -20.98 1.39
N GLY C 44 -12.88 -19.94 1.47
CA GLY C 44 -12.56 -19.31 2.73
C GLY C 44 -11.17 -19.59 3.24
N ALA C 45 -10.36 -18.53 3.33
CA ALA C 45 -8.96 -18.62 3.73
C ALA C 45 -8.76 -18.17 5.18
N GLY C 46 -9.77 -18.34 6.02
CA GLY C 46 -9.63 -18.04 7.42
C GLY C 46 -9.15 -19.27 8.15
N ILE C 47 -10.09 -20.03 8.73
CA ILE C 47 -9.78 -21.37 9.23
C ILE C 47 -9.13 -22.21 8.14
N GLY C 48 -9.46 -21.94 6.87
CA GLY C 48 -8.88 -22.64 5.74
C GLY C 48 -7.41 -22.36 5.50
N SER C 49 -6.87 -21.28 6.05
CA SER C 49 -5.45 -21.02 5.85
C SER C 49 -4.59 -22.01 6.64
N ILE C 50 -5.07 -22.45 7.80
CA ILE C 50 -4.37 -23.51 8.52
C ILE C 50 -4.53 -24.83 7.78
N ILE C 51 -5.75 -25.12 7.31
CA ILE C 51 -6.01 -26.38 6.60
C ILE C 51 -5.10 -26.50 5.37
N ALA C 52 -4.91 -25.40 4.64
CA ALA C 52 -4.13 -25.47 3.41
C ALA C 52 -2.70 -25.89 3.67
N GLU C 53 -2.06 -25.32 4.70
CA GLU C 53 -0.68 -25.67 4.99
C GLU C 53 -0.54 -27.13 5.41
N CYS C 54 -1.41 -27.58 6.30
CA CYS C 54 -1.34 -28.98 6.73
C CYS C 54 -1.53 -29.92 5.55
N ALA C 55 -2.49 -29.61 4.69
CA ALA C 55 -2.75 -30.47 3.55
C ALA C 55 -1.64 -30.37 2.52
N LEU C 56 -1.10 -29.17 2.32
CA LEU C 56 -0.02 -29.04 1.34
C LEU C 56 1.21 -29.83 1.78
N ARG C 57 1.64 -29.66 3.03
CA ARG C 57 2.83 -30.40 3.48
C ARG C 57 2.61 -31.90 3.37
N PHE C 58 1.38 -32.35 3.62
CA PHE C 58 1.02 -33.75 3.44
C PHE C 58 1.21 -34.22 2.01
N GLY C 59 0.98 -33.36 1.03
CA GLY C 59 1.23 -33.75 -0.34
C GLY C 59 0.14 -33.36 -1.32
N PHE C 60 -0.93 -32.73 -0.82
CA PHE C 60 -1.97 -32.21 -1.70
C PHE C 60 -1.43 -30.94 -2.33
N GLU C 61 -1.06 -31.01 -3.61
CA GLU C 61 -0.37 -29.92 -4.27
C GLU C 61 -1.25 -29.15 -5.26
N ASN C 62 -2.54 -29.47 -5.36
CA ASN C 62 -3.46 -28.81 -6.29
C ASN C 62 -4.58 -28.17 -5.49
N ILE C 63 -4.43 -26.90 -5.11
CA ILE C 63 -5.39 -26.25 -4.22
C ILE C 63 -5.84 -24.93 -4.83
N THR C 64 -7.15 -24.77 -4.95
CA THR C 64 -7.77 -23.51 -5.32
C THR C 64 -8.35 -22.89 -4.05
N ILE C 65 -8.04 -21.62 -3.80
CA ILE C 65 -8.49 -20.92 -2.61
C ILE C 65 -9.27 -19.68 -3.04
N VAL C 66 -10.48 -19.52 -2.52
CA VAL C 66 -11.35 -18.38 -2.80
C VAL C 66 -11.72 -17.69 -1.50
N ASP C 67 -11.45 -16.39 -1.42
CA ASP C 67 -11.77 -15.59 -0.25
C ASP C 67 -11.66 -14.13 -0.71
N GLY C 68 -12.57 -13.29 -0.21
CA GLY C 68 -12.57 -11.89 -0.57
C GLY C 68 -12.12 -10.99 0.55
N ASP C 69 -11.80 -11.59 1.69
CA ASP C 69 -11.40 -10.84 2.87
C ASP C 69 -9.92 -10.49 2.79
N HIS C 70 -9.51 -9.49 3.56
CA HIS C 70 -8.12 -9.15 3.82
C HIS C 70 -7.71 -9.56 5.23
N VAL C 71 -6.40 -9.59 5.48
CA VAL C 71 -5.89 -10.01 6.79
C VAL C 71 -6.07 -8.89 7.78
N GLU C 72 -6.71 -9.22 8.90
CA GLU C 72 -6.93 -8.29 10.00
C GLU C 72 -6.14 -8.73 11.23
N ASN C 73 -5.97 -7.79 12.18
CA ASN C 73 -5.26 -8.09 13.44
C ASN C 73 -5.87 -9.29 14.18
N SER C 74 -7.20 -9.32 14.29
CA SER C 74 -7.84 -10.38 15.05
C SER C 74 -7.62 -11.78 14.46
N ASN C 75 -7.10 -11.89 13.23
CA ASN C 75 -6.85 -13.19 12.63
C ASN C 75 -5.64 -13.91 13.23
N LEU C 76 -4.72 -13.17 13.85
CA LEU C 76 -3.41 -13.75 14.15
C LEU C 76 -3.46 -14.81 15.24
N ASN C 77 -4.57 -14.89 15.98
CA ASN C 77 -4.66 -15.85 17.06
C ASN C 77 -5.00 -17.25 16.58
N ARG C 78 -5.28 -17.45 15.29
CA ARG C 78 -5.72 -18.77 14.84
C ARG C 78 -5.61 -19.02 13.35
N GLN C 79 -5.15 -18.04 12.57
CA GLN C 79 -5.07 -18.17 11.12
C GLN C 79 -3.63 -18.02 10.66
N ASN C 80 -3.40 -18.44 9.42
CA ASN C 80 -2.04 -18.66 8.93
C ASN C 80 -1.46 -17.39 8.30
N TYR C 81 -1.40 -16.32 9.11
CA TYR C 81 -0.90 -15.05 8.60
C TYR C 81 0.06 -14.43 9.63
N THR C 82 0.87 -13.49 9.15
CA THR C 82 1.88 -12.84 9.97
C THR C 82 1.55 -11.36 10.05
N GLU C 83 2.27 -10.66 10.94
CA GLU C 83 2.06 -9.22 11.06
C GLU C 83 2.26 -8.52 9.73
N GLY C 84 3.22 -9.00 8.93
CA GLY C 84 3.43 -8.36 7.64
C GLY C 84 2.31 -8.62 6.67
N ASP C 85 1.52 -9.67 6.90
CA ASP C 85 0.41 -9.99 6.01
C ASP C 85 -0.80 -9.10 6.26
N VAL C 86 -0.85 -8.40 7.40
CA VAL C 86 -2.05 -7.64 7.78
C VAL C 86 -2.33 -6.52 6.78
N SER C 87 -3.58 -6.44 6.33
CA SER C 87 -4.15 -5.53 5.32
C SER C 87 -3.97 -6.03 3.88
N VAL C 88 -3.42 -7.21 3.68
CA VAL C 88 -3.27 -7.83 2.37
C VAL C 88 -4.44 -8.78 2.16
N ASN C 89 -4.81 -9.01 0.89
CA ASN C 89 -5.77 -10.07 0.59
C ASN C 89 -5.29 -11.37 1.19
N LYS C 90 -6.18 -12.02 1.93
CA LYS C 90 -5.86 -13.32 2.52
C LYS C 90 -5.35 -14.27 1.45
N VAL C 91 -5.93 -14.23 0.25
CA VAL C 91 -5.56 -15.20 -0.77
C VAL C 91 -4.12 -14.97 -1.24
N GLU C 92 -3.70 -13.71 -1.35
CA GLU C 92 -2.32 -13.44 -1.72
C GLU C 92 -1.36 -13.87 -0.62
N ALA C 93 -1.72 -13.59 0.63
CA ALA C 93 -0.85 -13.95 1.76
C ALA C 93 -0.76 -15.44 1.96
N ILE C 94 -1.88 -16.17 1.88
CA ILE C 94 -1.80 -17.60 2.12
C ILE C 94 -1.07 -18.26 0.97
N LYS C 95 -1.19 -17.71 -0.25
CA LYS C 95 -0.45 -18.27 -1.38
C LYS C 95 1.05 -18.02 -1.23
N ALA C 96 1.42 -16.85 -0.72
CA ALA C 96 2.83 -16.59 -0.41
C ALA C 96 3.37 -17.61 0.58
N ARG C 97 2.63 -17.83 1.66
CA ARG C 97 3.02 -18.82 2.65
C ARG C 97 3.13 -20.20 2.01
N LEU C 98 2.08 -20.62 1.30
CA LEU C 98 2.07 -21.97 0.74
C LEU C 98 3.17 -22.16 -0.31
N LYS C 99 3.39 -21.15 -1.15
CA LYS C 99 4.39 -21.29 -2.20
C LYS C 99 5.82 -21.20 -1.66
N SER C 100 6.03 -20.63 -0.47
CA SER C 100 7.35 -20.67 0.14
C SER C 100 7.66 -22.05 0.71
N ILE C 101 6.62 -22.83 1.03
CA ILE C 101 6.78 -24.22 1.45
C ILE C 101 7.07 -25.16 0.28
N ASN C 102 6.39 -24.95 -0.86
CA ASN C 102 6.52 -25.83 -2.02
C ASN C 102 6.44 -24.96 -3.28
N SER C 103 7.58 -24.67 -3.89
CA SER C 103 7.60 -23.79 -5.05
C SER C 103 6.85 -24.38 -6.24
N LYS C 104 6.93 -25.71 -6.41
CA LYS C 104 6.28 -26.36 -7.54
C LYS C 104 4.79 -26.65 -7.30
N ALA C 105 4.23 -26.23 -6.17
CA ALA C 105 2.82 -26.52 -5.92
C ALA C 105 1.94 -25.63 -6.79
N ASN C 106 0.76 -26.16 -7.11
CA ASN C 106 -0.20 -25.48 -7.96
C ASN C 106 -1.26 -24.85 -7.08
N ILE C 107 -0.98 -23.63 -6.60
CA ILE C 107 -1.82 -22.89 -5.68
C ILE C 107 -2.48 -21.78 -6.50
N LYS C 108 -3.77 -21.96 -6.83
CA LYS C 108 -4.51 -20.99 -7.62
C LYS C 108 -5.46 -20.23 -6.70
N ILE C 109 -5.38 -18.90 -6.72
CA ILE C 109 -6.16 -18.09 -5.79
C ILE C 109 -7.10 -17.21 -6.59
N HIS C 110 -8.19 -16.79 -5.93
CA HIS C 110 -9.19 -15.91 -6.53
C HIS C 110 -9.70 -14.97 -5.45
N ASN C 111 -9.39 -13.67 -5.61
CA ASN C 111 -9.84 -12.62 -4.70
C ASN C 111 -11.25 -12.18 -5.10
N CYS C 112 -12.24 -12.99 -4.73
CA CYS C 112 -13.62 -12.67 -5.05
C CYS C 112 -14.49 -13.26 -3.94
N PHE C 113 -15.59 -12.60 -3.64
CA PHE C 113 -16.63 -13.22 -2.83
C PHE C 113 -17.50 -14.07 -3.72
N LEU C 114 -17.96 -15.18 -3.18
CA LEU C 114 -18.81 -16.07 -3.94
C LEU C 114 -20.25 -15.57 -3.84
N THR C 115 -20.94 -15.59 -4.98
CA THR C 115 -22.32 -15.16 -5.05
C THR C 115 -23.13 -16.28 -5.68
N SER C 116 -24.45 -16.15 -5.59
CA SER C 116 -25.31 -17.11 -6.26
C SER C 116 -25.00 -17.17 -7.76
N ASP C 117 -24.48 -16.07 -8.33
CA ASP C 117 -24.26 -15.98 -9.76
C ASP C 117 -22.95 -16.62 -10.20
N ASN C 118 -21.90 -16.50 -9.40
CA ASN C 118 -20.59 -16.97 -9.83
C ASN C 118 -20.15 -18.28 -9.19
N VAL C 119 -20.86 -18.78 -8.18
CA VAL C 119 -20.28 -19.82 -7.33
C VAL C 119 -20.10 -21.11 -8.11
N GLU C 120 -20.97 -21.39 -9.08
CA GLU C 120 -20.86 -22.64 -9.81
C GLU C 120 -19.61 -22.66 -10.66
N GLU C 121 -19.29 -21.52 -11.28
CA GLU C 121 -18.13 -21.45 -12.15
C GLU C 121 -16.84 -21.70 -11.36
N TYR C 122 -16.79 -21.25 -10.10
CA TYR C 122 -15.63 -21.54 -9.26
C TYR C 122 -15.58 -23.02 -8.84
N ILE C 123 -16.73 -23.61 -8.50
CA ILE C 123 -16.77 -25.00 -8.03
C ILE C 123 -16.36 -25.98 -9.11
N LYS C 124 -16.79 -25.75 -10.35
CA LYS C 124 -16.57 -26.66 -11.47
C LYS C 124 -15.11 -27.07 -11.61
N GLY C 125 -14.89 -28.38 -11.75
CA GLY C 125 -13.58 -28.92 -12.02
C GLY C 125 -12.80 -29.51 -10.85
N HIS C 126 -13.34 -29.46 -9.63
CA HIS C 126 -12.64 -29.96 -8.45
C HIS C 126 -13.27 -31.27 -7.99
N LYS C 127 -12.46 -32.13 -7.37
CA LYS C 127 -12.96 -33.43 -6.90
C LYS C 127 -13.49 -33.40 -5.48
N VAL C 128 -13.06 -32.44 -4.67
CA VAL C 128 -13.52 -32.33 -3.28
C VAL C 128 -13.44 -30.86 -2.92
N ALA C 129 -14.32 -30.43 -2.03
CA ALA C 129 -14.36 -29.03 -1.63
C ALA C 129 -14.42 -28.90 -0.12
N ILE C 130 -13.90 -27.78 0.36
CA ILE C 130 -13.96 -27.43 1.77
C ILE C 130 -14.74 -26.13 1.91
N ASN C 131 -15.90 -26.19 2.55
CA ASN C 131 -16.74 -25.01 2.76
C ASN C 131 -16.35 -24.38 4.09
N ALA C 132 -15.51 -23.35 4.02
CA ALA C 132 -15.15 -22.56 5.19
C ALA C 132 -15.66 -21.15 5.01
N LEU C 133 -16.88 -21.03 4.53
CA LEU C 133 -17.46 -19.73 4.25
C LEU C 133 -18.28 -19.24 5.43
N ASP C 134 -18.11 -17.96 5.73
CA ASP C 134 -18.97 -17.33 6.72
C ASP C 134 -20.40 -17.57 6.32
N PHE C 135 -21.23 -17.83 7.31
CA PHE C 135 -22.66 -18.02 7.11
C PHE C 135 -23.39 -16.72 6.85
N SER C 136 -22.68 -15.59 6.79
CA SER C 136 -23.40 -14.40 6.40
C SER C 136 -23.44 -14.15 4.90
N SER C 137 -22.59 -14.80 4.09
CA SER C 137 -22.85 -14.72 2.67
C SER C 137 -24.11 -15.55 2.36
N GLU C 138 -24.56 -15.58 1.11
CA GLU C 138 -25.79 -16.32 0.84
C GLU C 138 -25.48 -17.75 0.45
N VAL C 139 -24.30 -17.96 -0.11
CA VAL C 139 -23.93 -19.19 -0.79
C VAL C 139 -23.50 -20.39 0.06
N PRO C 140 -23.34 -20.33 1.40
CA PRO C 140 -22.81 -21.53 2.07
C PRO C 140 -23.67 -22.76 1.85
N LEU C 141 -24.99 -22.65 1.99
CA LEU C 141 -25.80 -23.83 1.75
C LEU C 141 -26.00 -24.07 0.26
N LEU C 142 -26.11 -22.99 -0.53
CA LEU C 142 -26.20 -23.18 -1.99
C LEU C 142 -24.91 -23.78 -2.53
N PHE C 143 -23.76 -23.38 -1.97
CA PHE C 143 -22.47 -23.98 -2.30
C PHE C 143 -22.57 -25.51 -2.25
N ASP C 144 -23.16 -26.04 -1.17
CA ASP C 144 -23.28 -27.48 -0.99
C ASP C 144 -24.21 -28.10 -2.02
N GLU C 145 -25.36 -27.45 -2.29
CA GLU C 145 -26.30 -28.01 -3.26
C GLU C 145 -25.62 -28.23 -4.61
N ILE C 146 -24.88 -27.23 -5.07
CA ILE C 146 -24.20 -27.35 -6.36
C ILE C 146 -23.16 -28.45 -6.30
N CYS C 147 -22.44 -28.54 -5.17
CA CYS C 147 -21.42 -29.58 -5.02
C CYS C 147 -22.07 -30.95 -5.05
N GLN C 148 -23.20 -31.11 -4.36
CA GLN C 148 -23.93 -32.37 -4.40
C GLN C 148 -24.32 -32.74 -5.83
N LYS C 149 -24.88 -31.77 -6.57
CA LYS C 149 -25.26 -31.99 -7.97
C LYS C 149 -24.10 -32.52 -8.79
N MET C 150 -22.89 -32.13 -8.44
CA MET C 150 -21.70 -32.45 -9.22
C MET C 150 -20.88 -33.61 -8.67
N ASP C 151 -21.38 -34.36 -7.68
CA ASP C 151 -20.63 -35.47 -7.05
C ASP C 151 -19.35 -34.99 -6.38
N ILE C 152 -19.40 -33.83 -5.76
CA ILE C 152 -18.28 -33.25 -5.02
C ILE C 152 -18.62 -33.28 -3.53
N PRO C 153 -17.97 -34.14 -2.75
CA PRO C 153 -18.17 -34.10 -1.30
C PRO C 153 -17.61 -32.81 -0.71
N VAL C 154 -18.26 -32.32 0.36
CA VAL C 154 -17.92 -31.04 0.97
C VAL C 154 -17.56 -31.24 2.43
N LEU C 155 -16.37 -30.82 2.79
CA LEU C 155 -15.94 -30.82 4.19
C LEU C 155 -16.38 -29.51 4.81
N HIS C 156 -17.02 -29.61 5.98
CA HIS C 156 -17.36 -28.45 6.79
C HIS C 156 -16.51 -28.45 8.05
N PRO C 157 -15.45 -27.65 8.09
CA PRO C 157 -14.66 -27.54 9.31
C PRO C 157 -15.14 -26.42 10.21
N TYR C 158 -15.12 -26.70 11.51
CA TYR C 158 -15.51 -25.70 12.49
C TYR C 158 -14.47 -25.63 13.59
N ASN C 159 -14.29 -24.43 14.13
CA ASN C 159 -13.33 -24.16 15.20
C ASN C 159 -14.10 -24.08 16.50
N LEU C 160 -14.08 -25.15 17.29
CA LEU C 160 -14.78 -25.16 18.56
C LEU C 160 -13.87 -24.81 19.72
N GLY C 161 -12.91 -23.93 19.52
CA GLY C 161 -12.03 -23.52 20.58
C GLY C 161 -11.08 -24.61 21.01
N TRP C 162 -11.52 -25.44 21.98
CA TRP C 162 -10.75 -26.60 22.41
C TRP C 162 -10.89 -27.79 21.48
N GLY C 163 -11.90 -27.81 20.63
CA GLY C 163 -12.17 -28.94 19.77
C GLY C 163 -12.09 -28.64 18.30
N GLY C 164 -11.84 -29.65 17.49
CA GLY C 164 -12.00 -29.56 16.04
C GLY C 164 -13.19 -30.39 15.59
N LEU C 165 -14.00 -29.82 14.71
CA LEU C 165 -15.20 -30.49 14.19
C LEU C 165 -15.21 -30.47 12.66
N VAL C 166 -15.44 -31.63 12.05
CA VAL C 166 -15.62 -31.74 10.60
C VAL C 166 -16.81 -32.65 10.29
N THR C 167 -17.65 -32.20 9.36
CA THR C 167 -18.68 -33.00 8.71
C THR C 167 -18.51 -32.98 7.22
N ILE C 168 -18.83 -34.10 6.59
CA ILE C 168 -18.74 -34.27 5.16
C ILE C 168 -20.17 -34.35 4.65
N ILE C 169 -20.54 -33.43 3.76
CA ILE C 169 -21.78 -33.54 3.01
C ILE C 169 -21.49 -34.39 1.79
N SER C 170 -22.13 -35.56 1.73
CA SER C 170 -21.90 -36.42 0.58
C SER C 170 -22.93 -36.17 -0.51
N PRO C 171 -22.57 -36.45 -1.77
CA PRO C 171 -23.47 -36.13 -2.89
C PRO C 171 -24.87 -36.68 -2.72
N LYS C 172 -25.02 -37.93 -2.30
CA LYS C 172 -26.33 -38.55 -2.19
C LYS C 172 -26.92 -38.50 -0.79
N GLY C 173 -26.34 -37.72 0.11
CA GLY C 173 -26.78 -37.66 1.49
C GLY C 173 -27.45 -36.36 1.85
N LEU C 174 -27.77 -36.24 3.14
CA LEU C 174 -28.42 -35.05 3.67
C LEU C 174 -27.52 -33.83 3.54
N SER C 175 -28.16 -32.68 3.38
CA SER C 175 -27.50 -31.39 3.40
C SER C 175 -27.63 -30.79 4.80
N LEU C 176 -26.87 -29.72 5.04
CA LEU C 176 -26.91 -29.06 6.34
C LEU C 176 -28.29 -28.49 6.63
N ASN C 177 -29.10 -28.26 5.59
CA ASN C 177 -30.46 -27.75 5.73
C ASN C 177 -31.25 -28.54 6.76
N SER C 178 -30.99 -29.85 6.85
CA SER C 178 -31.77 -30.75 7.72
C SER C 178 -31.77 -30.31 9.18
N ILE C 179 -30.73 -29.61 9.64
CA ILE C 179 -30.69 -29.16 11.02
C ILE C 179 -31.02 -27.68 11.14
N ALA C 180 -31.30 -27.01 10.02
CA ALA C 180 -31.75 -25.63 10.00
C ALA C 180 -33.23 -25.60 10.38
N LYS C 181 -33.62 -24.53 11.06
CA LYS C 181 -35.00 -24.40 11.49
C LYS C 181 -35.85 -23.65 10.46
N LYS C 182 -37.02 -24.21 10.18
CA LYS C 182 -37.98 -23.69 9.20
C LYS C 182 -38.46 -22.29 9.56
N GLY C 183 -37.95 -21.29 8.85
CA GLY C 183 -38.38 -19.90 9.02
C GLY C 183 -37.27 -18.98 9.48
N GLU C 184 -36.15 -19.53 9.92
CA GLU C 184 -35.03 -18.76 10.44
C GLU C 184 -33.78 -19.05 9.62
N LYS C 185 -32.90 -18.05 9.58
CA LYS C 185 -31.69 -18.17 8.79
C LYS C 185 -30.74 -19.10 9.51
N PHE C 186 -29.81 -19.68 8.75
CA PHE C 186 -28.99 -20.77 9.21
C PHE C 186 -27.56 -20.31 9.40
N ASN C 187 -27.02 -20.58 10.59
CA ASN C 187 -25.67 -20.17 10.90
C ASN C 187 -24.94 -21.29 11.64
N GLU C 188 -23.74 -20.96 12.14
CA GLU C 188 -22.89 -21.98 12.76
C GLU C 188 -23.41 -22.45 14.12
N LEU C 189 -24.14 -21.60 14.84
CA LEU C 189 -24.69 -22.04 16.13
C LEU C 189 -25.66 -23.20 15.96
N ASN C 190 -26.37 -23.26 14.83
CA ASN C 190 -27.23 -24.42 14.57
C ASN C 190 -26.39 -25.68 14.42
N VAL C 191 -25.25 -25.59 13.73
CA VAL C 191 -24.40 -26.76 13.60
C VAL C 191 -23.84 -27.17 14.97
N VAL C 192 -23.32 -26.19 15.70
CA VAL C 192 -22.63 -26.46 16.95
C VAL C 192 -23.60 -26.94 18.03
N GLU C 193 -24.80 -26.38 18.11
CA GLU C 193 -25.79 -26.89 19.06
C GLU C 193 -26.24 -28.30 18.72
N TYR C 194 -26.28 -28.65 17.44
CA TYR C 194 -26.59 -30.01 17.05
C TYR C 194 -25.53 -30.98 17.55
N VAL C 195 -24.25 -30.63 17.38
CA VAL C 195 -23.17 -31.52 17.78
C VAL C 195 -23.21 -31.74 19.29
N SER C 196 -23.35 -30.67 20.06
CA SER C 196 -23.38 -30.84 21.51
C SER C 196 -24.53 -31.74 21.93
N SER C 197 -25.72 -31.51 21.38
CA SER C 197 -26.90 -32.33 21.69
C SER C 197 -26.70 -33.78 21.28
N TYR C 198 -26.09 -33.99 20.12
CA TYR C 198 -25.82 -35.33 19.61
C TYR C 198 -24.86 -36.09 20.52
N MET C 199 -23.76 -35.43 20.91
CA MET C 199 -22.84 -36.08 21.82
C MET C 199 -23.52 -36.47 23.11
N ARG C 200 -24.30 -35.56 23.68
CA ARG C 200 -24.99 -35.90 24.92
C ARG C 200 -26.00 -37.02 24.70
N PHE C 201 -26.71 -37.00 23.57
CA PHE C 201 -27.69 -38.05 23.30
C PHE C 201 -27.08 -39.42 23.37
N TRP C 202 -25.84 -39.56 22.88
CA TRP C 202 -25.17 -40.85 22.80
C TRP C 202 -24.32 -41.17 24.02
N GLY C 203 -24.56 -40.51 25.14
CA GLY C 203 -23.85 -40.83 26.36
C GLY C 203 -22.44 -40.27 26.46
N LYS C 204 -22.04 -39.38 25.55
CA LYS C 204 -20.72 -38.74 25.58
C LYS C 204 -20.88 -37.21 25.66
N PRO C 205 -21.55 -36.69 26.69
CA PRO C 205 -21.72 -35.22 26.78
C PRO C 205 -20.40 -34.47 26.86
N GLN C 206 -20.31 -33.39 26.09
CA GLN C 206 -19.16 -32.50 26.02
C GLN C 206 -19.43 -31.23 26.82
N GLU C 207 -19.13 -31.27 28.12
CA GLU C 207 -19.50 -30.15 28.98
C GLU C 207 -18.72 -28.89 28.63
N TRP C 208 -17.48 -29.01 28.15
CA TRP C 208 -16.77 -27.82 27.67
C TRP C 208 -17.52 -27.18 26.51
N LEU C 209 -18.04 -27.98 25.57
CA LEU C 209 -18.75 -27.41 24.44
C LEU C 209 -20.07 -26.80 24.90
N GLU C 210 -20.80 -27.50 25.77
CA GLU C 210 -22.03 -26.92 26.31
C GLU C 210 -21.74 -25.64 27.07
N ASP C 211 -20.59 -25.57 27.72
CA ASP C 211 -20.26 -24.38 28.50
C ASP C 211 -20.09 -23.18 27.58
N ILE C 212 -19.29 -23.32 26.52
CA ILE C 212 -19.05 -22.19 25.64
C ILE C 212 -20.31 -21.86 24.82
N ILE C 213 -21.13 -22.85 24.47
CA ILE C 213 -22.40 -22.56 23.82
C ILE C 213 -23.26 -21.70 24.73
N TYR C 214 -23.33 -22.07 26.01
CA TYR C 214 -24.11 -21.28 26.96
C TYR C 214 -23.59 -19.86 27.08
N LYS C 215 -22.28 -19.72 27.29
CA LYS C 215 -21.70 -18.38 27.43
C LYS C 215 -21.93 -17.52 26.21
N PHE C 216 -21.76 -18.09 25.02
CA PHE C 216 -21.88 -17.28 23.81
C PHE C 216 -23.30 -16.77 23.62
N LYS C 217 -24.30 -17.62 23.87
CA LYS C 217 -25.70 -17.19 23.73
C LYS C 217 -26.07 -16.09 24.72
N ASN C 218 -25.67 -16.23 25.97
CA ASN C 218 -26.04 -15.24 26.97
C ASN C 218 -25.12 -14.03 26.98
N GLU C 219 -24.37 -13.82 25.90
CA GLU C 219 -23.64 -12.57 25.74
C GLU C 219 -24.59 -11.41 25.51
N ARG C 220 -24.38 -10.33 26.25
CA ARG C 220 -25.21 -9.14 26.13
C ARG C 220 -25.08 -8.56 24.73
N GLU C 221 -23.86 -8.17 24.36
CA GLU C 221 -23.57 -7.68 23.02
C GLU C 221 -23.43 -8.86 22.06
N LYS C 222 -23.88 -8.69 20.82
CA LYS C 222 -23.80 -9.76 19.82
C LYS C 222 -22.54 -9.55 18.99
N LEU C 223 -21.61 -10.51 19.11
CA LEU C 223 -20.30 -10.47 18.48
C LEU C 223 -20.07 -11.76 17.68
N SER C 224 -18.98 -11.79 16.89
CA SER C 224 -18.65 -13.03 16.20
C SER C 224 -18.20 -14.08 17.22
N PRO C 225 -18.41 -15.36 16.91
CA PRO C 225 -18.02 -16.42 17.87
C PRO C 225 -16.52 -16.41 18.11
N PRO C 226 -16.08 -16.65 19.34
CA PRO C 226 -14.63 -16.79 19.58
C PRO C 226 -14.10 -18.09 18.98
N GLN C 227 -12.80 -18.07 18.65
CA GLN C 227 -12.11 -19.26 18.16
C GLN C 227 -10.68 -19.21 18.66
N LEU C 228 -10.08 -20.39 18.86
CA LEU C 228 -8.75 -20.51 19.41
C LEU C 228 -7.81 -21.21 18.42
N SER C 229 -6.50 -20.97 18.60
CA SER C 229 -5.54 -21.66 17.77
C SER C 229 -5.58 -23.18 17.93
N VAL C 230 -5.89 -23.69 19.13
CA VAL C 230 -5.91 -25.14 19.33
C VAL C 230 -6.91 -25.79 18.40
N GLY C 231 -8.11 -25.22 18.31
CA GLY C 231 -9.12 -25.80 17.44
C GLY C 231 -8.74 -25.75 15.97
N SER C 232 -8.12 -24.66 15.54
CA SER C 232 -7.66 -24.53 14.15
C SER C 232 -6.65 -25.61 13.80
N TRP C 233 -5.64 -25.77 14.65
CA TRP C 233 -4.61 -26.77 14.36
C TRP C 233 -5.20 -28.18 14.38
N VAL C 234 -6.11 -28.46 15.33
CA VAL C 234 -6.71 -29.79 15.36
C VAL C 234 -7.54 -30.04 14.11
N VAL C 235 -8.36 -29.06 13.69
CA VAL C 235 -9.24 -29.28 12.55
C VAL C 235 -8.45 -29.37 11.25
N ALA C 236 -7.30 -28.69 11.18
CA ALA C 236 -6.44 -28.81 10.01
C ALA C 236 -5.96 -30.23 9.80
N GLY C 237 -5.53 -30.89 10.88
CA GLY C 237 -5.13 -32.27 10.78
C GLY C 237 -6.28 -33.20 10.42
N MET C 238 -7.44 -32.98 11.04
CA MET C 238 -8.61 -33.78 10.71
C MET C 238 -8.94 -33.67 9.22
N CYS C 239 -8.95 -32.44 8.70
CA CYS C 239 -9.28 -32.25 7.30
C CYS C 239 -8.29 -32.96 6.40
N THR C 240 -7.00 -32.88 6.72
CA THR C 240 -6.01 -33.54 5.88
C THR C 240 -6.23 -35.04 5.86
N HIS C 241 -6.52 -35.63 7.03
CA HIS C 241 -6.83 -37.05 7.10
C HIS C 241 -8.07 -37.37 6.27
N ILE C 242 -9.11 -36.55 6.42
CA ILE C 242 -10.34 -36.76 5.67
C ILE C 242 -10.10 -36.63 4.17
N LEU C 243 -9.35 -35.61 3.76
CA LEU C 243 -9.03 -35.46 2.34
C LEU C 243 -8.32 -36.70 1.80
N PHE C 244 -7.35 -37.23 2.56
CA PHE C 244 -6.65 -38.43 2.13
C PHE C 244 -7.61 -39.61 1.99
N ASN C 245 -8.55 -39.75 2.91
CA ASN C 245 -9.49 -40.88 2.80
C ASN C 245 -10.36 -40.73 1.56
N ILE C 246 -10.84 -39.52 1.29
CA ILE C 246 -11.70 -39.31 0.15
C ILE C 246 -10.94 -39.58 -1.14
N ALA C 247 -9.70 -39.08 -1.25
CA ALA C 247 -8.94 -39.25 -2.48
C ALA C 247 -8.59 -40.71 -2.73
N THR C 248 -8.26 -41.46 -1.68
CA THR C 248 -7.91 -42.87 -1.79
C THR C 248 -9.13 -43.78 -1.65
N GLN C 249 -10.34 -43.22 -1.61
CA GLN C 249 -11.57 -44.01 -1.58
C GLN C 249 -11.62 -44.93 -0.36
N ARG C 250 -11.16 -44.42 0.79
CA ARG C 250 -11.36 -45.07 2.07
C ARG C 250 -12.64 -44.56 2.68
N GLU C 251 -13.26 -45.41 3.51
CA GLU C 251 -14.55 -45.09 4.06
C GLU C 251 -14.47 -43.84 4.93
N ILE C 252 -15.53 -43.02 4.89
CA ILE C 252 -15.68 -41.87 5.76
C ILE C 252 -17.13 -41.78 6.22
N LYS C 253 -17.35 -41.06 7.32
CA LYS C 253 -18.70 -40.76 7.76
C LYS C 253 -19.20 -39.50 7.05
N SER C 254 -20.43 -39.55 6.54
CA SER C 254 -21.06 -38.36 5.97
C SER C 254 -22.09 -37.81 6.95
N PHE C 255 -22.35 -36.52 6.85
CA PHE C 255 -23.42 -35.91 7.62
C PHE C 255 -24.71 -36.69 7.42
N PRO C 256 -25.51 -36.90 8.48
CA PRO C 256 -25.53 -36.30 9.82
C PRO C 256 -24.47 -36.80 10.81
N GLU C 257 -23.59 -37.71 10.40
CA GLU C 257 -22.47 -38.07 11.26
C GLU C 257 -21.34 -37.06 11.07
N PHE C 258 -20.43 -37.04 12.04
CA PHE C 258 -19.38 -36.03 12.06
C PHE C 258 -18.16 -36.54 12.81
N TYR C 259 -17.08 -35.76 12.71
CA TYR C 259 -15.84 -36.03 13.42
C TYR C 259 -15.59 -34.89 14.40
N LEU C 260 -15.41 -35.25 15.66
CA LEU C 260 -15.14 -34.32 16.74
C LEU C 260 -13.87 -34.76 17.47
N SER C 261 -12.92 -33.86 17.60
CA SER C 261 -11.60 -34.13 18.16
C SER C 261 -11.26 -33.02 19.15
N SER C 262 -10.85 -33.41 20.35
CA SER C 262 -10.50 -32.46 21.39
C SER C 262 -9.55 -33.16 22.34
N LEU C 263 -9.03 -32.40 23.30
CA LEU C 263 -8.06 -32.98 24.23
C LEU C 263 -8.59 -34.26 24.89
N GLU C 264 -9.88 -34.34 25.24
CA GLU C 264 -10.42 -35.63 25.71
C GLU C 264 -11.14 -36.38 24.59
N GLY C 265 -10.44 -36.68 23.47
CA GLY C 265 -11.08 -37.35 22.33
C GLY C 265 -10.60 -37.23 20.86
N MET D 16 -7.79 -7.23 27.33
CA MET D 16 -7.09 -7.96 26.27
C MET D 16 -6.57 -7.01 25.18
N LYS D 17 -5.98 -7.59 24.13
CA LYS D 17 -5.51 -6.87 22.96
C LYS D 17 -6.30 -7.36 21.74
N HIS D 18 -6.36 -6.52 20.69
CA HIS D 18 -7.10 -6.89 19.48
C HIS D 18 -6.53 -8.14 18.81
N ARG D 19 -5.24 -8.44 19.01
CA ARG D 19 -4.68 -9.69 18.52
C ARG D 19 -5.29 -10.91 19.20
N TYR D 20 -5.59 -10.81 20.49
CA TYR D 20 -6.22 -11.92 21.20
C TYR D 20 -7.70 -11.68 21.37
N SER D 21 -8.25 -10.78 20.56
CA SER D 21 -9.65 -10.42 20.64
C SER D 21 -10.54 -11.65 20.48
N ARG D 22 -10.23 -12.49 19.50
CA ARG D 22 -11.08 -13.63 19.23
C ARG D 22 -10.90 -14.79 20.23
N ASN D 23 -10.06 -14.62 21.26
CA ASN D 23 -9.87 -15.58 22.36
C ASN D 23 -10.89 -15.45 23.48
N ARG D 24 -11.81 -14.48 23.41
CA ARG D 24 -12.67 -14.16 24.54
C ARG D 24 -13.60 -15.32 24.90
N LEU D 25 -14.18 -15.23 26.11
CA LEU D 25 -15.02 -16.26 26.72
C LEU D 25 -14.19 -17.49 27.09
N TYR D 26 -13.43 -18.03 26.13
CA TYR D 26 -12.55 -19.16 26.44
C TYR D 26 -11.50 -18.74 27.48
N LEU D 27 -10.94 -17.54 27.34
CA LEU D 27 -9.97 -16.97 28.28
C LEU D 27 -10.46 -15.62 28.77
N ASN D 28 -10.31 -15.36 30.06
CA ASN D 28 -10.57 -14.02 30.60
C ASN D 28 -9.30 -13.20 30.53
N PRO D 29 -9.39 -11.88 30.69
CA PRO D 29 -8.16 -11.06 30.58
C PRO D 29 -7.01 -11.49 31.47
N LYS D 30 -7.29 -11.94 32.70
CA LYS D 30 -6.19 -12.31 33.58
C LYS D 30 -5.50 -13.61 33.14
N GLU D 31 -6.24 -14.55 32.57
CA GLU D 31 -5.60 -15.76 32.08
C GLU D 31 -4.75 -15.43 30.86
N GLN D 32 -5.25 -14.57 29.97
CA GLN D 32 -4.47 -14.09 28.83
C GLN D 32 -3.19 -13.38 29.27
N GLU D 33 -3.29 -12.55 30.32
CA GLU D 33 -2.10 -11.90 30.86
C GLU D 33 -1.13 -12.92 31.43
N LEU D 34 -1.66 -13.95 32.10
CA LEU D 34 -0.82 -14.93 32.77
C LEU D 34 0.06 -15.71 31.79
N ILE D 35 -0.53 -16.22 30.70
CA ILE D 35 0.22 -17.04 29.75
C ILE D 35 1.17 -16.21 28.90
N LYS D 36 0.98 -14.88 28.88
CA LYS D 36 1.84 -13.99 28.11
C LYS D 36 3.30 -14.18 28.49
N ASP D 37 3.57 -14.23 29.79
CA ASP D 37 4.95 -14.28 30.29
C ASP D 37 5.31 -15.63 30.89
N TYR D 38 4.38 -16.60 30.90
CA TYR D 38 4.63 -17.93 31.44
C TYR D 38 5.80 -18.58 30.72
N PRO D 39 6.93 -18.77 31.40
CA PRO D 39 8.16 -19.21 30.72
C PRO D 39 8.07 -20.67 30.31
N ILE D 40 8.12 -20.92 29.01
CA ILE D 40 8.10 -22.26 28.45
C ILE D 40 9.49 -22.57 27.95
N LEU D 41 9.99 -23.75 28.30
CA LEU D 41 11.21 -24.29 27.71
C LEU D 41 10.81 -25.39 26.76
N LEU D 42 11.25 -25.27 25.51
CA LEU D 42 10.98 -26.24 24.47
C LEU D 42 12.31 -26.81 24.01
N GLY D 43 12.52 -28.09 24.27
CA GLY D 43 13.72 -28.75 23.79
C GLY D 43 13.48 -29.51 22.51
N GLY D 44 13.99 -28.99 21.40
CA GLY D 44 13.76 -29.64 20.12
C GLY D 44 12.79 -28.90 19.23
N ALA D 45 13.28 -28.40 18.09
CA ALA D 45 12.51 -27.58 17.17
C ALA D 45 12.02 -28.36 15.96
N GLY D 46 11.78 -29.66 16.10
CA GLY D 46 11.18 -30.39 15.00
C GLY D 46 9.67 -30.35 15.08
N ILE D 47 9.08 -31.39 15.67
CA ILE D 47 7.67 -31.33 16.05
C ILE D 47 7.38 -30.11 16.91
N GLY D 48 8.37 -29.65 17.69
CA GLY D 48 8.19 -28.49 18.53
C GLY D 48 8.02 -27.17 17.81
N SER D 49 8.41 -27.10 16.53
CA SER D 49 8.21 -25.85 15.78
C SER D 49 6.74 -25.63 15.46
N ILE D 50 5.98 -26.72 15.26
CA ILE D 50 4.54 -26.59 15.10
C ILE D 50 3.91 -26.19 16.43
N ILE D 51 4.34 -26.84 17.51
CA ILE D 51 3.84 -26.54 18.86
C ILE D 51 4.11 -25.09 19.22
N ALA D 52 5.29 -24.58 18.86
CA ALA D 52 5.65 -23.21 19.21
C ALA D 52 4.68 -22.21 18.58
N GLU D 53 4.37 -22.38 17.29
CA GLU D 53 3.49 -21.41 16.63
C GLU D 53 2.08 -21.46 17.19
N CYS D 54 1.55 -22.66 17.38
CA CYS D 54 0.19 -22.76 17.92
C CYS D 54 0.10 -22.12 19.29
N ALA D 55 1.11 -22.34 20.13
CA ALA D 55 1.09 -21.75 21.48
C ALA D 55 1.33 -20.25 21.42
N LEU D 56 2.19 -19.78 20.51
CA LEU D 56 2.43 -18.35 20.40
C LEU D 56 1.17 -17.61 19.97
N ARG D 57 0.48 -18.13 18.95
CA ARG D 57 -0.74 -17.48 18.52
C ARG D 57 -1.80 -17.50 19.61
N PHE D 58 -1.82 -18.58 20.40
CA PHE D 58 -2.73 -18.66 21.55
C PHE D 58 -2.44 -17.57 22.57
N GLY D 59 -1.18 -17.18 22.72
CA GLY D 59 -0.86 -16.11 23.64
C GLY D 59 0.34 -16.36 24.52
N PHE D 60 0.96 -17.53 24.38
CA PHE D 60 2.20 -17.87 25.08
C PHE D 60 3.36 -17.17 24.37
N GLU D 61 3.83 -16.08 24.96
CA GLU D 61 4.80 -15.22 24.30
C GLU D 61 6.20 -15.38 24.87
N ASN D 62 6.40 -16.30 25.81
CA ASN D 62 7.71 -16.47 26.45
C ASN D 62 8.16 -17.91 26.20
N ILE D 63 8.90 -18.12 25.12
CA ILE D 63 9.28 -19.46 24.71
C ILE D 63 10.79 -19.48 24.54
N THR D 64 11.43 -20.42 25.20
CA THR D 64 12.84 -20.68 25.01
C THR D 64 12.94 -21.94 24.16
N ILE D 65 13.71 -21.87 23.08
CA ILE D 65 13.83 -22.99 22.15
C ILE D 65 15.30 -23.38 22.04
N VAL D 66 15.58 -24.66 22.27
CA VAL D 66 16.92 -25.22 22.21
C VAL D 66 16.89 -26.38 21.22
N ASP D 67 17.76 -26.32 20.23
CA ASP D 67 17.88 -27.39 19.24
C ASP D 67 19.17 -27.15 18.46
N GLY D 68 19.88 -28.23 18.12
CA GLY D 68 21.12 -28.05 17.39
C GLY D 68 21.09 -28.46 15.92
N ASP D 69 19.96 -28.97 15.44
CA ASP D 69 19.85 -29.47 14.09
C ASP D 69 19.66 -28.31 13.10
N HIS D 70 19.92 -28.61 11.82
CA HIS D 70 19.59 -27.71 10.72
C HIS D 70 18.34 -28.21 9.98
N VAL D 71 17.73 -27.31 9.21
CA VAL D 71 16.53 -27.68 8.48
C VAL D 71 16.93 -28.51 7.27
N GLU D 72 16.32 -29.66 7.13
CA GLU D 72 16.50 -30.56 6.00
C GLU D 72 15.21 -30.66 5.20
N ASN D 73 15.36 -31.10 3.95
CA ASN D 73 14.23 -31.28 3.04
C ASN D 73 13.14 -32.16 3.64
N SER D 74 13.52 -33.27 4.28
CA SER D 74 12.53 -34.19 4.84
C SER D 74 11.72 -33.58 5.98
N ASN D 75 12.13 -32.43 6.52
CA ASN D 75 11.33 -31.80 7.55
C ASN D 75 10.04 -31.16 7.04
N LEU D 76 9.99 -30.78 5.77
CA LEU D 76 8.90 -29.92 5.28
C LEU D 76 7.55 -30.63 5.22
N ASN D 77 7.51 -31.93 5.41
CA ASN D 77 6.25 -32.67 5.37
C ASN D 77 5.48 -32.60 6.68
N ARG D 78 6.05 -31.99 7.74
CA ARG D 78 5.42 -32.00 9.06
C ARG D 78 5.95 -30.93 10.02
N GLN D 79 6.96 -30.15 9.63
CA GLN D 79 7.57 -29.16 10.50
C GLN D 79 7.45 -27.75 9.94
N ASN D 80 7.62 -26.76 10.83
CA ASN D 80 7.25 -25.37 10.55
C ASN D 80 8.39 -24.62 9.87
N TYR D 81 8.80 -25.11 8.69
CA TYR D 81 9.89 -24.48 7.95
C TYR D 81 9.52 -24.40 6.47
N THR D 82 10.28 -23.57 5.75
CA THR D 82 10.07 -23.28 4.35
C THR D 82 11.26 -23.74 3.53
N GLU D 83 11.12 -23.69 2.19
CA GLU D 83 12.24 -24.04 1.32
C GLU D 83 13.43 -23.14 1.58
N GLY D 84 13.19 -21.86 1.88
CA GLY D 84 14.28 -20.94 2.16
C GLY D 84 14.99 -21.22 3.46
N ASP D 85 14.34 -21.94 4.37
CA ASP D 85 14.93 -22.31 5.64
C ASP D 85 15.91 -23.48 5.54
N VAL D 86 15.88 -24.23 4.44
CA VAL D 86 16.70 -25.45 4.33
C VAL D 86 18.17 -25.08 4.42
N SER D 87 18.91 -25.81 5.26
CA SER D 87 20.33 -25.65 5.59
C SER D 87 20.55 -24.61 6.67
N VAL D 88 19.50 -24.04 7.23
CA VAL D 88 19.63 -23.08 8.32
C VAL D 88 19.41 -23.79 9.66
N ASN D 89 20.02 -23.25 10.71
CA ASN D 89 19.78 -23.73 12.06
C ASN D 89 18.29 -23.73 12.32
N LYS D 90 17.73 -24.86 12.75
CA LYS D 90 16.30 -24.90 13.03
C LYS D 90 15.88 -23.76 13.95
N VAL D 91 16.70 -23.43 14.95
CA VAL D 91 16.33 -22.42 15.93
C VAL D 91 16.25 -21.04 15.27
N GLU D 92 17.14 -20.76 14.31
CA GLU D 92 17.10 -19.47 13.62
C GLU D 92 15.84 -19.32 12.79
N ALA D 93 15.47 -20.37 12.05
CA ALA D 93 14.34 -20.28 11.15
C ALA D 93 13.02 -20.19 11.92
N ILE D 94 12.84 -20.99 12.97
CA ILE D 94 11.56 -20.93 13.67
C ILE D 94 11.40 -19.62 14.43
N LYS D 95 12.50 -19.04 14.88
CA LYS D 95 12.39 -17.74 15.54
C LYS D 95 11.96 -16.68 14.54
N ALA D 96 12.44 -16.76 13.31
CA ALA D 96 11.96 -15.83 12.28
C ALA D 96 10.45 -15.95 12.10
N ARG D 97 9.93 -17.18 11.95
CA ARG D 97 8.48 -17.36 11.82
C ARG D 97 7.76 -16.82 13.05
N LEU D 98 8.22 -17.22 14.24
CA LEU D 98 7.51 -16.82 15.45
C LEU D 98 7.57 -15.31 15.63
N LYS D 99 8.73 -14.69 15.37
CA LYS D 99 8.85 -13.26 15.59
C LYS D 99 8.11 -12.45 14.53
N SER D 100 7.83 -13.05 13.37
CA SER D 100 6.96 -12.42 12.39
C SER D 100 5.48 -12.52 12.74
N ILE D 101 5.08 -13.49 13.56
CA ILE D 101 3.72 -13.54 14.09
C ILE D 101 3.52 -12.54 15.21
N ASN D 102 4.52 -12.38 16.10
CA ASN D 102 4.37 -11.49 17.26
C ASN D 102 5.73 -10.84 17.52
N SER D 103 5.87 -9.58 17.11
CA SER D 103 7.15 -8.88 17.24
C SER D 103 7.53 -8.68 18.68
N LYS D 104 6.56 -8.44 19.56
CA LYS D 104 6.83 -8.23 20.98
C LYS D 104 6.98 -9.53 21.76
N ALA D 105 6.96 -10.70 21.09
CA ALA D 105 7.09 -11.95 21.83
C ALA D 105 8.53 -12.16 22.26
N ASN D 106 8.69 -12.88 23.35
CA ASN D 106 9.99 -13.11 23.97
C ASN D 106 10.43 -14.52 23.59
N ILE D 107 11.05 -14.65 22.43
CA ILE D 107 11.49 -15.93 21.89
C ILE D 107 13.00 -15.99 22.01
N LYS D 108 13.50 -16.77 22.97
CA LYS D 108 14.93 -16.92 23.20
C LYS D 108 15.35 -18.29 22.67
N ILE D 109 16.33 -18.32 21.76
CA ILE D 109 16.73 -19.56 21.12
C ILE D 109 18.18 -19.90 21.48
N HIS D 110 18.52 -21.19 21.36
CA HIS D 110 19.88 -21.66 21.63
C HIS D 110 20.27 -22.78 20.66
N ASN D 111 21.22 -22.48 19.78
CA ASN D 111 21.71 -23.43 18.78
C ASN D 111 22.81 -24.30 19.36
N CYS D 112 22.39 -25.24 20.19
CA CYS D 112 23.30 -26.16 20.84
C CYS D 112 22.51 -27.41 21.18
N PHE D 113 23.21 -28.54 21.23
CA PHE D 113 22.65 -29.80 21.68
C PHE D 113 22.66 -29.90 23.20
N LEU D 114 21.67 -30.60 23.74
CA LEU D 114 21.65 -30.79 25.18
C LEU D 114 22.54 -31.97 25.54
N THR D 115 23.35 -31.77 26.58
CA THR D 115 24.27 -32.76 27.10
C THR D 115 24.05 -32.86 28.59
N SER D 116 24.67 -33.86 29.22
CA SER D 116 24.56 -34.01 30.66
C SER D 116 25.06 -32.78 31.43
N ASP D 117 25.99 -32.02 30.84
CA ASP D 117 26.62 -30.88 31.52
C ASP D 117 25.85 -29.57 31.38
N ASN D 118 25.19 -29.32 30.25
CA ASN D 118 24.54 -28.02 30.04
C ASN D 118 23.04 -28.04 30.28
N VAL D 119 22.43 -29.22 30.41
CA VAL D 119 20.98 -29.32 30.37
C VAL D 119 20.34 -28.68 31.60
N GLU D 120 21.00 -28.74 32.76
CA GLU D 120 20.40 -28.17 33.95
C GLU D 120 20.28 -26.66 33.90
N GLU D 121 21.31 -25.98 33.36
CA GLU D 121 21.26 -24.53 33.33
C GLU D 121 20.17 -24.01 32.41
N TYR D 122 19.89 -24.73 31.32
CA TYR D 122 18.80 -24.31 30.43
C TYR D 122 17.45 -24.46 31.11
N ILE D 123 17.25 -25.57 31.82
CA ILE D 123 15.96 -25.82 32.47
C ILE D 123 15.66 -24.77 33.53
N LYS D 124 16.69 -24.33 34.27
CA LYS D 124 16.50 -23.34 35.34
C LYS D 124 15.77 -22.11 34.82
N GLY D 125 14.75 -21.70 35.54
CA GLY D 125 14.04 -20.48 35.24
C GLY D 125 12.74 -20.62 34.48
N HIS D 126 12.37 -21.84 34.10
CA HIS D 126 11.14 -22.07 33.36
C HIS D 126 10.12 -22.75 34.27
N LYS D 127 8.84 -22.52 33.99
CA LYS D 127 7.76 -23.13 34.76
C LYS D 127 7.25 -24.43 34.15
N VAL D 128 7.46 -24.65 32.85
CA VAL D 128 6.99 -25.87 32.19
C VAL D 128 7.90 -26.15 31.00
N ALA D 129 8.05 -27.42 30.68
CA ALA D 129 8.98 -27.85 29.63
C ALA D 129 8.33 -28.84 28.68
N ILE D 130 8.81 -28.81 27.45
CA ILE D 130 8.38 -29.76 26.42
C ILE D 130 9.62 -30.54 25.96
N ASN D 131 9.62 -31.85 26.22
CA ASN D 131 10.72 -32.75 25.84
C ASN D 131 10.40 -33.38 24.49
N ALA D 132 10.98 -32.81 23.45
CA ALA D 132 10.87 -33.32 22.09
C ALA D 132 12.23 -33.74 21.57
N LEU D 133 13.00 -34.42 22.42
CA LEU D 133 14.35 -34.77 22.06
C LEU D 133 14.39 -36.15 21.44
N ASP D 134 15.15 -36.26 20.34
CA ASP D 134 15.41 -37.56 19.75
C ASP D 134 16.00 -38.47 20.83
N PHE D 135 15.57 -39.72 20.81
CA PHE D 135 16.08 -40.68 21.79
C PHE D 135 17.53 -41.06 21.48
N SER D 136 18.10 -40.40 20.48
CA SER D 136 19.49 -40.56 20.07
C SER D 136 20.50 -40.36 21.20
N SER D 137 20.44 -39.22 21.88
CA SER D 137 21.19 -38.99 23.11
C SER D 137 20.63 -39.78 24.28
N GLU D 138 21.39 -39.73 25.38
CA GLU D 138 21.07 -40.31 26.68
C GLU D 138 20.36 -39.29 27.56
N VAL D 139 20.41 -38.00 27.17
CA VAL D 139 19.99 -36.88 27.99
C VAL D 139 18.47 -36.68 27.96
N PRO D 140 17.67 -37.35 27.12
CA PRO D 140 16.22 -37.10 27.18
C PRO D 140 15.61 -37.46 28.53
N LEU D 141 15.98 -38.62 29.11
CA LEU D 141 15.43 -39.03 30.42
C LEU D 141 16.06 -38.28 31.59
N LEU D 142 17.34 -37.94 31.51
CA LEU D 142 17.96 -37.14 32.57
C LEU D 142 17.26 -35.78 32.64
N PHE D 143 16.94 -35.24 31.46
CA PHE D 143 16.14 -34.02 31.33
C PHE D 143 14.90 -34.10 32.22
N ASP D 144 14.19 -35.24 32.17
CA ASP D 144 12.97 -35.39 32.95
C ASP D 144 13.26 -35.42 34.43
N GLU D 145 14.31 -36.15 34.84
CA GLU D 145 14.65 -36.25 36.25
C GLU D 145 14.95 -34.87 36.84
N ILE D 146 15.69 -34.03 36.10
CA ILE D 146 16.02 -32.69 36.59
C ILE D 146 14.75 -31.84 36.70
N CYS D 147 13.87 -31.97 35.71
CA CYS D 147 12.59 -31.24 35.73
C CYS D 147 11.74 -31.64 36.92
N GLN D 148 11.67 -32.94 37.20
CA GLN D 148 10.96 -33.41 38.38
C GLN D 148 11.52 -32.79 39.67
N LYS D 149 12.84 -32.82 39.85
CA LYS D 149 13.42 -32.23 41.07
C LYS D 149 13.03 -30.77 41.26
N MET D 150 12.74 -30.06 40.17
CA MET D 150 12.44 -28.64 40.24
C MET D 150 10.95 -28.32 40.16
N ASP D 151 10.07 -29.30 40.26
CA ASP D 151 8.62 -29.06 40.17
C ASP D 151 8.25 -28.48 38.81
N ILE D 152 8.91 -28.95 37.77
CA ILE D 152 8.62 -28.51 36.41
C ILE D 152 7.96 -29.68 35.68
N PRO D 153 6.67 -29.59 35.36
CA PRO D 153 6.02 -30.63 34.55
C PRO D 153 6.55 -30.67 33.12
N VAL D 154 6.56 -31.87 32.56
CA VAL D 154 7.17 -32.11 31.25
C VAL D 154 6.13 -32.69 30.31
N LEU D 155 5.93 -32.04 29.17
CA LEU D 155 5.09 -32.56 28.12
C LEU D 155 5.93 -33.40 27.17
N HIS D 156 5.48 -34.63 26.88
CA HIS D 156 6.08 -35.50 25.88
C HIS D 156 5.12 -35.64 24.72
N PRO D 157 5.31 -34.87 23.64
CA PRO D 157 4.48 -35.02 22.45
C PRO D 157 5.07 -36.01 21.45
N TYR D 158 4.19 -36.77 20.82
CA TYR D 158 4.59 -37.72 19.79
C TYR D 158 3.68 -37.59 18.57
N ASN D 159 4.28 -37.79 17.41
CA ASN D 159 3.58 -37.74 16.13
C ASN D 159 3.31 -39.18 15.72
N LEU D 160 2.08 -39.63 15.94
CA LEU D 160 1.71 -40.98 15.55
C LEU D 160 1.05 -41.00 14.19
N GLY D 161 1.49 -40.14 13.29
CA GLY D 161 0.96 -40.07 11.94
C GLY D 161 -0.45 -39.54 11.87
N TRP D 162 -1.44 -40.43 11.98
CA TRP D 162 -2.83 -40.01 12.02
C TRP D 162 -3.24 -39.45 13.38
N GLY D 163 -2.48 -39.76 14.43
CA GLY D 163 -2.85 -39.38 15.79
C GLY D 163 -1.78 -38.50 16.42
N GLY D 164 -2.21 -37.68 17.38
CA GLY D 164 -1.31 -36.95 18.27
C GLY D 164 -1.38 -37.51 19.68
N LEU D 165 -0.21 -37.66 20.30
CA LEU D 165 -0.09 -38.19 21.66
C LEU D 165 0.72 -37.24 22.51
N VAL D 166 0.18 -36.88 23.68
CA VAL D 166 0.92 -36.12 24.70
C VAL D 166 0.72 -36.81 26.03
N THR D 167 1.82 -37.00 26.76
CA THR D 167 1.78 -37.42 28.16
C THR D 167 2.63 -36.47 29.00
N ILE D 168 2.18 -36.20 30.23
CA ILE D 168 2.87 -35.24 31.10
C ILE D 168 3.53 -35.99 32.25
N ILE D 169 4.84 -35.80 32.40
CA ILE D 169 5.57 -36.33 33.55
C ILE D 169 5.37 -35.33 34.70
N SER D 170 4.68 -35.77 35.72
CA SER D 170 4.52 -34.78 36.77
C SER D 170 5.64 -34.87 37.79
N PRO D 171 5.96 -33.75 38.44
CA PRO D 171 7.10 -33.73 39.36
C PRO D 171 7.05 -34.82 40.41
N LYS D 172 5.88 -35.09 40.99
CA LYS D 172 5.77 -36.10 42.04
C LYS D 172 5.27 -37.44 41.49
N GLY D 173 5.26 -37.63 40.17
CA GLY D 173 4.74 -38.82 39.55
C GLY D 173 5.80 -39.70 38.89
N LEU D 174 5.32 -40.75 38.24
CA LEU D 174 6.19 -41.70 37.56
C LEU D 174 6.97 -41.04 36.43
N SER D 175 8.16 -41.56 36.19
CA SER D 175 8.97 -41.15 35.05
C SER D 175 8.77 -42.15 33.92
N LEU D 176 9.24 -41.77 32.72
CA LEU D 176 9.06 -42.64 31.56
C LEU D 176 9.73 -44.01 31.67
N ASN D 177 10.77 -44.16 32.52
CA ASN D 177 11.42 -45.45 32.68
C ASN D 177 10.46 -46.60 32.98
N SER D 178 9.38 -46.31 33.71
CA SER D 178 8.42 -47.31 34.15
C SER D 178 7.88 -48.15 33.00
N ILE D 179 7.98 -47.67 31.77
CA ILE D 179 7.52 -48.41 30.59
C ILE D 179 8.65 -49.18 29.93
N ALA D 180 9.90 -48.93 30.33
CA ALA D 180 11.07 -49.63 29.83
C ALA D 180 11.17 -51.02 30.44
N LYS D 181 11.74 -51.95 29.67
CA LYS D 181 11.85 -53.33 30.10
C LYS D 181 13.14 -53.55 30.88
N LYS D 182 13.02 -54.29 31.98
CA LYS D 182 14.11 -54.57 32.91
C LYS D 182 15.29 -55.20 32.21
N GLY D 183 16.30 -54.39 31.96
CA GLY D 183 17.57 -54.81 31.39
C GLY D 183 17.90 -54.16 30.07
N GLU D 184 16.95 -53.51 29.40
CA GLU D 184 17.24 -52.89 28.12
C GLU D 184 16.88 -51.42 28.13
N LYS D 185 17.46 -50.72 27.19
CA LYS D 185 17.37 -49.28 27.00
C LYS D 185 15.94 -48.92 26.60
N PHE D 186 15.62 -47.65 26.76
CA PHE D 186 14.30 -47.10 26.56
C PHE D 186 14.31 -46.20 25.35
N ASN D 187 13.38 -46.44 24.42
CA ASN D 187 13.26 -45.62 23.22
C ASN D 187 11.80 -45.29 22.94
N GLU D 188 11.51 -44.69 21.78
CA GLU D 188 10.14 -44.25 21.53
C GLU D 188 9.16 -45.41 21.27
N LEU D 189 9.64 -46.54 20.76
CA LEU D 189 8.74 -47.66 20.49
C LEU D 189 8.09 -48.21 21.75
N ASN D 190 8.76 -48.12 22.89
CA ASN D 190 8.14 -48.52 24.15
C ASN D 190 6.93 -47.65 24.46
N VAL D 191 7.02 -46.34 24.19
CA VAL D 191 5.91 -45.44 24.49
C VAL D 191 4.71 -45.77 23.61
N VAL D 192 4.94 -45.97 22.32
CA VAL D 192 3.81 -46.19 21.44
C VAL D 192 3.20 -47.58 21.67
N GLU D 193 4.02 -48.60 21.92
CA GLU D 193 3.46 -49.92 22.21
C GLU D 193 2.66 -49.93 23.50
N TYR D 194 3.06 -49.14 24.49
CA TYR D 194 2.26 -49.02 25.70
C TYR D 194 0.92 -48.37 25.41
N VAL D 195 0.91 -47.31 24.61
CA VAL D 195 -0.34 -46.62 24.32
C VAL D 195 -1.29 -47.54 23.56
N SER D 196 -0.79 -48.21 22.51
CA SER D 196 -1.65 -49.12 21.74
C SER D 196 -2.22 -50.20 22.65
N SER D 197 -1.38 -50.82 23.49
CA SER D 197 -1.82 -51.85 24.42
C SER D 197 -2.81 -51.31 25.45
N TYR D 198 -2.56 -50.11 25.97
CA TYR D 198 -3.44 -49.51 26.97
C TYR D 198 -4.82 -49.27 26.40
N MET D 199 -4.89 -48.72 25.19
CA MET D 199 -6.18 -48.47 24.57
C MET D 199 -6.95 -49.77 24.39
N ARG D 200 -6.26 -50.80 23.88
CA ARG D 200 -6.93 -52.09 23.67
C ARG D 200 -7.39 -52.67 24.98
N PHE D 201 -6.59 -52.49 26.04
CA PHE D 201 -6.98 -52.99 27.36
C PHE D 201 -8.34 -52.43 27.76
N TRP D 202 -8.56 -51.15 27.47
CA TRP D 202 -9.76 -50.48 27.93
C TRP D 202 -10.88 -50.52 26.91
N GLY D 203 -10.80 -51.42 25.93
CA GLY D 203 -11.90 -51.57 25.00
C GLY D 203 -11.97 -50.55 23.89
N LYS D 204 -10.95 -49.71 23.70
CA LYS D 204 -10.88 -48.74 22.61
C LYS D 204 -9.63 -49.01 21.77
N PRO D 205 -9.49 -50.21 21.19
CA PRO D 205 -8.29 -50.50 20.39
C PRO D 205 -8.11 -49.51 19.24
N GLN D 206 -6.86 -49.10 19.03
CA GLN D 206 -6.52 -48.20 17.93
C GLN D 206 -5.86 -49.02 16.81
N GLU D 207 -6.70 -49.54 15.92
CA GLU D 207 -6.19 -50.43 14.89
C GLU D 207 -5.29 -49.68 13.91
N TRP D 208 -5.56 -48.41 13.66
CA TRP D 208 -4.63 -47.61 12.87
C TRP D 208 -3.26 -47.54 13.51
N LEU D 209 -3.21 -47.37 14.84
CA LEU D 209 -1.93 -47.28 15.54
C LEU D 209 -1.23 -48.62 15.54
N GLU D 210 -1.98 -49.69 15.81
CA GLU D 210 -1.40 -51.02 15.78
C GLU D 210 -0.90 -51.37 14.38
N ASP D 211 -1.57 -50.87 13.34
CA ASP D 211 -1.18 -51.19 11.98
C ASP D 211 0.19 -50.62 11.66
N ILE D 212 0.43 -49.36 12.01
CA ILE D 212 1.72 -48.75 11.72
C ILE D 212 2.82 -49.31 12.62
N ILE D 213 2.50 -49.67 13.86
CA ILE D 213 3.52 -50.33 14.69
C ILE D 213 3.97 -51.63 14.04
N TYR D 214 3.01 -52.43 13.59
CA TYR D 214 3.36 -53.70 12.97
C TYR D 214 4.21 -53.46 11.73
N LYS D 215 3.79 -52.54 10.87
CA LYS D 215 4.57 -52.22 9.69
C LYS D 215 5.98 -51.72 10.06
N PHE D 216 6.07 -50.83 11.05
CA PHE D 216 7.38 -50.24 11.36
C PHE D 216 8.34 -51.28 11.96
N LYS D 217 7.85 -52.12 12.87
CA LYS D 217 8.70 -53.14 13.47
C LYS D 217 9.22 -54.14 12.44
N ASN D 218 8.35 -54.57 11.52
CA ASN D 218 8.71 -55.56 10.50
C ASN D 218 9.40 -54.96 9.31
N GLU D 219 9.92 -53.73 9.41
CA GLU D 219 10.77 -53.20 8.35
C GLU D 219 12.13 -53.89 8.38
N ARG D 220 12.59 -54.33 7.21
CA ARG D 220 13.92 -54.91 7.12
C ARG D 220 14.98 -53.91 7.55
N GLU D 221 14.99 -52.76 6.88
CA GLU D 221 15.96 -51.72 7.17
C GLU D 221 15.65 -50.97 8.44
N LYS D 222 16.70 -50.47 9.08
CA LYS D 222 16.59 -49.65 10.27
C LYS D 222 16.51 -48.22 9.77
N LEU D 223 15.33 -47.63 9.84
CA LEU D 223 15.10 -46.29 9.31
C LEU D 223 14.44 -45.46 10.40
N SER D 224 14.39 -44.15 10.19
CA SER D 224 13.71 -43.30 11.14
C SER D 224 12.20 -43.55 11.09
N PRO D 225 11.50 -43.34 12.21
CA PRO D 225 10.05 -43.55 12.23
C PRO D 225 9.35 -42.59 11.26
N PRO D 226 8.30 -43.05 10.58
CA PRO D 226 7.50 -42.13 9.76
C PRO D 226 6.68 -41.16 10.61
N GLN D 227 6.43 -39.98 10.04
CA GLN D 227 5.57 -38.99 10.68
C GLN D 227 4.82 -38.22 9.60
N LEU D 228 3.64 -37.72 9.96
CA LEU D 228 2.78 -36.97 9.07
C LEU D 228 2.47 -35.57 9.57
N SER D 229 2.09 -34.68 8.65
CA SER D 229 1.62 -33.36 9.07
C SER D 229 0.36 -33.48 9.93
N VAL D 230 -0.45 -34.52 9.70
CA VAL D 230 -1.68 -34.73 10.47
C VAL D 230 -1.39 -34.81 11.96
N GLY D 231 -0.44 -35.66 12.35
CA GLY D 231 -0.14 -35.81 13.77
C GLY D 231 0.48 -34.56 14.38
N SER D 232 1.37 -33.89 13.64
CA SER D 232 2.02 -32.69 14.15
C SER D 232 0.99 -31.62 14.48
N TRP D 233 0.07 -31.35 13.54
CA TRP D 233 -0.92 -30.31 13.78
C TRP D 233 -1.84 -30.66 14.93
N VAL D 234 -2.27 -31.92 15.02
CA VAL D 234 -3.14 -32.34 16.12
C VAL D 234 -2.40 -32.23 17.44
N VAL D 235 -1.16 -32.70 17.49
CA VAL D 235 -0.43 -32.68 18.75
C VAL D 235 -0.13 -31.24 19.17
N ALA D 236 0.06 -30.33 18.20
CA ALA D 236 0.28 -28.92 18.52
C ALA D 236 -0.91 -28.32 19.25
N GLY D 237 -2.12 -28.65 18.81
CA GLY D 237 -3.28 -28.17 19.54
C GLY D 237 -3.38 -28.77 20.93
N MET D 238 -3.14 -30.08 21.03
CA MET D 238 -3.15 -30.73 22.33
C MET D 238 -2.17 -30.10 23.30
N CYS D 239 -0.94 -29.88 22.85
CA CYS D 239 0.07 -29.29 23.73
C CYS D 239 -0.35 -27.91 24.19
N THR D 240 -0.88 -27.09 23.27
CA THR D 240 -1.29 -25.73 23.64
C THR D 240 -2.38 -25.76 24.70
N HIS D 241 -3.36 -26.63 24.54
CA HIS D 241 -4.42 -26.82 25.53
C HIS D 241 -3.82 -27.22 26.88
N ILE D 242 -2.90 -28.19 26.86
CA ILE D 242 -2.29 -28.66 28.10
C ILE D 242 -1.50 -27.55 28.79
N LEU D 243 -0.72 -26.77 28.02
CA LEU D 243 -0.02 -25.63 28.62
C LEU D 243 -1.00 -24.69 29.31
N PHE D 244 -2.12 -24.40 28.65
CA PHE D 244 -3.09 -23.49 29.25
C PHE D 244 -3.60 -24.05 30.57
N ASN D 245 -3.92 -25.34 30.59
CA ASN D 245 -4.41 -25.94 31.82
C ASN D 245 -3.34 -25.91 32.90
N ILE D 246 -2.09 -26.22 32.53
CA ILE D 246 -1.00 -26.21 33.50
C ILE D 246 -0.76 -24.81 34.05
N ALA D 247 -0.76 -23.81 33.17
CA ALA D 247 -0.49 -22.45 33.64
C ALA D 247 -1.64 -21.93 34.51
N THR D 248 -2.88 -22.24 34.15
CA THR D 248 -4.02 -21.80 34.95
C THR D 248 -4.37 -22.79 36.05
N GLN D 249 -3.56 -23.82 36.25
CA GLN D 249 -3.74 -24.76 37.36
C GLN D 249 -5.10 -25.45 37.28
N ARG D 250 -5.49 -25.82 36.07
CA ARG D 250 -6.60 -26.71 35.88
C ARG D 250 -6.07 -28.14 35.91
N GLU D 251 -6.94 -29.07 36.29
CA GLU D 251 -6.48 -30.44 36.43
C GLU D 251 -5.99 -30.99 35.09
N ILE D 252 -4.96 -31.83 35.14
CA ILE D 252 -4.46 -32.56 33.98
C ILE D 252 -4.15 -33.99 34.39
N LYS D 253 -4.12 -34.89 33.40
CA LYS D 253 -3.66 -36.24 33.65
C LYS D 253 -2.15 -36.26 33.61
N SER D 254 -1.55 -36.93 34.59
CA SER D 254 -0.11 -37.13 34.57
C SER D 254 0.19 -38.55 34.13
N PHE D 255 1.36 -38.74 33.55
CA PHE D 255 1.85 -40.07 33.28
C PHE D 255 1.78 -40.93 34.54
N PRO D 256 1.35 -42.19 34.45
CA PRO D 256 1.12 -43.08 33.30
C PRO D 256 -0.13 -42.82 32.48
N GLU D 257 -0.92 -41.81 32.82
CA GLU D 257 -2.01 -41.48 31.91
C GLU D 257 -1.53 -40.55 30.81
N PHE D 258 -2.32 -40.50 29.74
CA PHE D 258 -1.91 -39.75 28.57
C PHE D 258 -3.14 -39.24 27.82
N TYR D 259 -2.87 -38.40 26.82
CA TYR D 259 -3.88 -37.88 25.91
C TYR D 259 -3.59 -38.37 24.50
N LEU D 260 -4.58 -39.00 23.87
CA LEU D 260 -4.45 -39.47 22.49
C LEU D 260 -5.61 -38.89 21.67
N SER D 261 -5.29 -38.17 20.60
CA SER D 261 -6.31 -37.48 19.81
C SER D 261 -6.14 -37.82 18.34
N SER D 262 -7.23 -38.23 17.70
CA SER D 262 -7.16 -38.62 16.30
C SER D 262 -8.52 -38.47 15.65
N LEU D 263 -8.52 -38.56 14.31
CA LEU D 263 -9.79 -38.57 13.58
C LEU D 263 -10.68 -39.71 14.05
N GLU D 264 -10.06 -40.86 14.35
CA GLU D 264 -10.65 -42.13 14.81
C GLU D 264 -11.24 -42.99 13.68
N GLY D 265 -10.83 -42.79 12.42
CA GLY D 265 -11.40 -43.54 11.32
C GLY D 265 -11.35 -42.88 9.95
N MET E 16 -23.79 -19.36 -39.14
CA MET E 16 -23.52 -18.47 -38.01
C MET E 16 -24.73 -18.44 -37.06
N LYS E 17 -24.58 -17.88 -35.86
CA LYS E 17 -25.76 -17.68 -35.02
C LYS E 17 -26.54 -16.48 -35.52
N HIS E 18 -27.83 -16.41 -35.16
CA HIS E 18 -28.62 -15.26 -35.60
C HIS E 18 -28.07 -13.93 -35.08
N ARG E 19 -27.35 -13.95 -33.96
CA ARG E 19 -26.67 -12.75 -33.47
C ARG E 19 -25.56 -12.26 -34.40
N TYR E 20 -24.89 -13.17 -35.10
CA TYR E 20 -23.81 -12.79 -36.01
C TYR E 20 -24.27 -12.80 -37.47
N SER E 21 -25.57 -12.72 -37.69
CA SER E 21 -26.11 -12.73 -39.05
C SER E 21 -25.55 -11.58 -39.87
N ARG E 22 -25.49 -10.37 -39.30
CA ARG E 22 -25.02 -9.23 -40.08
C ARG E 22 -23.50 -9.21 -40.22
N ASN E 23 -22.81 -10.22 -39.69
CA ASN E 23 -21.38 -10.39 -39.88
C ASN E 23 -21.03 -11.05 -41.21
N ARG E 24 -22.02 -11.49 -41.99
CA ARG E 24 -21.74 -12.28 -43.19
C ARG E 24 -20.95 -11.48 -44.22
N LEU E 25 -20.42 -12.20 -45.20
CA LEU E 25 -19.55 -11.63 -46.24
C LEU E 25 -18.22 -11.18 -45.64
N TYR E 26 -18.26 -10.40 -44.55
CA TYR E 26 -17.04 -10.04 -43.84
C TYR E 26 -16.39 -11.26 -43.19
N LEU E 27 -17.19 -12.13 -42.57
CA LEU E 27 -16.74 -13.37 -41.94
C LEU E 27 -17.53 -14.55 -42.50
N ASN E 28 -16.83 -15.67 -42.76
CA ASN E 28 -17.49 -16.92 -43.10
C ASN E 28 -17.80 -17.72 -41.84
N PRO E 29 -18.66 -18.74 -41.93
CA PRO E 29 -19.03 -19.51 -40.72
C PRO E 29 -17.86 -20.10 -39.96
N LYS E 30 -16.79 -20.54 -40.65
CA LYS E 30 -15.65 -21.14 -39.97
C LYS E 30 -14.83 -20.12 -39.18
N GLU E 31 -14.73 -18.89 -39.67
CA GLU E 31 -14.03 -17.86 -38.91
C GLU E 31 -14.84 -17.43 -37.69
N GLN E 32 -16.16 -17.27 -37.86
CA GLN E 32 -17.03 -16.94 -36.73
C GLN E 32 -16.95 -18.00 -35.64
N GLU E 33 -16.94 -19.28 -36.03
CA GLU E 33 -16.78 -20.35 -35.05
C GLU E 33 -15.41 -20.30 -34.38
N LEU E 34 -14.36 -20.04 -35.17
CA LEU E 34 -13.00 -20.06 -34.63
C LEU E 34 -12.77 -18.98 -33.58
N ILE E 35 -13.19 -17.74 -33.85
CA ILE E 35 -12.92 -16.70 -32.87
C ILE E 35 -13.80 -16.85 -31.63
N LYS E 36 -14.86 -17.66 -31.71
CA LYS E 36 -15.75 -17.85 -30.58
C LYS E 36 -14.99 -18.32 -29.36
N ASP E 37 -14.07 -19.27 -29.54
CA ASP E 37 -13.33 -19.85 -28.42
C ASP E 37 -11.87 -19.41 -28.35
N TYR E 38 -11.40 -18.57 -29.30
CA TYR E 38 -10.02 -18.08 -29.31
C TYR E 38 -9.71 -17.35 -28.01
N PRO E 39 -8.84 -17.92 -27.16
CA PRO E 39 -8.62 -17.38 -25.81
C PRO E 39 -7.79 -16.11 -25.84
N ILE E 40 -8.39 -15.01 -25.39
CA ILE E 40 -7.76 -13.70 -25.32
C ILE E 40 -7.48 -13.38 -23.87
N LEU E 41 -6.28 -12.90 -23.59
CA LEU E 41 -5.99 -12.37 -22.26
C LEU E 41 -5.95 -10.85 -22.34
N LEU E 42 -6.71 -10.19 -21.48
CA LEU E 42 -6.78 -8.74 -21.40
C LEU E 42 -6.23 -8.30 -20.07
N GLY E 43 -5.07 -7.66 -20.10
CA GLY E 43 -4.51 -7.11 -18.90
C GLY E 43 -4.84 -5.65 -18.76
N GLY E 44 -5.77 -5.33 -17.87
CA GLY E 44 -6.19 -3.97 -17.72
C GLY E 44 -7.59 -3.73 -18.23
N ALA E 45 -8.47 -3.33 -17.32
CA ALA E 45 -9.87 -3.09 -17.62
C ALA E 45 -10.18 -1.61 -17.77
N GLY E 46 -9.19 -0.80 -18.15
CA GLY E 46 -9.48 0.60 -18.36
C GLY E 46 -9.86 0.86 -19.80
N ILE E 47 -8.89 1.27 -20.62
CA ILE E 47 -9.10 1.32 -22.08
C ILE E 47 -9.56 -0.05 -22.58
N GLY E 48 -9.16 -1.13 -21.89
CA GLY E 48 -9.56 -2.47 -22.25
C GLY E 48 -11.03 -2.80 -22.02
N SER E 49 -11.72 -2.01 -21.19
CA SER E 49 -13.13 -2.27 -20.98
C SER E 49 -13.95 -1.89 -22.21
N ILE E 50 -13.48 -0.87 -22.95
CA ILE E 50 -14.09 -0.55 -24.25
C ILE E 50 -13.76 -1.63 -25.27
N ILE E 51 -12.50 -2.08 -25.30
CA ILE E 51 -12.07 -3.11 -26.26
C ILE E 51 -12.89 -4.38 -26.07
N ALA E 52 -13.17 -4.75 -24.82
CA ALA E 52 -13.85 -6.01 -24.55
C ALA E 52 -15.24 -6.04 -25.17
N GLU E 53 -16.01 -4.96 -25.04
CA GLU E 53 -17.36 -4.96 -25.58
C GLU E 53 -17.32 -5.07 -27.10
N CYS E 54 -16.46 -4.28 -27.74
CA CYS E 54 -16.37 -4.33 -29.20
C CYS E 54 -15.95 -5.71 -29.68
N ALA E 55 -14.99 -6.33 -29.02
CA ALA E 55 -14.55 -7.64 -29.45
C ALA E 55 -15.61 -8.71 -29.16
N LEU E 56 -16.32 -8.58 -28.04
CA LEU E 56 -17.36 -9.56 -27.71
C LEU E 56 -18.48 -9.52 -28.74
N ARG E 57 -18.99 -8.32 -29.04
CA ARG E 57 -20.07 -8.22 -30.02
C ARG E 57 -19.62 -8.71 -31.38
N PHE E 58 -18.35 -8.47 -31.72
CA PHE E 58 -17.80 -9.00 -32.96
C PHE E 58 -17.85 -10.53 -33.00
N GLY E 59 -17.70 -11.20 -31.85
CA GLY E 59 -17.82 -12.64 -31.84
C GLY E 59 -16.78 -13.38 -31.01
N PHE E 60 -15.83 -12.64 -30.42
CA PHE E 60 -14.85 -13.20 -29.51
C PHE E 60 -15.52 -13.44 -28.16
N GLU E 61 -15.80 -14.70 -27.85
CA GLU E 61 -16.55 -15.09 -26.68
C GLU E 61 -15.69 -15.71 -25.59
N ASN E 62 -14.37 -15.77 -25.75
CA ASN E 62 -13.47 -16.37 -24.76
C ASN E 62 -12.50 -15.29 -24.33
N ILE E 63 -12.85 -14.55 -23.28
CA ILE E 63 -12.09 -13.39 -22.86
C ILE E 63 -11.78 -13.55 -21.38
N THR E 64 -10.50 -13.44 -21.02
CA THR E 64 -10.05 -13.35 -19.64
C THR E 64 -9.65 -11.90 -19.37
N ILE E 65 -10.17 -11.32 -18.29
CA ILE E 65 -9.89 -9.94 -17.94
C ILE E 65 -9.26 -9.89 -16.54
N VAL E 66 -8.10 -9.23 -16.44
CA VAL E 66 -7.36 -9.10 -15.19
C VAL E 66 -7.13 -7.62 -14.90
N ASP E 67 -7.58 -7.18 -13.74
CA ASP E 67 -7.45 -5.79 -13.31
C ASP E 67 -7.74 -5.77 -11.83
N GLY E 68 -7.03 -4.92 -11.10
CA GLY E 68 -7.22 -4.80 -9.68
C GLY E 68 -7.89 -3.52 -9.23
N ASP E 69 -8.22 -2.65 -10.17
CA ASP E 69 -8.79 -1.35 -9.85
C ASP E 69 -10.29 -1.47 -9.60
N HIS E 70 -10.81 -0.47 -8.91
CA HIS E 70 -12.24 -0.21 -8.76
C HIS E 70 -12.65 0.99 -9.63
N VAL E 71 -13.95 1.10 -9.88
CA VAL E 71 -14.45 2.15 -10.76
C VAL E 71 -14.46 3.48 -10.02
N GLU E 72 -13.87 4.50 -10.63
CA GLU E 72 -13.85 5.85 -10.08
C GLU E 72 -14.68 6.75 -10.97
N ASN E 73 -15.09 7.89 -10.42
CA ASN E 73 -15.88 8.83 -11.20
C ASN E 73 -15.19 9.23 -12.49
N SER E 74 -13.88 9.52 -12.42
CA SER E 74 -13.14 10.01 -13.58
C SER E 74 -13.08 9.01 -14.74
N ASN E 75 -13.46 7.75 -14.53
CA ASN E 75 -13.48 6.75 -15.59
C ASN E 75 -14.61 6.93 -16.59
N LEU E 76 -15.69 7.61 -16.22
CA LEU E 76 -16.92 7.57 -17.01
C LEU E 76 -16.79 8.27 -18.36
N ASN E 77 -15.73 9.05 -18.58
CA ASN E 77 -15.50 9.76 -19.82
C ASN E 77 -14.86 8.92 -20.92
N ARG E 78 -14.43 7.68 -20.64
CA ARG E 78 -13.70 6.93 -21.67
C ARG E 78 -13.72 5.42 -21.40
N GLN E 79 -14.34 4.99 -20.32
CA GLN E 79 -14.36 3.58 -19.96
C GLN E 79 -15.79 3.04 -19.87
N ASN E 80 -15.89 1.72 -19.90
CA ASN E 80 -17.16 1.03 -20.09
C ASN E 80 -17.86 0.77 -18.75
N TYR E 81 -18.14 1.85 -18.01
CA TYR E 81 -18.79 1.71 -16.70
C TYR E 81 -19.87 2.78 -16.54
N THR E 82 -20.77 2.55 -15.58
CA THR E 82 -21.91 3.44 -15.37
C THR E 82 -21.81 4.08 -13.98
N GLU E 83 -22.69 5.05 -13.75
CA GLU E 83 -22.74 5.68 -12.43
C GLU E 83 -23.00 4.63 -11.35
N GLY E 84 -23.78 3.60 -11.68
CA GLY E 84 -24.03 2.52 -10.73
C GLY E 84 -22.84 1.62 -10.47
N ASP E 85 -21.88 1.60 -11.40
CA ASP E 85 -20.68 0.77 -11.24
C ASP E 85 -19.63 1.38 -10.32
N VAL E 86 -19.75 2.66 -9.97
CA VAL E 86 -18.71 3.37 -9.23
C VAL E 86 -18.53 2.71 -7.87
N SER E 87 -17.26 2.46 -7.50
CA SER E 87 -16.76 1.81 -6.28
C SER E 87 -16.73 0.30 -6.39
N VAL E 88 -17.10 -0.28 -7.51
CA VAL E 88 -17.06 -1.73 -7.72
C VAL E 88 -15.75 -2.08 -8.42
N ASN E 89 -15.27 -3.30 -8.20
CA ASN E 89 -14.14 -3.81 -8.97
C ASN E 89 -14.42 -3.69 -10.45
N LYS E 90 -13.49 -3.08 -11.18
CA LYS E 90 -13.70 -2.97 -12.62
C LYS E 90 -14.01 -4.33 -13.22
N VAL E 91 -13.36 -5.39 -12.72
CA VAL E 91 -13.55 -6.69 -13.33
C VAL E 91 -14.97 -7.21 -13.10
N GLU E 92 -15.54 -6.93 -11.92
CA GLU E 92 -16.92 -7.33 -11.65
C GLU E 92 -17.91 -6.58 -12.53
N ALA E 93 -17.69 -5.28 -12.71
CA ALA E 93 -18.60 -4.45 -13.49
C ALA E 93 -18.52 -4.78 -14.97
N ILE E 94 -17.31 -4.94 -15.52
CA ILE E 94 -17.21 -5.20 -16.95
C ILE E 94 -17.74 -6.58 -17.27
N LYS E 95 -17.62 -7.53 -16.33
CA LYS E 95 -18.21 -8.84 -16.53
C LYS E 95 -19.73 -8.74 -16.51
N ALA E 96 -20.27 -7.92 -15.60
CA ALA E 96 -21.70 -7.67 -15.60
C ALA E 96 -22.14 -7.10 -16.94
N ARG E 97 -21.41 -6.09 -17.42
CA ARG E 97 -21.71 -5.49 -18.71
C ARG E 97 -21.64 -6.52 -19.84
N LEU E 98 -20.52 -7.25 -19.92
CA LEU E 98 -20.33 -8.21 -21.01
C LEU E 98 -21.35 -9.33 -20.97
N LYS E 99 -21.68 -9.83 -19.78
CA LYS E 99 -22.58 -10.97 -19.71
C LYS E 99 -24.03 -10.58 -19.96
N SER E 100 -24.38 -9.30 -19.82
CA SER E 100 -25.71 -8.88 -20.26
C SER E 100 -25.78 -8.77 -21.78
N ILE E 101 -24.64 -8.57 -22.45
CA ILE E 101 -24.62 -8.60 -23.91
C ILE E 101 -24.67 -10.03 -24.43
N ASN E 102 -23.94 -10.94 -23.78
CA ASN E 102 -23.89 -12.33 -24.22
C ASN E 102 -23.84 -13.21 -22.98
N SER E 103 -24.99 -13.79 -22.61
CA SER E 103 -25.06 -14.63 -21.42
C SER E 103 -24.28 -15.93 -21.59
N LYS E 104 -24.26 -16.49 -22.80
CA LYS E 104 -23.55 -17.73 -23.11
C LYS E 104 -22.04 -17.49 -23.35
N ALA E 105 -21.55 -16.27 -23.14
CA ALA E 105 -20.13 -15.95 -23.31
C ALA E 105 -19.28 -16.48 -22.16
N ASN E 106 -18.00 -16.75 -22.46
CA ASN E 106 -17.04 -17.29 -21.49
C ASN E 106 -16.14 -16.16 -21.01
N ILE E 107 -16.63 -15.44 -19.99
CA ILE E 107 -15.97 -14.26 -19.43
C ILE E 107 -15.39 -14.65 -18.07
N LYS E 108 -14.08 -14.85 -18.00
CA LYS E 108 -13.39 -15.21 -16.76
C LYS E 108 -12.63 -14.00 -16.27
N ILE E 109 -12.87 -13.56 -15.03
CA ILE E 109 -12.24 -12.36 -14.51
C ILE E 109 -11.35 -12.69 -13.33
N HIS E 110 -10.39 -11.80 -13.06
CA HIS E 110 -9.46 -11.93 -11.94
C HIS E 110 -9.16 -10.56 -11.32
N ASN E 111 -9.61 -10.36 -10.08
CA ASN E 111 -9.39 -9.12 -9.33
C ASN E 111 -8.05 -9.13 -8.60
N CYS E 112 -6.98 -8.90 -9.35
CA CYS E 112 -5.66 -8.77 -8.72
C CYS E 112 -4.81 -7.92 -9.65
N PHE E 113 -3.83 -7.22 -9.06
CA PHE E 113 -2.82 -6.54 -9.86
C PHE E 113 -1.73 -7.51 -10.27
N LEU E 114 -1.23 -7.34 -11.47
CA LEU E 114 -0.19 -8.21 -11.95
C LEU E 114 1.15 -7.73 -11.44
N THR E 115 1.96 -8.68 -11.01
CA THR E 115 3.29 -8.43 -10.48
C THR E 115 4.29 -9.31 -11.22
N SER E 116 5.57 -9.07 -10.95
CA SER E 116 6.61 -9.94 -11.52
C SER E 116 6.45 -11.42 -11.12
N ASP E 117 5.82 -11.70 -9.97
CA ASP E 117 5.73 -13.09 -9.50
C ASP E 117 4.52 -13.84 -10.07
N ASN E 118 3.39 -13.16 -10.29
CA ASN E 118 2.17 -13.85 -10.70
C ASN E 118 1.87 -13.73 -12.19
N VAL E 119 2.59 -12.89 -12.93
CA VAL E 119 2.11 -12.51 -14.26
C VAL E 119 2.20 -13.69 -15.23
N GLU E 120 3.25 -14.52 -15.11
CA GLU E 120 3.40 -15.63 -16.05
C GLU E 120 2.27 -16.65 -15.90
N GLU E 121 1.84 -16.91 -14.68
CA GLU E 121 0.79 -17.89 -14.43
C GLU E 121 -0.55 -17.46 -15.07
N TYR E 122 -0.83 -16.15 -15.11
CA TYR E 122 -2.03 -15.63 -15.76
C TYR E 122 -1.92 -15.74 -17.29
N ILE E 123 -0.74 -15.47 -17.85
CA ILE E 123 -0.54 -15.51 -19.30
C ILE E 123 -0.77 -16.91 -19.86
N LYS E 124 -0.33 -17.94 -19.13
CA LYS E 124 -0.39 -19.32 -19.60
C LYS E 124 -1.78 -19.67 -20.11
N GLY E 125 -1.84 -20.25 -21.31
CA GLY E 125 -3.09 -20.75 -21.85
C GLY E 125 -3.81 -19.89 -22.86
N HIS E 126 -3.31 -18.71 -23.17
CA HIS E 126 -3.96 -17.81 -24.11
C HIS E 126 -3.19 -17.73 -25.41
N LYS E 127 -3.93 -17.48 -26.50
CA LYS E 127 -3.35 -17.39 -27.83
C LYS E 127 -2.93 -15.99 -28.20
N VAL E 128 -3.51 -14.98 -27.54
CA VAL E 128 -3.19 -13.58 -27.83
C VAL E 128 -3.45 -12.77 -26.56
N ALA E 129 -2.70 -11.68 -26.41
CA ALA E 129 -2.77 -10.84 -25.22
C ALA E 129 -2.87 -9.38 -25.58
N ILE E 130 -3.56 -8.64 -24.71
CA ILE E 130 -3.71 -7.20 -24.81
C ILE E 130 -3.09 -6.59 -23.56
N ASN E 131 -2.00 -5.83 -23.73
CA ASN E 131 -1.33 -5.21 -22.60
C ASN E 131 -1.87 -3.80 -22.45
N ALA E 132 -2.81 -3.61 -21.53
CA ALA E 132 -3.37 -2.31 -21.18
C ALA E 132 -3.02 -2.01 -19.73
N LEU E 133 -1.79 -2.30 -19.37
CA LEU E 133 -1.36 -2.18 -17.99
C LEU E 133 -0.74 -0.82 -17.75
N ASP E 134 -1.17 -0.20 -16.65
CA ASP E 134 -0.56 1.03 -16.19
C ASP E 134 0.93 0.84 -15.99
N PHE E 135 1.68 1.83 -16.42
CA PHE E 135 3.12 2.00 -16.37
C PHE E 135 3.65 2.40 -15.00
N SER E 136 2.83 2.31 -13.96
CA SER E 136 3.35 2.64 -12.64
C SER E 136 4.09 1.50 -11.97
N SER E 137 3.93 0.25 -12.39
CA SER E 137 4.91 -0.75 -11.95
C SER E 137 5.73 -1.07 -13.19
N GLU E 138 6.76 -1.92 -13.06
CA GLU E 138 7.50 -2.20 -14.28
C GLU E 138 6.98 -3.42 -15.03
N VAL E 139 5.71 -3.81 -14.88
CA VAL E 139 5.42 -5.17 -15.29
C VAL E 139 4.80 -5.17 -16.70
N PRO E 140 4.63 -4.02 -17.38
CA PRO E 140 4.15 -4.12 -18.77
C PRO E 140 5.18 -4.81 -19.66
N LEU E 141 6.46 -4.46 -19.48
CA LEU E 141 7.50 -5.04 -20.31
C LEU E 141 7.82 -6.46 -19.93
N LEU E 142 7.77 -6.79 -18.65
CA LEU E 142 7.97 -8.18 -18.27
C LEU E 142 6.85 -9.04 -18.83
N PHE E 143 5.63 -8.50 -18.78
CA PHE E 143 4.47 -9.13 -19.42
C PHE E 143 4.81 -9.47 -20.87
N ASP E 144 5.43 -8.51 -21.58
CA ASP E 144 5.76 -8.72 -22.99
C ASP E 144 6.83 -9.80 -23.17
N GLU E 145 7.87 -9.78 -22.31
CA GLU E 145 8.95 -10.76 -22.44
C GLU E 145 8.42 -12.17 -22.32
N ILE E 146 7.51 -12.37 -21.37
CA ILE E 146 6.92 -13.70 -21.18
C ILE E 146 6.08 -14.09 -22.37
N CYS E 147 5.27 -13.16 -22.88
CA CYS E 147 4.44 -13.50 -24.01
C CYS E 147 5.28 -13.87 -25.22
N GLN E 148 6.36 -13.11 -25.47
CA GLN E 148 7.26 -13.46 -26.56
C GLN E 148 7.80 -14.87 -26.37
N LYS E 149 8.25 -15.18 -25.16
CA LYS E 149 8.73 -16.53 -24.85
C LYS E 149 7.66 -17.59 -25.14
N MET E 150 6.38 -17.25 -25.01
CA MET E 150 5.33 -18.24 -25.16
C MET E 150 4.66 -18.19 -26.52
N ASP E 151 5.20 -17.39 -27.44
CA ASP E 151 4.63 -17.26 -28.78
C ASP E 151 3.21 -16.69 -28.75
N ILE E 152 3.00 -15.74 -27.86
CA ILE E 152 1.76 -14.99 -27.70
C ILE E 152 2.00 -13.57 -28.18
N PRO E 153 1.42 -13.15 -29.30
CA PRO E 153 1.53 -11.75 -29.70
C PRO E 153 0.78 -10.85 -28.72
N VAL E 154 1.30 -9.64 -28.53
CA VAL E 154 0.79 -8.69 -27.53
C VAL E 154 0.35 -7.43 -28.25
N LEU E 155 -0.90 -7.04 -28.05
CA LEU E 155 -1.42 -5.77 -28.54
C LEU E 155 -1.18 -4.71 -27.48
N HIS E 156 -0.63 -3.56 -27.88
CA HIS E 156 -0.48 -2.38 -27.02
C HIS E 156 -1.39 -1.25 -27.49
N PRO E 157 -2.56 -1.08 -26.88
CA PRO E 157 -3.44 0.03 -27.23
C PRO E 157 -3.17 1.29 -26.40
N TYR E 158 -3.24 2.44 -27.06
CA TYR E 158 -3.08 3.73 -26.40
C TYR E 158 -4.18 4.66 -26.84
N ASN E 159 -4.61 5.51 -25.91
CA ASN E 159 -5.69 6.48 -26.11
C ASN E 159 -5.00 7.83 -26.30
N LEU E 160 -4.88 8.25 -27.56
CA LEU E 160 -4.27 9.52 -27.87
C LEU E 160 -5.30 10.63 -28.02
N GLY E 161 -6.37 10.58 -27.26
CA GLY E 161 -7.39 11.60 -27.36
C GLY E 161 -8.17 11.55 -28.65
N TRP E 162 -7.68 12.27 -29.65
CA TRP E 162 -8.28 12.22 -30.97
C TRP E 162 -7.91 10.97 -31.76
N GLY E 163 -6.84 10.29 -31.36
CA GLY E 163 -6.35 9.14 -32.10
C GLY E 163 -6.37 7.86 -31.30
N GLY E 164 -6.45 6.74 -32.00
CA GLY E 164 -6.22 5.41 -31.42
C GLY E 164 -4.92 4.85 -31.97
N LEU E 165 -4.10 4.28 -31.09
CA LEU E 165 -2.82 3.71 -31.48
C LEU E 165 -2.73 2.28 -30.98
N VAL E 166 -2.40 1.35 -31.88
CA VAL E 166 -2.09 -0.04 -31.52
C VAL E 166 -0.79 -0.42 -32.18
N THR E 167 0.08 -1.05 -31.41
CA THR E 167 1.28 -1.72 -31.89
C THR E 167 1.27 -3.15 -31.36
N ILE E 168 1.75 -4.08 -32.18
CA ILE E 168 1.74 -5.51 -31.88
C ILE E 168 3.18 -5.94 -31.64
N ILE E 169 3.46 -6.47 -30.46
CA ILE E 169 4.76 -7.06 -30.16
C ILE E 169 4.73 -8.50 -30.67
N SER E 170 5.52 -8.79 -31.70
CA SER E 170 5.36 -10.19 -32.10
C SER E 170 6.42 -11.07 -31.43
N PRO E 171 6.14 -12.37 -31.22
CA PRO E 171 7.08 -13.20 -30.46
C PRO E 171 8.52 -13.16 -30.92
N LYS E 172 8.78 -13.18 -32.23
CA LYS E 172 10.14 -13.23 -32.75
C LYS E 172 10.69 -11.85 -33.15
N GLY E 173 9.98 -10.76 -32.83
CA GLY E 173 10.34 -9.43 -33.23
C GLY E 173 10.78 -8.57 -32.07
N LEU E 174 11.00 -7.27 -32.37
CA LEU E 174 11.42 -6.34 -31.32
C LEU E 174 10.36 -6.14 -30.25
N SER E 175 10.85 -5.90 -29.04
CA SER E 175 10.06 -5.51 -27.87
C SER E 175 10.15 -4.01 -27.62
N LEU E 176 9.30 -3.53 -26.72
CA LEU E 176 9.31 -2.11 -26.37
C LEU E 176 10.64 -1.67 -25.77
N ASN E 177 11.42 -2.61 -25.25
CA ASN E 177 12.72 -2.28 -24.70
C ASN E 177 13.58 -1.47 -25.67
N SER E 178 13.41 -1.68 -26.98
CA SER E 178 14.22 -0.99 -27.99
C SER E 178 14.15 0.52 -27.86
N ILE E 179 13.06 1.02 -27.30
CA ILE E 179 12.85 2.45 -27.15
C ILE E 179 12.99 2.91 -25.70
N ALA E 180 13.44 2.02 -24.81
CA ALA E 180 13.70 2.41 -23.43
C ALA E 180 14.99 3.21 -23.38
N LYS E 181 15.01 4.22 -22.53
CA LYS E 181 16.18 5.09 -22.36
C LYS E 181 17.02 4.65 -21.16
N LYS E 182 18.34 4.64 -21.35
CA LYS E 182 19.23 4.21 -20.27
C LYS E 182 19.04 5.12 -19.07
N GLY E 183 18.93 4.51 -17.89
CA GLY E 183 18.88 5.27 -16.65
C GLY E 183 17.54 5.91 -16.27
N GLU E 184 16.54 5.95 -17.13
CA GLU E 184 15.31 6.57 -16.67
C GLU E 184 14.14 5.61 -16.86
N LYS E 185 13.09 5.83 -16.06
CA LYS E 185 11.95 4.92 -16.05
C LYS E 185 11.13 5.07 -17.31
N PHE E 186 10.41 4.01 -17.63
CA PHE E 186 9.71 3.84 -18.89
C PHE E 186 8.22 3.85 -18.63
N ASN E 187 7.49 4.68 -19.36
CA ASN E 187 6.05 4.76 -19.24
C ASN E 187 5.44 4.94 -20.63
N GLU E 188 4.16 5.29 -20.66
CA GLU E 188 3.46 5.40 -21.93
C GLU E 188 3.96 6.58 -22.76
N LEU E 189 4.50 7.60 -22.10
CA LEU E 189 5.00 8.77 -22.82
C LEU E 189 6.14 8.40 -23.76
N ASN E 190 6.92 7.39 -23.42
CA ASN E 190 7.97 6.92 -24.31
C ASN E 190 7.40 6.37 -25.61
N VAL E 191 6.29 5.64 -25.55
CA VAL E 191 5.69 5.10 -26.76
C VAL E 191 5.18 6.23 -27.63
N VAL E 192 4.45 7.17 -27.02
CA VAL E 192 3.79 8.21 -27.79
C VAL E 192 4.82 9.15 -28.41
N GLU E 193 5.91 9.45 -27.68
CA GLU E 193 6.95 10.26 -28.28
C GLU E 193 7.63 9.53 -29.43
N TYR E 194 7.76 8.21 -29.33
CA TYR E 194 8.30 7.42 -30.43
C TYR E 194 7.39 7.49 -31.66
N VAL E 195 6.09 7.30 -31.44
CA VAL E 195 5.13 7.34 -32.53
C VAL E 195 5.14 8.72 -33.19
N SER E 196 5.13 9.76 -32.37
CA SER E 196 5.20 11.12 -32.88
C SER E 196 6.44 11.34 -33.76
N SER E 197 7.59 10.86 -33.30
CA SER E 197 8.82 10.98 -34.09
C SER E 197 8.80 10.16 -35.38
N TYR E 198 8.26 8.93 -35.33
CA TYR E 198 8.24 8.08 -36.52
C TYR E 198 7.41 8.74 -37.61
N MET E 199 6.24 9.27 -37.24
CA MET E 199 5.36 9.96 -38.19
C MET E 199 6.04 11.17 -38.82
N ARG E 200 6.72 12.00 -38.01
CA ARG E 200 7.41 13.14 -38.57
C ARG E 200 8.54 12.69 -39.50
N PHE E 201 9.27 11.64 -39.10
CA PHE E 201 10.32 11.08 -39.95
C PHE E 201 9.80 10.74 -41.34
N TRP E 202 8.55 10.27 -41.41
CA TRP E 202 7.95 9.84 -42.66
C TRP E 202 7.21 10.94 -43.38
N GLY E 203 7.43 12.19 -42.99
CA GLY E 203 6.88 13.34 -43.69
C GLY E 203 5.43 13.62 -43.41
N LYS E 204 4.81 12.88 -42.49
CA LYS E 204 3.41 13.10 -42.12
C LYS E 204 3.29 13.35 -40.61
N PRO E 205 3.92 14.42 -40.12
CA PRO E 205 3.87 14.74 -38.69
C PRO E 205 2.44 14.97 -38.21
N GLN E 206 2.16 14.47 -37.02
CA GLN E 206 0.86 14.63 -36.35
C GLN E 206 0.99 15.78 -35.36
N GLU E 207 0.73 17.01 -35.84
CA GLU E 207 0.95 18.18 -35.00
C GLU E 207 -0.03 18.25 -33.84
N TRP E 208 -1.24 17.74 -34.02
CA TRP E 208 -2.15 17.63 -32.88
C TRP E 208 -1.55 16.79 -31.76
N LEU E 209 -0.90 15.68 -32.13
CA LEU E 209 -0.25 14.79 -31.18
C LEU E 209 0.96 15.45 -30.54
N GLU E 210 1.75 16.16 -31.35
CA GLU E 210 2.89 16.89 -30.83
C GLU E 210 2.46 17.95 -29.84
N ASP E 211 1.30 18.57 -30.07
CA ASP E 211 0.83 19.61 -29.20
C ASP E 211 0.48 19.06 -27.82
N ILE E 212 -0.25 17.94 -27.77
CA ILE E 212 -0.71 17.40 -26.48
C ILE E 212 0.45 16.85 -25.68
N ILE E 213 1.46 16.28 -26.34
CA ILE E 213 2.66 15.84 -25.64
C ILE E 213 3.32 17.04 -24.96
N TYR E 214 3.47 18.14 -25.70
CA TYR E 214 4.07 19.34 -25.16
C TYR E 214 3.27 19.88 -23.98
N LYS E 215 1.97 20.00 -24.15
CA LYS E 215 1.12 20.47 -23.06
C LYS E 215 1.23 19.56 -21.84
N PHE E 216 1.24 18.25 -22.07
CA PHE E 216 1.27 17.33 -20.95
C PHE E 216 2.58 17.43 -20.18
N LYS E 217 3.70 17.50 -20.90
CA LYS E 217 5.00 17.59 -20.25
C LYS E 217 5.15 18.90 -19.47
N ASN E 218 4.74 20.02 -20.07
CA ASN E 218 4.91 21.29 -19.39
C ASN E 218 3.81 21.58 -18.38
N GLU E 219 3.03 20.57 -17.99
CA GLU E 219 2.09 20.75 -16.90
C GLU E 219 2.86 20.86 -15.61
N ARG E 220 2.49 21.84 -14.78
CA ARG E 220 3.18 22.01 -13.49
C ARG E 220 3.02 20.77 -12.62
N GLU E 221 1.77 20.40 -12.30
CA GLU E 221 1.57 19.21 -11.49
C GLU E 221 1.77 17.93 -12.29
N LYS E 222 2.15 16.87 -11.59
CA LYS E 222 2.32 15.54 -12.15
C LYS E 222 1.00 14.79 -12.01
N LEU E 223 0.31 14.60 -13.13
CA LEU E 223 -1.00 13.96 -13.18
C LEU E 223 -0.97 12.87 -14.24
N SER E 224 -2.02 12.04 -14.24
CA SER E 224 -2.16 11.04 -15.29
C SER E 224 -2.52 11.68 -16.62
N PRO E 225 -2.16 11.02 -17.72
CA PRO E 225 -2.44 11.57 -19.05
C PRO E 225 -3.92 11.70 -19.31
N PRO E 226 -4.32 12.76 -20.00
CA PRO E 226 -5.72 12.87 -20.42
C PRO E 226 -6.01 11.82 -21.48
N GLN E 227 -7.28 11.45 -21.54
CA GLN E 227 -7.77 10.52 -22.54
C GLN E 227 -9.20 10.93 -22.86
N LEU E 228 -9.64 10.63 -24.08
CA LEU E 228 -10.96 11.02 -24.56
C LEU E 228 -11.74 9.79 -24.99
N SER E 229 -13.06 9.92 -24.99
CA SER E 229 -13.87 8.81 -25.48
C SER E 229 -13.55 8.49 -26.93
N VAL E 230 -13.15 9.51 -27.70
CA VAL E 230 -12.85 9.32 -29.12
C VAL E 230 -11.80 8.23 -29.30
N GLY E 231 -10.69 8.36 -28.61
CA GLY E 231 -9.61 7.40 -28.73
C GLY E 231 -9.95 6.02 -28.23
N SER E 232 -10.70 5.94 -27.13
CA SER E 232 -11.10 4.64 -26.62
C SER E 232 -11.95 3.88 -27.63
N TRP E 233 -12.98 4.55 -28.17
CA TRP E 233 -13.86 3.90 -29.13
C TRP E 233 -13.15 3.56 -30.43
N VAL E 234 -12.31 4.47 -30.93
CA VAL E 234 -11.57 4.17 -32.16
C VAL E 234 -10.61 3.03 -31.93
N VAL E 235 -9.87 3.06 -30.81
CA VAL E 235 -8.87 2.04 -30.53
C VAL E 235 -9.57 0.71 -30.25
N ALA E 236 -10.79 0.74 -29.73
CA ALA E 236 -11.52 -0.49 -29.52
C ALA E 236 -11.78 -1.19 -30.85
N GLY E 237 -12.17 -0.41 -31.87
CA GLY E 237 -12.39 -0.98 -33.20
C GLY E 237 -11.11 -1.49 -33.82
N MET E 238 -10.02 -0.75 -33.67
CA MET E 238 -8.73 -1.19 -34.18
C MET E 238 -8.29 -2.53 -33.58
N CYS E 239 -8.39 -2.68 -32.26
CA CYS E 239 -7.97 -3.94 -31.65
C CYS E 239 -8.80 -5.10 -32.14
N THR E 240 -10.10 -4.89 -32.29
CA THR E 240 -10.96 -5.97 -32.74
C THR E 240 -10.58 -6.41 -34.15
N HIS E 241 -10.29 -5.47 -35.04
CA HIS E 241 -9.82 -5.87 -36.37
C HIS E 241 -8.52 -6.67 -36.25
N ILE E 242 -7.59 -6.20 -35.41
CA ILE E 242 -6.31 -6.87 -35.23
C ILE E 242 -6.49 -8.27 -34.65
N LEU E 243 -7.35 -8.42 -33.64
CA LEU E 243 -7.59 -9.75 -33.09
C LEU E 243 -8.09 -10.69 -34.17
N PHE E 244 -9.00 -10.21 -35.01
CA PHE E 244 -9.52 -11.05 -36.08
C PHE E 244 -8.40 -11.47 -37.02
N ASN E 245 -7.51 -10.54 -37.35
CA ASN E 245 -6.38 -10.86 -38.23
C ASN E 245 -5.42 -11.86 -37.59
N ILE E 246 -5.12 -11.68 -36.30
CA ILE E 246 -4.20 -12.60 -35.64
C ILE E 246 -4.82 -13.99 -35.60
N ALA E 247 -6.11 -14.07 -35.24
CA ALA E 247 -6.77 -15.35 -35.09
C ALA E 247 -6.91 -16.06 -36.43
N THR E 248 -7.21 -15.32 -37.50
CA THR E 248 -7.35 -15.93 -38.81
C THR E 248 -6.04 -15.93 -39.61
N GLN E 249 -4.93 -15.51 -39.01
CA GLN E 249 -3.60 -15.57 -39.63
C GLN E 249 -3.48 -14.74 -40.91
N ARG E 250 -4.05 -13.54 -40.89
CA ARG E 250 -3.83 -12.51 -41.89
C ARG E 250 -2.67 -11.61 -41.46
N GLU E 251 -1.99 -10.98 -42.43
CA GLU E 251 -0.80 -10.19 -42.09
C GLU E 251 -1.14 -9.04 -41.15
N ILE E 252 -0.19 -8.71 -40.27
CA ILE E 252 -0.28 -7.56 -39.39
C ILE E 252 1.09 -6.88 -39.34
N LYS E 253 1.08 -5.61 -38.92
CA LYS E 253 2.31 -4.90 -38.62
C LYS E 253 2.72 -5.18 -37.19
N SER E 254 4.00 -5.52 -36.99
CA SER E 254 4.55 -5.67 -35.65
C SER E 254 5.43 -4.48 -35.35
N PHE E 255 5.55 -4.15 -34.08
CA PHE E 255 6.53 -3.16 -33.67
C PHE E 255 7.89 -3.54 -34.25
N PRO E 256 8.67 -2.59 -34.76
CA PRO E 256 8.55 -1.13 -34.65
C PRO E 256 7.46 -0.44 -35.50
N GLU E 257 6.69 -1.16 -36.30
CA GLU E 257 5.55 -0.55 -36.97
C GLU E 257 4.32 -0.58 -36.06
N PHE E 258 3.35 0.26 -36.39
CA PHE E 258 2.17 0.45 -35.55
C PHE E 258 1.00 0.92 -36.41
N TYR E 259 -0.18 0.92 -35.80
CA TYR E 259 -1.39 1.42 -36.44
C TYR E 259 -1.84 2.67 -35.71
N LEU E 260 -2.04 3.76 -36.45
CA LEU E 260 -2.51 5.03 -35.93
C LEU E 260 -3.74 5.45 -36.72
N SER E 261 -4.84 5.69 -36.03
CA SER E 261 -6.12 5.97 -36.66
C SER E 261 -6.67 7.22 -36.01
N SER E 262 -7.10 8.17 -36.84
CA SER E 262 -7.61 9.44 -36.34
C SER E 262 -8.55 10.01 -37.37
N LEU E 263 -9.27 11.07 -36.98
CA LEU E 263 -10.23 11.69 -37.90
C LEU E 263 -9.56 12.10 -39.22
N GLU E 264 -8.31 12.55 -39.15
CA GLU E 264 -7.46 12.80 -40.32
C GLU E 264 -6.57 11.58 -40.61
N GLY E 265 -7.20 10.42 -40.89
CA GLY E 265 -6.43 9.19 -41.10
C GLY E 265 -7.04 7.80 -40.80
N MET F 16 -15.77 21.87 -16.05
CA MET F 16 -15.48 20.44 -16.05
C MET F 16 -15.81 19.78 -14.71
N LYS F 17 -16.79 18.87 -14.72
CA LYS F 17 -17.11 18.03 -13.58
C LYS F 17 -16.00 16.98 -13.38
N HIS F 18 -15.95 16.41 -12.18
CA HIS F 18 -14.96 15.35 -11.94
C HIS F 18 -15.14 14.17 -12.90
N ARG F 19 -16.34 13.99 -13.44
CA ARG F 19 -16.60 13.01 -14.48
C ARG F 19 -15.83 13.30 -15.77
N TYR F 20 -15.67 14.57 -16.10
CA TYR F 20 -14.94 14.99 -17.29
C TYR F 20 -13.52 15.47 -16.94
N SER F 21 -13.02 15.03 -15.79
CA SER F 21 -11.70 15.45 -15.30
C SER F 21 -10.58 15.09 -16.28
N ARG F 22 -10.59 13.86 -16.79
CA ARG F 22 -9.52 13.39 -17.68
C ARG F 22 -9.63 13.93 -19.10
N ASN F 23 -10.60 14.82 -19.36
CA ASN F 23 -10.76 15.54 -20.62
C ASN F 23 -9.82 16.74 -20.77
N ARG F 24 -9.03 17.05 -19.74
CA ARG F 24 -8.25 18.29 -19.70
C ARG F 24 -7.18 18.31 -20.80
N LEU F 25 -6.63 19.50 -21.02
CA LEU F 25 -5.66 19.79 -22.08
C LEU F 25 -6.27 19.67 -23.47
N TYR F 26 -6.94 18.55 -23.76
CA TYR F 26 -7.67 18.42 -25.02
C TYR F 26 -8.80 19.44 -25.09
N LEU F 27 -9.52 19.63 -23.99
CA LEU F 27 -10.61 20.59 -23.90
C LEU F 27 -10.36 21.56 -22.76
N ASN F 28 -10.67 22.83 -22.98
CA ASN F 28 -10.69 23.77 -21.88
C ASN F 28 -12.07 23.81 -21.24
N PRO F 29 -12.18 24.38 -20.03
CA PRO F 29 -13.50 24.39 -19.36
C PRO F 29 -14.65 25.00 -20.16
N LYS F 30 -14.38 26.05 -20.94
CA LYS F 30 -15.48 26.68 -21.67
C LYS F 30 -16.02 25.79 -22.79
N GLU F 31 -15.16 24.96 -23.40
CA GLU F 31 -15.66 24.04 -24.42
C GLU F 31 -16.51 22.94 -23.78
N GLN F 32 -16.09 22.43 -22.62
CA GLN F 32 -16.88 21.42 -21.92
C GLN F 32 -18.26 21.96 -21.58
N GLU F 33 -18.34 23.23 -21.15
CA GLU F 33 -19.64 23.84 -20.90
C GLU F 33 -20.46 23.97 -22.17
N LEU F 34 -19.81 24.35 -23.27
CA LEU F 34 -20.54 24.58 -24.51
C LEU F 34 -21.20 23.29 -25.00
N ILE F 35 -20.46 22.18 -25.02
CA ILE F 35 -21.03 20.96 -25.54
C ILE F 35 -22.07 20.36 -24.59
N LYS F 36 -22.03 20.71 -23.31
CA LYS F 36 -23.00 20.17 -22.36
C LYS F 36 -24.43 20.47 -22.78
N ASP F 37 -24.69 21.69 -23.25
CA ASP F 37 -26.04 22.10 -23.62
C ASP F 37 -26.25 22.23 -25.12
N TYR F 38 -25.22 21.99 -25.93
CA TYR F 38 -25.30 22.07 -27.39
C TYR F 38 -26.36 21.12 -27.94
N PRO F 39 -27.46 21.63 -28.47
CA PRO F 39 -28.60 20.77 -28.82
C PRO F 39 -28.28 19.93 -30.05
N ILE F 40 -28.21 18.61 -29.87
CA ILE F 40 -27.95 17.65 -30.93
C ILE F 40 -29.22 16.89 -31.22
N LEU F 41 -29.52 16.72 -32.51
CA LEU F 41 -30.58 15.84 -32.97
C LEU F 41 -29.99 14.57 -33.59
N LEU F 42 -30.48 13.42 -33.14
CA LEU F 42 -30.03 12.11 -33.61
C LEU F 42 -31.17 11.40 -34.31
N GLY F 43 -31.03 11.21 -35.62
CA GLY F 43 -32.04 10.45 -36.34
C GLY F 43 -31.62 9.02 -36.58
N GLY F 44 -32.20 8.09 -35.82
CA GLY F 44 -31.79 6.71 -35.95
C GLY F 44 -30.94 6.20 -34.81
N ALA F 45 -31.47 5.26 -34.05
CA ALA F 45 -30.79 4.74 -32.86
C ALA F 45 -30.13 3.38 -33.10
N GLY F 46 -29.72 3.10 -34.33
CA GLY F 46 -29.01 1.86 -34.59
C GLY F 46 -27.50 1.98 -34.50
N ILE F 47 -26.86 2.21 -35.64
CA ILE F 47 -25.46 2.62 -35.63
C ILE F 47 -25.29 3.84 -34.73
N GLY F 48 -26.33 4.68 -34.66
CA GLY F 48 -26.37 5.87 -33.82
C GLY F 48 -26.38 5.60 -32.32
N SER F 49 -26.73 4.39 -31.89
CA SER F 49 -26.74 4.08 -30.46
C SER F 49 -25.31 4.00 -29.92
N ILE F 50 -24.38 3.55 -30.74
CA ILE F 50 -22.96 3.59 -30.38
C ILE F 50 -22.48 5.04 -30.37
N ILE F 51 -22.87 5.81 -31.38
CA ILE F 51 -22.45 7.22 -31.47
C ILE F 51 -22.92 7.98 -30.24
N ALA F 52 -24.15 7.74 -29.80
CA ALA F 52 -24.70 8.49 -28.68
C ALA F 52 -23.87 8.28 -27.40
N GLU F 53 -23.48 7.03 -27.12
CA GLU F 53 -22.71 6.77 -25.92
C GLU F 53 -21.36 7.46 -25.96
N CYS F 54 -20.65 7.33 -27.08
CA CYS F 54 -19.33 7.94 -27.19
C CYS F 54 -19.39 9.45 -27.02
N ALA F 55 -20.40 10.10 -27.61
CA ALA F 55 -20.53 11.54 -27.48
C ALA F 55 -20.96 11.97 -26.07
N LEU F 56 -21.84 11.20 -25.44
CA LEU F 56 -22.30 11.54 -24.09
C LEU F 56 -21.16 11.49 -23.09
N ARG F 57 -20.38 10.43 -23.13
CA ARG F 57 -19.26 10.37 -22.21
C ARG F 57 -18.29 11.51 -22.48
N PHE F 58 -18.18 11.92 -23.74
CA PHE F 58 -17.35 13.06 -24.13
C PHE F 58 -17.82 14.36 -23.47
N GLY F 59 -19.12 14.53 -23.28
CA GLY F 59 -19.62 15.73 -22.61
C GLY F 59 -20.84 16.38 -23.22
N PHE F 60 -21.30 15.81 -24.32
CA PHE F 60 -22.53 16.22 -24.98
C PHE F 60 -23.71 15.65 -24.21
N GLU F 61 -24.38 16.48 -23.41
CA GLU F 61 -25.41 16.04 -22.49
C GLU F 61 -26.81 16.39 -22.97
N ASN F 62 -26.94 16.97 -24.16
CA ASN F 62 -28.22 17.43 -24.70
C ASN F 62 -28.48 16.71 -26.02
N ILE F 63 -29.14 15.55 -25.96
CA ILE F 63 -29.29 14.68 -27.12
C ILE F 63 -30.75 14.30 -27.31
N THR F 64 -31.28 14.54 -28.51
CA THR F 64 -32.61 14.08 -28.90
C THR F 64 -32.47 12.87 -29.81
N ILE F 65 -33.20 11.80 -29.52
CA ILE F 65 -33.10 10.55 -30.29
C ILE F 65 -34.47 10.17 -30.82
N VAL F 66 -34.54 9.93 -32.13
CA VAL F 66 -35.77 9.53 -32.80
C VAL F 66 -35.51 8.23 -33.56
N ASP F 67 -36.34 7.23 -33.29
CA ASP F 67 -36.30 5.94 -33.95
C ASP F 67 -37.61 5.23 -33.62
N GLY F 68 -38.13 4.48 -34.57
CA GLY F 68 -39.38 3.76 -34.33
C GLY F 68 -39.20 2.26 -34.20
N ASP F 69 -37.96 1.81 -34.30
CA ASP F 69 -37.68 0.39 -34.27
C ASP F 69 -37.66 -0.11 -32.83
N HIS F 70 -37.83 -1.42 -32.69
CA HIS F 70 -37.55 -2.11 -31.45
C HIS F 70 -36.29 -2.94 -31.63
N VAL F 71 -35.72 -3.38 -30.50
CA VAL F 71 -34.47 -4.12 -30.54
C VAL F 71 -34.68 -5.55 -31.01
N GLU F 72 -33.88 -5.96 -31.99
CA GLU F 72 -33.83 -7.31 -32.54
C GLU F 72 -32.48 -7.95 -32.23
N ASN F 73 -32.47 -9.29 -32.26
CA ASN F 73 -31.26 -10.06 -31.99
C ASN F 73 -30.10 -9.71 -32.91
N SER F 74 -30.37 -9.52 -34.20
CA SER F 74 -29.29 -9.27 -35.15
C SER F 74 -28.55 -7.98 -34.89
N ASN F 75 -29.09 -7.11 -34.04
CA ASN F 75 -28.44 -5.85 -33.70
C ASN F 75 -27.24 -6.00 -32.78
N LEU F 76 -27.18 -7.08 -32.00
CA LEU F 76 -26.24 -7.18 -30.89
C LEU F 76 -24.79 -7.24 -31.35
N ASN F 77 -24.55 -7.46 -32.64
CA ASN F 77 -23.18 -7.53 -33.15
C ASN F 77 -22.55 -6.17 -33.39
N ARG F 78 -23.32 -5.08 -33.23
CA ARG F 78 -22.80 -3.76 -33.59
C ARG F 78 -23.53 -2.58 -32.96
N GLN F 79 -24.60 -2.82 -32.20
CA GLN F 79 -25.42 -1.73 -31.65
C GLN F 79 -25.45 -1.78 -30.12
N ASN F 80 -25.85 -0.67 -29.51
CA ASN F 80 -25.67 -0.44 -28.07
C ASN F 80 -26.83 -0.98 -27.22
N TYR F 81 -27.11 -2.28 -27.34
CA TYR F 81 -28.22 -2.84 -26.59
C TYR F 81 -27.81 -4.20 -26.01
N THR F 82 -28.57 -4.65 -25.01
CA THR F 82 -28.27 -5.87 -24.26
C THR F 82 -29.35 -6.91 -24.50
N GLU F 83 -29.08 -8.14 -24.03
CA GLU F 83 -30.09 -9.19 -24.14
C GLU F 83 -31.40 -8.80 -23.46
N GLY F 84 -31.32 -8.09 -22.34
CA GLY F 84 -32.54 -7.67 -21.67
C GLY F 84 -33.32 -6.61 -22.42
N ASP F 85 -32.67 -5.88 -23.32
CA ASP F 85 -33.33 -4.84 -24.11
C ASP F 85 -34.12 -5.39 -25.30
N VAL F 86 -33.89 -6.64 -25.69
CA VAL F 86 -34.47 -7.18 -26.93
C VAL F 86 -35.98 -7.16 -26.88
N SER F 87 -36.59 -6.68 -27.97
CA SER F 87 -38.01 -6.48 -28.25
C SER F 87 -38.55 -5.18 -27.67
N VAL F 88 -37.71 -4.36 -27.06
CA VAL F 88 -38.13 -3.06 -26.53
C VAL F 88 -37.77 -2.04 -27.59
N ASN F 89 -38.48 -0.91 -27.62
CA ASN F 89 -38.12 0.20 -28.49
C ASN F 89 -36.67 0.58 -28.32
N LYS F 90 -35.95 0.66 -29.44
CA LYS F 90 -34.56 1.07 -29.42
C LYS F 90 -34.38 2.36 -28.63
N VAL F 91 -35.34 3.29 -28.75
CA VAL F 91 -35.22 4.59 -28.10
C VAL F 91 -35.32 4.45 -26.59
N GLU F 92 -36.19 3.54 -26.13
CA GLU F 92 -36.34 3.29 -24.69
C GLU F 92 -35.08 2.66 -24.09
N ALA F 93 -34.46 1.73 -24.82
CA ALA F 93 -33.27 1.07 -24.31
C ALA F 93 -32.07 2.00 -24.24
N ILE F 94 -31.85 2.81 -25.27
CA ILE F 94 -30.68 3.68 -25.29
C ILE F 94 -30.79 4.80 -24.25
N LYS F 95 -32.00 5.30 -23.98
CA LYS F 95 -32.08 6.33 -22.94
C LYS F 95 -31.76 5.73 -21.57
N ALA F 96 -32.23 4.49 -21.32
CA ALA F 96 -31.87 3.80 -20.09
C ALA F 96 -30.36 3.62 -20.00
N ARG F 97 -29.76 3.12 -21.08
CA ARG F 97 -28.31 2.98 -21.13
C ARG F 97 -27.61 4.32 -20.94
N LEU F 98 -28.05 5.34 -21.67
CA LEU F 98 -27.40 6.64 -21.58
C LEU F 98 -27.58 7.25 -20.19
N LYS F 99 -28.79 7.16 -19.63
CA LYS F 99 -29.06 7.80 -18.35
C LYS F 99 -28.41 7.07 -17.18
N SER F 100 -28.09 5.79 -17.33
CA SER F 100 -27.30 5.13 -16.32
C SER F 100 -25.84 5.54 -16.39
N ILE F 101 -25.38 6.02 -17.55
CA ILE F 101 -24.06 6.63 -17.64
C ILE F 101 -24.05 8.03 -17.04
N ASN F 102 -25.11 8.82 -17.28
CA ASN F 102 -25.19 10.22 -16.83
C ASN F 102 -26.63 10.52 -16.44
N SER F 103 -26.92 10.50 -15.14
CA SER F 103 -28.27 10.74 -14.66
C SER F 103 -28.75 12.14 -14.98
N LYS F 104 -27.83 13.12 -14.96
CA LYS F 104 -28.13 14.53 -15.20
C LYS F 104 -28.22 14.87 -16.67
N ALA F 105 -28.10 13.89 -17.57
CA ALA F 105 -28.17 14.18 -18.99
C ALA F 105 -29.59 14.44 -19.48
N ASN F 106 -29.68 15.23 -20.53
CA ASN F 106 -30.94 15.66 -21.12
C ASN F 106 -31.13 14.80 -22.37
N ILE F 107 -31.68 13.60 -22.16
CA ILE F 107 -31.89 12.64 -23.24
C ILE F 107 -33.38 12.60 -23.54
N LYS F 108 -33.79 13.22 -24.66
CA LYS F 108 -35.19 13.30 -25.06
C LYS F 108 -35.42 12.34 -26.22
N ILE F 109 -36.34 11.40 -26.05
CA ILE F 109 -36.59 10.39 -27.08
C ILE F 109 -38.00 10.54 -27.61
N HIS F 110 -38.21 10.02 -28.82
CA HIS F 110 -39.50 10.02 -29.48
C HIS F 110 -39.64 8.69 -30.23
N ASN F 111 -40.58 7.85 -29.79
CA ASN F 111 -40.79 6.55 -30.42
C ASN F 111 -41.79 6.65 -31.57
N CYS F 112 -41.31 7.22 -32.67
CA CYS F 112 -42.09 7.38 -33.88
C CYS F 112 -41.12 7.47 -35.06
N PHE F 113 -41.56 7.04 -36.23
CA PHE F 113 -40.81 7.22 -37.47
C PHE F 113 -40.99 8.60 -38.08
N LEU F 114 -39.94 9.07 -38.75
CA LEU F 114 -39.98 10.36 -39.41
C LEU F 114 -40.66 10.24 -40.78
N THR F 115 -41.56 11.17 -41.06
CA THR F 115 -42.34 11.23 -42.29
C THR F 115 -42.20 12.64 -42.88
N SER F 116 -42.70 12.80 -44.11
CA SER F 116 -42.67 14.13 -44.73
C SER F 116 -43.41 15.15 -43.87
N ASP F 117 -44.42 14.72 -43.11
CA ASP F 117 -45.20 15.66 -42.34
C ASP F 117 -44.60 16.00 -40.98
N ASN F 118 -43.94 15.06 -40.31
CA ASN F 118 -43.46 15.32 -38.95
C ASN F 118 -41.98 15.66 -38.87
N VAL F 119 -41.22 15.50 -39.95
CA VAL F 119 -39.77 15.56 -39.86
C VAL F 119 -39.30 16.96 -39.52
N GLU F 120 -40.03 17.97 -39.99
CA GLU F 120 -39.64 19.35 -39.71
C GLU F 120 -39.83 19.73 -38.24
N GLU F 121 -40.92 19.29 -37.63
CA GLU F 121 -41.20 19.67 -36.24
C GLU F 121 -40.16 19.11 -35.27
N TYR F 122 -39.65 17.91 -35.53
CA TYR F 122 -38.59 17.34 -34.69
C TYR F 122 -37.29 18.09 -34.86
N ILE F 123 -36.97 18.48 -36.09
CA ILE F 123 -35.72 19.17 -36.41
C ILE F 123 -35.64 20.51 -35.68
N LYS F 124 -36.76 21.22 -35.59
CA LYS F 124 -36.79 22.55 -34.99
C LYS F 124 -36.12 22.57 -33.62
N GLY F 125 -35.19 23.53 -33.44
CA GLY F 125 -34.58 23.78 -32.14
C GLY F 125 -33.20 23.21 -31.90
N HIS F 126 -32.63 22.48 -32.86
CA HIS F 126 -31.32 21.85 -32.69
C HIS F 126 -30.27 22.58 -33.52
N LYS F 127 -29.03 22.52 -33.03
CA LYS F 127 -27.91 23.15 -33.72
C LYS F 127 -27.18 22.23 -34.67
N VAL F 128 -27.28 20.91 -34.49
CA VAL F 128 -26.59 19.97 -35.36
C VAL F 128 -27.40 18.68 -35.39
N ALA F 129 -27.32 17.96 -36.51
CA ALA F 129 -28.11 16.75 -36.68
C ALA F 129 -27.24 15.61 -37.19
N ILE F 130 -27.63 14.40 -36.81
CA ILE F 130 -26.98 13.17 -37.27
C ILE F 130 -28.05 12.36 -37.98
N ASN F 131 -27.85 12.16 -39.28
CA ASN F 131 -28.76 11.39 -40.13
C ASN F 131 -28.22 9.97 -40.17
N ALA F 132 -28.84 9.09 -39.37
CA ALA F 132 -28.55 7.67 -39.39
C ALA F 132 -29.80 6.89 -39.76
N LEU F 133 -30.54 7.38 -40.76
CA LEU F 133 -31.82 6.79 -41.12
C LEU F 133 -31.59 5.75 -42.21
N ASP F 134 -32.21 4.58 -42.07
CA ASP F 134 -32.16 3.62 -43.16
C ASP F 134 -32.65 4.30 -44.44
N PHE F 135 -31.94 4.05 -45.53
CA PHE F 135 -32.26 4.62 -46.83
C PHE F 135 -33.44 3.96 -47.50
N SER F 136 -34.11 3.02 -46.84
CA SER F 136 -35.31 2.47 -47.43
C SER F 136 -36.53 3.30 -47.10
N SER F 137 -36.46 4.17 -46.10
CA SER F 137 -37.53 5.13 -45.96
C SER F 137 -37.47 6.12 -47.13
N GLU F 138 -38.48 6.98 -47.21
CA GLU F 138 -38.61 7.94 -48.31
C GLU F 138 -37.98 9.29 -47.97
N VAL F 139 -37.71 9.54 -46.70
CA VAL F 139 -37.35 10.85 -46.18
C VAL F 139 -35.87 11.00 -45.79
N PRO F 140 -34.94 10.11 -46.19
CA PRO F 140 -33.53 10.34 -45.77
C PRO F 140 -33.01 11.64 -46.35
N LEU F 141 -33.25 11.87 -47.64
CA LEU F 141 -32.81 13.08 -48.32
C LEU F 141 -33.69 14.29 -48.00
N LEU F 142 -34.99 14.09 -47.76
CA LEU F 142 -35.82 15.22 -47.34
C LEU F 142 -35.37 15.76 -45.99
N PHE F 143 -34.98 14.85 -45.08
CA PHE F 143 -34.39 15.24 -43.80
C PHE F 143 -33.26 16.24 -44.00
N ASP F 144 -32.34 15.94 -44.93
CA ASP F 144 -31.17 16.80 -45.16
C ASP F 144 -31.56 18.14 -45.78
N GLU F 145 -32.46 18.12 -46.77
CA GLU F 145 -32.86 19.35 -47.44
C GLU F 145 -33.47 20.34 -46.45
N ILE F 146 -34.30 19.83 -45.54
CA ILE F 146 -34.91 20.67 -44.52
C ILE F 146 -33.84 21.21 -43.58
N CYS F 147 -32.89 20.34 -43.24
CA CYS F 147 -31.80 20.72 -42.34
C CYS F 147 -30.92 21.82 -42.93
N GLN F 148 -30.58 21.72 -44.21
CA GLN F 148 -29.77 22.77 -44.85
C GLN F 148 -30.43 24.13 -44.74
N LYS F 149 -31.72 24.21 -45.08
CA LYS F 149 -32.46 25.46 -45.03
C LYS F 149 -32.39 26.12 -43.65
N MET F 150 -32.19 25.32 -42.58
CA MET F 150 -32.26 25.85 -41.22
C MET F 150 -30.89 26.14 -40.60
N ASP F 151 -29.81 26.06 -41.37
CA ASP F 151 -28.42 26.25 -40.89
C ASP F 151 -28.00 25.23 -39.83
N ILE F 152 -28.47 24.00 -39.97
CA ILE F 152 -28.06 22.91 -39.09
C ILE F 152 -27.24 21.92 -39.95
N PRO F 153 -25.95 21.80 -39.72
CA PRO F 153 -25.17 20.78 -40.44
C PRO F 153 -25.58 19.36 -40.08
N VAL F 154 -25.42 18.46 -41.06
CA VAL F 154 -25.87 17.08 -40.95
C VAL F 154 -24.69 16.13 -41.12
N LEU F 155 -24.49 15.26 -40.13
CA LEU F 155 -23.52 14.18 -40.19
C LEU F 155 -24.18 12.93 -40.78
N HIS F 156 -23.53 12.34 -41.79
CA HIS F 156 -23.96 11.05 -42.31
C HIS F 156 -22.94 9.99 -41.95
N PRO F 157 -23.19 9.22 -40.89
CA PRO F 157 -22.29 8.14 -40.50
C PRO F 157 -22.65 6.84 -41.19
N TYR F 158 -21.63 6.09 -41.60
CA TYR F 158 -21.82 4.80 -42.25
C TYR F 158 -20.92 3.74 -41.63
N ASN F 159 -21.42 2.51 -41.61
CA ASN F 159 -20.71 1.36 -41.08
C ASN F 159 -20.19 0.56 -42.26
N LEU F 160 -18.91 0.75 -42.58
CA LEU F 160 -18.26 0.06 -43.69
C LEU F 160 -17.51 -1.19 -43.24
N GLY F 161 -18.06 -1.91 -42.26
CA GLY F 161 -17.46 -3.13 -41.77
C GLY F 161 -16.16 -2.90 -41.03
N TRP F 162 -15.04 -2.91 -41.75
CA TRP F 162 -13.76 -2.61 -41.15
C TRP F 162 -13.57 -1.12 -40.96
N GLY F 163 -14.34 -0.30 -41.65
CA GLY F 163 -14.16 1.13 -41.63
C GLY F 163 -15.33 1.93 -41.13
N GLY F 164 -15.05 3.13 -40.63
CA GLY F 164 -16.04 4.14 -40.38
C GLY F 164 -15.94 5.29 -41.39
N LEU F 165 -17.09 5.71 -41.91
CA LEU F 165 -17.18 6.78 -42.89
C LEU F 165 -18.18 7.82 -42.39
N VAL F 166 -17.77 9.09 -42.39
CA VAL F 166 -18.67 10.20 -42.09
C VAL F 166 -18.50 11.28 -43.14
N THR F 167 -19.62 11.81 -43.61
CA THR F 167 -19.60 13.00 -44.43
C THR F 167 -20.57 14.02 -43.84
N ILE F 168 -20.21 15.29 -43.92
CA ILE F 168 -21.01 16.36 -43.32
C ILE F 168 -21.62 17.14 -44.48
N ILE F 169 -22.94 17.21 -44.51
CA ILE F 169 -23.65 18.07 -45.43
C ILE F 169 -23.68 19.46 -44.80
N SER F 170 -23.03 20.35 -45.39
CA SER F 170 -23.13 21.66 -44.78
C SER F 170 -24.28 22.45 -45.42
N PRO F 171 -24.85 23.42 -44.68
CA PRO F 171 -26.02 24.13 -45.22
C PRO F 171 -25.81 24.72 -46.60
N LYS F 172 -24.66 25.35 -46.84
CA LYS F 172 -24.36 26.02 -48.11
C LYS F 172 -23.58 25.15 -49.07
N GLY F 173 -23.49 23.84 -48.83
CA GLY F 173 -22.71 22.97 -49.67
C GLY F 173 -23.58 22.01 -50.47
N LEU F 174 -22.89 21.13 -51.20
CA LEU F 174 -23.59 20.16 -52.00
C LEU F 174 -24.41 19.23 -51.11
N SER F 175 -25.52 18.77 -51.64
CA SER F 175 -26.32 17.78 -50.97
C SER F 175 -25.96 16.40 -51.49
N LEU F 176 -26.43 15.37 -50.78
CA LEU F 176 -26.13 14.01 -51.19
C LEU F 176 -26.69 13.66 -52.56
N ASN F 177 -27.71 14.41 -53.02
CA ASN F 177 -28.27 14.19 -54.34
C ASN F 177 -27.23 14.17 -55.45
N SER F 178 -26.19 15.01 -55.34
CA SER F 178 -25.23 15.13 -56.43
C SER F 178 -24.63 13.80 -56.88
N ILE F 179 -24.62 12.78 -56.01
CA ILE F 179 -24.09 11.46 -56.39
C ILE F 179 -25.20 10.47 -56.79
N ALA F 180 -26.46 10.83 -56.61
CA ALA F 180 -27.59 10.00 -57.04
C ALA F 180 -27.76 10.09 -58.55
N LYS F 181 -28.20 9.00 -59.15
CA LYS F 181 -28.43 8.91 -60.59
C LYS F 181 -29.86 9.26 -61.00
N LYS F 182 -29.98 10.06 -62.07
CA LYS F 182 -31.29 10.54 -62.53
C LYS F 182 -32.22 9.38 -62.83
N GLY F 183 -33.30 9.27 -62.08
CA GLY F 183 -34.33 8.30 -62.42
C GLY F 183 -34.44 7.17 -61.45
N GLU F 184 -33.46 7.00 -60.58
CA GLU F 184 -33.45 5.88 -59.67
C GLU F 184 -33.35 6.37 -58.23
N LYS F 185 -33.87 5.55 -57.33
CA LYS F 185 -33.91 5.87 -55.92
C LYS F 185 -32.50 5.80 -55.35
N PHE F 186 -32.31 6.51 -54.26
CA PHE F 186 -31.01 6.74 -53.65
C PHE F 186 -30.90 6.00 -52.34
N ASN F 187 -29.81 5.22 -52.21
CA ASN F 187 -29.57 4.44 -51.01
C ASN F 187 -28.10 4.53 -50.62
N GLU F 188 -27.69 3.72 -49.64
CA GLU F 188 -26.34 3.81 -49.10
C GLU F 188 -25.26 3.28 -50.05
N LEU F 189 -25.58 2.32 -50.91
CA LEU F 189 -24.59 1.79 -51.84
C LEU F 189 -24.07 2.85 -52.82
N ASN F 190 -24.89 3.83 -53.20
CA ASN F 190 -24.37 4.91 -54.02
C ASN F 190 -23.31 5.69 -53.26
N VAL F 191 -23.54 5.90 -51.96
CA VAL F 191 -22.57 6.60 -51.14
C VAL F 191 -21.28 5.81 -51.07
N VAL F 192 -21.39 4.51 -50.83
CA VAL F 192 -20.20 3.69 -50.64
C VAL F 192 -19.45 3.52 -51.95
N GLU F 193 -20.17 3.35 -53.06
CA GLU F 193 -19.52 3.24 -54.36
C GLU F 193 -18.81 4.52 -54.74
N TYR F 194 -19.36 5.65 -54.32
CA TYR F 194 -18.68 6.92 -54.52
C TYR F 194 -17.38 6.97 -53.74
N VAL F 195 -17.43 6.56 -52.48
CA VAL F 195 -16.23 6.64 -51.64
C VAL F 195 -15.13 5.73 -52.18
N SER F 196 -15.48 4.49 -52.55
CA SER F 196 -14.47 3.57 -53.09
C SER F 196 -13.86 4.13 -54.38
N SER F 197 -14.70 4.62 -55.30
CA SER F 197 -14.20 5.21 -56.55
C SER F 197 -13.36 6.45 -56.29
N TYR F 198 -13.80 7.28 -55.35
CA TYR F 198 -13.07 8.50 -55.01
C TYR F 198 -11.69 8.17 -54.46
N MET F 199 -11.60 7.21 -53.52
CA MET F 199 -10.30 6.82 -52.98
C MET F 199 -9.38 6.31 -54.08
N ARG F 200 -9.90 5.46 -54.97
CA ARG F 200 -9.06 4.99 -56.06
C ARG F 200 -8.68 6.13 -56.99
N PHE F 201 -9.61 7.06 -57.23
CA PHE F 201 -9.32 8.18 -58.09
C PHE F 201 -8.09 8.95 -57.62
N TRP F 202 -7.92 9.09 -56.31
CA TRP F 202 -6.79 9.84 -55.77
C TRP F 202 -5.58 8.96 -55.46
N GLY F 203 -5.54 7.75 -56.04
CA GLY F 203 -4.36 6.92 -55.91
C GLY F 203 -4.22 6.18 -54.59
N LYS F 204 -5.21 6.25 -53.71
CA LYS F 204 -5.19 5.54 -52.44
C LYS F 204 -6.41 4.61 -52.32
N PRO F 205 -6.55 3.65 -53.24
CA PRO F 205 -7.69 2.73 -53.19
C PRO F 205 -7.78 1.92 -51.91
N GLN F 206 -9.00 1.76 -51.44
CA GLN F 206 -9.33 0.94 -50.28
C GLN F 206 -9.84 -0.36 -50.87
N GLU F 207 -8.93 -1.29 -51.13
CA GLU F 207 -9.29 -2.55 -51.80
C GLU F 207 -10.16 -3.41 -50.91
N TRP F 208 -10.00 -3.32 -49.59
CA TRP F 208 -10.93 -4.01 -48.69
C TRP F 208 -12.36 -3.56 -48.92
N LEU F 209 -12.58 -2.25 -49.09
CA LEU F 209 -13.92 -1.72 -49.30
C LEU F 209 -14.44 -2.17 -50.66
N GLU F 210 -13.59 -2.14 -51.67
CA GLU F 210 -13.96 -2.58 -53.02
C GLU F 210 -14.33 -4.06 -53.02
N ASP F 211 -13.70 -4.86 -52.14
CA ASP F 211 -13.99 -6.29 -52.06
C ASP F 211 -15.41 -6.54 -51.57
N ILE F 212 -15.82 -5.85 -50.51
CA ILE F 212 -17.14 -6.08 -49.94
C ILE F 212 -18.26 -5.57 -50.85
N ILE F 213 -18.03 -4.47 -51.58
CA ILE F 213 -19.04 -4.03 -52.56
C ILE F 213 -19.29 -5.14 -53.57
N TYR F 214 -18.23 -5.73 -54.11
CA TYR F 214 -18.40 -6.82 -55.08
C TYR F 214 -19.17 -7.98 -54.48
N LYS F 215 -18.79 -8.42 -53.28
CA LYS F 215 -19.49 -9.50 -52.62
C LYS F 215 -20.96 -9.16 -52.37
N PHE F 216 -21.24 -7.93 -51.89
CA PHE F 216 -22.62 -7.63 -51.53
C PHE F 216 -23.52 -7.57 -52.77
N LYS F 217 -23.05 -6.91 -53.85
CA LYS F 217 -23.87 -6.82 -55.05
C LYS F 217 -24.10 -8.19 -55.70
N ASN F 218 -23.05 -9.01 -55.74
CA ASN F 218 -23.09 -10.32 -56.36
C ASN F 218 -23.69 -11.38 -55.45
N GLU F 219 -24.36 -10.95 -54.38
CA GLU F 219 -25.17 -11.84 -53.58
C GLU F 219 -26.41 -12.21 -54.35
N ARG F 220 -26.72 -13.51 -54.39
CA ARG F 220 -27.91 -13.97 -55.09
C ARG F 220 -29.15 -13.41 -54.43
N GLU F 221 -29.35 -13.69 -53.14
CA GLU F 221 -30.48 -13.09 -52.46
C GLU F 221 -30.16 -11.64 -52.16
N LYS F 222 -31.18 -10.78 -52.21
CA LYS F 222 -30.97 -9.35 -51.92
C LYS F 222 -31.30 -9.15 -50.44
N LEU F 223 -30.28 -8.83 -49.65
CA LEU F 223 -30.40 -8.70 -48.20
C LEU F 223 -29.88 -7.34 -47.75
N SER F 224 -30.12 -7.07 -46.46
CA SER F 224 -29.62 -5.84 -45.84
C SER F 224 -28.10 -5.90 -45.79
N PRO F 225 -27.43 -4.75 -45.86
CA PRO F 225 -25.97 -4.73 -45.84
C PRO F 225 -25.40 -5.27 -44.53
N PRO F 226 -24.31 -6.02 -44.60
CA PRO F 226 -23.63 -6.43 -43.37
C PRO F 226 -22.94 -5.23 -42.73
N GLN F 227 -22.83 -5.29 -41.42
CA GLN F 227 -22.11 -4.27 -40.66
C GLN F 227 -21.43 -4.96 -39.50
N LEU F 228 -20.31 -4.39 -39.04
CA LEU F 228 -19.53 -4.98 -37.98
C LEU F 228 -19.41 -4.00 -36.82
N SER F 229 -19.10 -4.55 -35.63
CA SER F 229 -18.84 -3.68 -34.48
C SER F 229 -17.60 -2.83 -34.71
N VAL F 230 -16.64 -3.32 -35.50
CA VAL F 230 -15.41 -2.57 -35.75
C VAL F 230 -15.76 -1.20 -36.32
N GLY F 231 -16.58 -1.18 -37.38
CA GLY F 231 -16.96 0.07 -38.01
C GLY F 231 -17.81 0.97 -37.13
N SER F 232 -18.72 0.36 -36.36
CA SER F 232 -19.58 1.15 -35.48
C SER F 232 -18.75 1.93 -34.46
N TRP F 233 -17.80 1.25 -33.80
CA TRP F 233 -16.98 1.92 -32.80
C TRP F 233 -16.08 2.97 -33.44
N VAL F 234 -15.51 2.69 -34.60
CA VAL F 234 -14.68 3.67 -35.27
C VAL F 234 -15.51 4.88 -35.70
N VAL F 235 -16.68 4.63 -36.29
CA VAL F 235 -17.49 5.75 -36.78
C VAL F 235 -18.04 6.56 -35.61
N ALA F 236 -18.29 5.90 -34.47
CA ALA F 236 -18.75 6.60 -33.28
C ALA F 236 -17.73 7.60 -32.79
N GLY F 237 -16.45 7.21 -32.79
CA GLY F 237 -15.41 8.14 -32.40
C GLY F 237 -15.28 9.31 -33.36
N MET F 238 -15.37 9.02 -34.66
CA MET F 238 -15.32 10.09 -35.64
C MET F 238 -16.42 11.11 -35.42
N CYS F 239 -17.66 10.64 -35.21
CA CYS F 239 -18.78 11.56 -35.02
C CYS F 239 -18.59 12.43 -33.80
N THR F 240 -18.10 11.87 -32.71
CA THR F 240 -17.86 12.68 -31.52
C THR F 240 -16.82 13.77 -31.80
N HIS F 241 -15.75 13.41 -32.51
CA HIS F 241 -14.73 14.38 -32.90
C HIS F 241 -15.33 15.48 -33.77
N ILE F 242 -16.13 15.08 -34.77
CA ILE F 242 -16.74 16.04 -35.68
C ILE F 242 -17.69 16.96 -34.91
N LEU F 243 -18.49 16.37 -34.01
CA LEU F 243 -19.40 17.19 -33.20
C LEU F 243 -18.63 18.24 -32.42
N PHE F 244 -17.50 17.87 -31.84
CA PHE F 244 -16.71 18.84 -31.09
C PHE F 244 -16.23 19.98 -31.98
N ASN F 245 -15.80 19.65 -33.20
CA ASN F 245 -15.32 20.68 -34.11
C ASN F 245 -16.43 21.64 -34.52
N ILE F 246 -17.62 21.10 -34.84
CA ILE F 246 -18.74 21.96 -35.24
C ILE F 246 -19.16 22.87 -34.10
N ALA F 247 -19.24 22.34 -32.89
CA ALA F 247 -19.68 23.13 -31.74
C ALA F 247 -18.65 24.18 -31.36
N THR F 248 -17.36 23.86 -31.43
CA THR F 248 -16.31 24.81 -31.10
C THR F 248 -15.88 25.61 -32.30
N GLN F 249 -16.59 25.45 -33.40
CA GLN F 249 -16.43 26.23 -34.63
C GLN F 249 -15.02 26.11 -35.19
N ARG F 250 -14.48 24.88 -35.14
CA ARG F 250 -13.26 24.46 -35.81
C ARG F 250 -13.57 23.95 -37.21
N GLU F 251 -12.55 24.01 -38.06
CA GLU F 251 -12.71 23.65 -39.46
C GLU F 251 -13.16 22.20 -39.61
N ILE F 252 -14.03 21.95 -40.58
CA ILE F 252 -14.43 20.59 -40.97
C ILE F 252 -14.52 20.53 -42.49
N LYS F 253 -14.40 19.31 -43.02
CA LYS F 253 -14.66 19.07 -44.42
C LYS F 253 -16.14 18.81 -44.64
N SER F 254 -16.71 19.47 -45.65
CA SER F 254 -18.09 19.24 -46.03
C SER F 254 -18.14 18.40 -47.30
N PHE F 255 -19.23 17.63 -47.42
CA PHE F 255 -19.52 16.91 -48.65
C PHE F 255 -19.44 17.85 -49.84
N PRO F 256 -18.83 17.41 -50.97
CA PRO F 256 -18.43 16.06 -51.37
C PRO F 256 -17.17 15.48 -50.67
N GLU F 257 -16.57 16.20 -49.73
CA GLU F 257 -15.49 15.58 -48.97
C GLU F 257 -16.03 14.75 -47.80
N PHE F 258 -15.19 13.86 -47.29
CA PHE F 258 -15.64 12.95 -46.26
C PHE F 258 -14.46 12.50 -45.40
N TYR F 259 -14.77 11.81 -44.32
CA TYR F 259 -13.79 11.20 -43.42
C TYR F 259 -13.93 9.69 -43.47
N LEU F 260 -12.83 9.02 -43.76
CA LEU F 260 -12.79 7.56 -43.81
C LEU F 260 -11.70 7.11 -42.86
N SER F 261 -12.04 6.25 -41.92
CA SER F 261 -11.10 5.86 -40.89
C SER F 261 -11.11 4.35 -40.81
N SER F 262 -9.92 3.77 -40.86
CA SER F 262 -9.76 2.33 -40.83
C SER F 262 -8.38 2.00 -40.28
N LEU F 263 -8.22 0.73 -39.94
CA LEU F 263 -6.95 0.23 -39.42
C LEU F 263 -5.81 0.56 -40.37
N GLU F 264 -6.04 0.38 -41.67
CA GLU F 264 -5.06 0.67 -42.71
C GLU F 264 -5.26 2.05 -43.35
N GLY F 265 -5.61 3.07 -42.55
CA GLY F 265 -5.90 4.43 -43.00
C GLY F 265 -6.57 4.78 -44.34
N LYS G 17 49.34 21.25 1.78
CA LYS G 17 49.40 21.61 3.20
C LYS G 17 50.43 20.72 3.89
N HIS G 18 50.90 21.11 5.08
CA HIS G 18 51.85 20.27 5.80
C HIS G 18 51.33 18.86 6.06
N ARG G 19 49.99 18.65 6.10
CA ARG G 19 49.49 17.29 6.18
C ARG G 19 49.82 16.48 4.92
N TYR G 20 49.86 17.14 3.77
CA TYR G 20 50.15 16.47 2.51
C TYR G 20 51.61 16.70 2.10
N SER G 21 52.46 17.05 3.06
CA SER G 21 53.85 17.35 2.78
C SER G 21 54.53 16.18 2.08
N ARG G 22 54.34 14.97 2.58
CA ARG G 22 55.00 13.78 2.04
C ARG G 22 54.38 13.25 0.74
N ASN G 23 53.38 13.93 0.18
CA ASN G 23 52.78 13.62 -1.11
C ASN G 23 53.58 14.13 -2.30
N ARG G 24 54.67 14.86 -2.07
CA ARG G 24 55.35 15.54 -3.15
C ARG G 24 55.95 14.55 -4.14
N LEU G 25 56.34 15.07 -5.31
CA LEU G 25 56.85 14.28 -6.44
C LEU G 25 55.75 13.42 -7.03
N TYR G 26 55.06 12.63 -6.19
CA TYR G 26 53.91 11.88 -6.68
C TYR G 26 52.83 12.84 -7.16
N LEU G 27 52.56 13.90 -6.40
CA LEU G 27 51.56 14.91 -6.72
C LEU G 27 52.17 16.30 -6.72
N ASN G 28 51.80 17.11 -7.74
CA ASN G 28 52.17 18.52 -7.72
C ASN G 28 51.09 19.32 -7.02
N PRO G 29 51.39 20.57 -6.62
CA PRO G 29 50.40 21.34 -5.85
C PRO G 29 49.05 21.50 -6.54
N LYS G 30 49.03 21.64 -7.88
CA LYS G 30 47.75 21.83 -8.55
C LYS G 30 46.92 20.54 -8.50
N GLU G 31 47.57 19.38 -8.51
CA GLU G 31 46.81 18.14 -8.39
C GLU G 31 46.25 17.98 -6.98
N GLN G 32 47.06 18.30 -5.97
CA GLN G 32 46.55 18.24 -4.60
C GLN G 32 45.35 19.18 -4.43
N GLU G 33 45.41 20.38 -5.01
CA GLU G 33 44.30 21.33 -4.95
C GLU G 33 43.05 20.78 -5.66
N LEU G 34 43.24 20.14 -6.80
CA LEU G 34 42.13 19.61 -7.57
C LEU G 34 41.39 18.51 -6.82
N ILE G 35 42.10 17.53 -6.25
CA ILE G 35 41.42 16.41 -5.59
C ILE G 35 40.80 16.82 -4.26
N LYS G 36 41.23 17.95 -3.71
CA LYS G 36 40.69 18.39 -2.43
C LYS G 36 39.16 18.47 -2.48
N ASP G 37 38.62 19.04 -3.55
CA ASP G 37 37.20 19.31 -3.64
C ASP G 37 36.45 18.44 -4.64
N TYR G 38 37.11 17.47 -5.30
CA TYR G 38 36.50 16.57 -6.27
C TYR G 38 35.38 15.77 -5.60
N PRO G 39 34.11 16.02 -5.95
CA PRO G 39 32.99 15.39 -5.22
C PRO G 39 32.87 13.90 -5.50
N ILE G 40 33.05 13.11 -4.45
CA ILE G 40 32.95 11.65 -4.50
C ILE G 40 31.64 11.23 -3.83
N LEU G 41 30.91 10.33 -4.47
CA LEU G 41 29.76 9.68 -3.87
C LEU G 41 30.13 8.25 -3.50
N LEU G 42 29.86 7.87 -2.27
CA LEU G 42 30.16 6.54 -1.75
C LEU G 42 28.85 5.87 -1.38
N GLY G 43 28.46 4.85 -2.15
CA GLY G 43 27.27 4.12 -1.77
C GLY G 43 27.67 2.87 -1.02
N GLY G 44 27.47 2.86 0.30
CA GLY G 44 27.92 1.73 1.08
C GLY G 44 29.16 2.02 1.91
N ALA G 45 29.01 1.94 3.24
CA ALA G 45 30.08 2.26 4.18
C ALA G 45 30.70 1.01 4.80
N GLY G 46 30.66 -0.13 4.11
CA GLY G 46 31.31 -1.32 4.61
C GLY G 46 32.74 -1.36 4.13
N ILE G 47 32.97 -2.06 3.02
CA ILE G 47 34.26 -1.94 2.35
C ILE G 47 34.56 -0.47 2.03
N GLY G 48 33.51 0.34 1.80
CA GLY G 48 33.72 1.75 1.52
C GLY G 48 34.26 2.56 2.68
N SER G 49 34.14 2.07 3.91
CA SER G 49 34.70 2.83 5.03
C SER G 49 36.22 2.77 5.06
N ILE G 50 36.82 1.67 4.62
CA ILE G 50 38.27 1.63 4.46
C ILE G 50 38.70 2.51 3.30
N ILE G 51 37.95 2.46 2.19
CA ILE G 51 38.26 3.31 1.04
C ILE G 51 38.22 4.77 1.45
N ALA G 52 37.21 5.15 2.25
CA ALA G 52 37.06 6.54 2.63
C ALA G 52 38.28 7.07 3.38
N GLU G 53 38.83 6.28 4.32
CA GLU G 53 39.99 6.73 5.07
C GLU G 53 41.22 6.87 4.19
N CYS G 54 41.49 5.86 3.37
CA CYS G 54 42.66 5.92 2.49
C CYS G 54 42.57 7.11 1.53
N ALA G 55 41.39 7.34 0.95
CA ALA G 55 41.23 8.45 0.02
C ALA G 55 41.29 9.80 0.73
N LEU G 56 40.73 9.88 1.94
CA LEU G 56 40.78 11.13 2.69
C LEU G 56 42.20 11.50 3.02
N ARG G 57 42.97 10.54 3.54
CA ARG G 57 44.36 10.83 3.89
C ARG G 57 45.15 11.22 2.66
N PHE G 58 44.83 10.63 1.50
CA PHE G 58 45.48 10.99 0.24
C PHE G 58 45.22 12.47 -0.12
N GLY G 59 44.03 12.98 0.20
CA GLY G 59 43.78 14.37 -0.10
C GLY G 59 42.39 14.63 -0.67
N PHE G 60 41.62 13.56 -0.86
CA PHE G 60 40.22 13.69 -1.27
C PHE G 60 39.43 14.11 -0.04
N GLU G 61 39.07 15.39 0.02
CA GLU G 61 38.46 15.92 1.22
C GLU G 61 36.97 16.17 1.06
N ASN G 62 36.37 15.79 -0.08
CA ASN G 62 34.97 16.07 -0.35
C ASN G 62 34.28 14.74 -0.64
N ILE G 63 33.73 14.11 0.39
CA ILE G 63 33.20 12.75 0.29
C ILE G 63 31.78 12.72 0.84
N THR G 64 30.88 12.16 0.06
CA THR G 64 29.51 11.89 0.47
C THR G 64 29.37 10.40 0.70
N ILE G 65 28.82 10.02 1.85
CA ILE G 65 28.66 8.61 2.18
C ILE G 65 27.20 8.34 2.48
N VAL G 66 26.64 7.35 1.79
CA VAL G 66 25.25 6.93 1.98
C VAL G 66 25.25 5.45 2.33
N ASP G 67 24.60 5.12 3.44
CA ASP G 67 24.47 3.74 3.90
C ASP G 67 23.36 3.75 4.94
N GLY G 68 22.58 2.67 4.98
CA GLY G 68 21.52 2.59 5.97
C GLY G 68 21.74 1.60 7.08
N ASP G 69 22.86 0.87 7.05
CA ASP G 69 23.15 -0.19 8.01
C ASP G 69 23.72 0.36 9.31
N HIS G 70 23.65 -0.47 10.34
CA HIS G 70 24.29 -0.21 11.62
C HIS G 70 25.55 -1.07 11.73
N VAL G 71 26.44 -0.67 12.65
CA VAL G 71 27.69 -1.41 12.83
C VAL G 71 27.40 -2.67 13.64
N GLU G 72 27.84 -3.81 13.13
CA GLU G 72 27.71 -5.07 13.84
C GLU G 72 29.11 -5.59 14.18
N ASN G 73 29.15 -6.50 15.15
CA ASN G 73 30.42 -7.07 15.59
C ASN G 73 31.23 -7.68 14.45
N SER G 74 30.58 -8.43 13.56
CA SER G 74 31.29 -9.11 12.48
C SER G 74 31.94 -8.17 11.48
N ASN G 75 31.64 -6.87 11.52
CA ASN G 75 32.28 -5.94 10.60
C ASN G 75 33.73 -5.68 10.95
N LEU G 76 34.13 -5.93 12.20
CA LEU G 76 35.39 -5.43 12.74
C LEU G 76 36.60 -6.14 12.12
N ASN G 77 36.40 -7.25 11.41
CA ASN G 77 37.48 -7.98 10.78
C ASN G 77 37.93 -7.39 9.45
N ARG G 78 37.28 -6.34 8.95
CA ARG G 78 37.57 -5.80 7.62
C ARG G 78 37.09 -4.38 7.37
N GLN G 79 36.37 -3.77 8.33
CA GLN G 79 35.77 -2.45 8.16
C GLN G 79 36.29 -1.45 9.19
N ASN G 80 36.10 -0.16 8.88
CA ASN G 80 36.76 0.93 9.60
C ASN G 80 35.92 1.34 10.82
N TYR G 81 35.67 0.38 11.71
CA TYR G 81 34.86 0.64 12.88
C TYR G 81 35.49 0.00 14.12
N THR G 82 35.04 0.47 15.28
CA THR G 82 35.57 0.06 16.56
C THR G 82 34.50 -0.62 17.39
N GLU G 83 34.93 -1.21 18.51
CA GLU G 83 33.98 -1.80 19.44
C GLU G 83 32.96 -0.77 19.92
N GLY G 84 33.41 0.47 20.10
CA GLY G 84 32.51 1.51 20.55
C GLY G 84 31.50 1.91 19.52
N ASP G 85 31.77 1.64 18.24
CA ASP G 85 30.85 1.98 17.17
C ASP G 85 29.70 1.00 17.05
N VAL G 86 29.76 -0.15 17.70
CA VAL G 86 28.75 -1.18 17.49
C VAL G 86 27.37 -0.70 17.90
N SER G 87 26.38 -0.92 17.04
CA SER G 87 24.96 -0.54 17.12
C SER G 87 24.69 0.89 16.65
N VAL G 88 25.69 1.59 16.18
CA VAL G 88 25.55 2.94 15.65
C VAL G 88 25.45 2.87 14.14
N ASN G 89 24.79 3.86 13.55
CA ASN G 89 24.77 4.01 12.11
C ASN G 89 26.18 4.02 11.53
N LYS G 90 26.41 3.19 10.52
CA LYS G 90 27.72 3.17 9.91
C LYS G 90 28.14 4.57 9.47
N VAL G 91 27.20 5.36 8.91
CA VAL G 91 27.58 6.66 8.34
C VAL G 91 28.03 7.64 9.41
N GLU G 92 27.37 7.67 10.58
CA GLU G 92 27.83 8.53 11.67
C GLU G 92 29.19 8.05 12.22
N ALA G 93 29.37 6.73 12.35
CA ALA G 93 30.62 6.23 12.90
C ALA G 93 31.79 6.53 11.96
N ILE G 94 31.61 6.34 10.66
CA ILE G 94 32.71 6.59 9.74
C ILE G 94 32.97 8.09 9.63
N LYS G 95 31.95 8.94 9.75
CA LYS G 95 32.20 10.37 9.71
C LYS G 95 32.99 10.83 10.93
N ALA G 96 32.71 10.26 12.10
CA ALA G 96 33.53 10.56 13.27
C ALA G 96 34.99 10.27 13.01
N ARG G 97 35.27 9.06 12.49
CA ARG G 97 36.63 8.66 12.17
C ARG G 97 37.27 9.59 11.15
N LEU G 98 36.59 9.85 10.03
CA LEU G 98 37.20 10.69 9.02
C LEU G 98 37.44 12.10 9.53
N LYS G 99 36.50 12.64 10.30
CA LYS G 99 36.63 14.02 10.76
C LYS G 99 37.67 14.19 11.87
N SER G 100 38.01 13.12 12.59
CA SER G 100 39.14 13.23 13.51
C SER G 100 40.47 13.21 12.77
N ILE G 101 40.52 12.63 11.57
CA ILE G 101 41.72 12.69 10.73
C ILE G 101 41.84 14.06 10.07
N ASN G 102 40.73 14.63 9.61
CA ASN G 102 40.74 15.94 8.94
C ASN G 102 39.48 16.67 9.39
N SER G 103 39.63 17.57 10.37
CA SER G 103 38.49 18.30 10.90
C SER G 103 37.91 19.25 9.86
N LYS G 104 38.76 19.79 8.99
CA LYS G 104 38.35 20.73 7.96
C LYS G 104 37.83 20.03 6.71
N ALA G 105 37.71 18.70 6.73
CA ALA G 105 37.19 17.96 5.57
C ALA G 105 35.67 18.11 5.47
N ASN G 106 35.17 17.97 4.24
CA ASN G 106 33.73 18.12 3.96
C ASN G 106 33.14 16.73 3.76
N ILE G 107 32.75 16.10 4.86
CA ILE G 107 32.22 14.73 4.88
C ILE G 107 30.73 14.84 5.09
N LYS G 108 29.95 14.60 4.04
CA LYS G 108 28.49 14.66 4.12
C LYS G 108 27.90 13.27 4.10
N ILE G 109 27.11 12.94 5.12
CA ILE G 109 26.55 11.61 5.28
C ILE G 109 25.02 11.66 5.25
N HIS G 110 24.43 10.51 4.91
CA HIS G 110 22.98 10.33 4.88
C HIS G 110 22.69 8.91 5.34
N ASN G 111 22.02 8.77 6.49
CA ASN G 111 21.63 7.47 7.00
C ASN G 111 20.28 7.11 6.39
N CYS G 112 20.34 6.62 5.16
CA CYS G 112 19.15 6.27 4.40
C CYS G 112 19.54 5.11 3.50
N PHE G 113 18.58 4.24 3.20
CA PHE G 113 18.81 3.24 2.17
C PHE G 113 18.52 3.85 0.80
N LEU G 114 19.27 3.41 -0.20
CA LEU G 114 19.05 3.91 -1.55
C LEU G 114 17.92 3.12 -2.20
N THR G 115 17.00 3.85 -2.84
CA THR G 115 15.86 3.27 -3.55
C THR G 115 15.80 3.84 -4.97
N SER G 116 14.94 3.24 -5.79
CA SER G 116 14.73 3.76 -7.15
C SER G 116 14.28 5.22 -7.12
N ASP G 117 13.63 5.63 -6.04
CA ASP G 117 13.07 6.98 -5.93
C ASP G 117 14.05 8.04 -5.45
N ASN G 118 15.01 7.70 -4.60
CA ASN G 118 15.91 8.74 -4.06
C ASN G 118 17.29 8.74 -4.68
N VAL G 119 17.65 7.71 -5.44
CA VAL G 119 19.05 7.50 -5.78
C VAL G 119 19.56 8.57 -6.73
N GLU G 120 18.72 9.07 -7.63
CA GLU G 120 19.24 10.04 -8.59
C GLU G 120 19.61 11.36 -7.92
N GLU G 121 18.80 11.81 -6.96
CA GLU G 121 19.13 13.07 -6.26
C GLU G 121 20.41 12.95 -5.46
N TYR G 122 20.71 11.77 -4.91
CA TYR G 122 21.98 11.63 -4.22
C TYR G 122 23.12 11.68 -5.24
N ILE G 123 22.96 11.01 -6.39
CA ILE G 123 24.00 10.96 -7.41
C ILE G 123 24.31 12.34 -7.96
N LYS G 124 23.26 13.13 -8.21
CA LYS G 124 23.40 14.45 -8.80
C LYS G 124 24.43 15.29 -8.07
N GLY G 125 25.35 15.88 -8.83
CA GLY G 125 26.34 16.77 -8.29
C GLY G 125 27.70 16.18 -8.04
N HIS G 126 27.88 14.89 -8.27
CA HIS G 126 29.17 14.27 -8.04
C HIS G 126 29.84 13.96 -9.37
N LYS G 127 31.17 13.94 -9.33
CA LYS G 127 31.99 13.67 -10.50
C LYS G 127 32.35 12.20 -10.64
N VAL G 128 32.33 11.43 -9.55
CA VAL G 128 32.73 10.03 -9.59
C VAL G 128 31.98 9.31 -8.47
N ALA G 129 31.74 8.03 -8.66
CA ALA G 129 30.96 7.26 -7.71
C ALA G 129 31.64 5.95 -7.41
N ILE G 130 31.44 5.49 -6.17
CA ILE G 130 31.89 4.19 -5.72
C ILE G 130 30.65 3.40 -5.34
N ASN G 131 30.37 2.35 -6.09
CA ASN G 131 29.24 1.48 -5.83
C ASN G 131 29.73 0.35 -4.94
N ALA G 132 29.43 0.45 -3.65
CA ALA G 132 29.74 -0.63 -2.71
C ALA G 132 28.46 -1.13 -2.08
N LEU G 133 27.44 -1.28 -2.90
CA LEU G 133 26.11 -1.63 -2.40
C LEU G 133 25.94 -3.14 -2.50
N ASP G 134 25.39 -3.74 -1.45
CA ASP G 134 25.01 -5.14 -1.49
C ASP G 134 24.08 -5.37 -2.68
N PHE G 135 24.27 -6.50 -3.36
CA PHE G 135 23.37 -6.83 -4.46
C PHE G 135 22.02 -7.31 -3.95
N SER G 136 21.83 -7.36 -2.64
CA SER G 136 20.54 -7.64 -2.05
C SER G 136 19.75 -6.36 -1.82
N SER G 137 20.40 -5.20 -1.98
CA SER G 137 19.72 -3.91 -1.98
C SER G 137 18.73 -3.82 -3.15
N GLU G 138 18.00 -2.72 -3.20
CA GLU G 138 17.00 -2.51 -4.23
C GLU G 138 17.55 -1.88 -5.49
N VAL G 139 18.65 -1.15 -5.37
CA VAL G 139 19.04 -0.25 -6.46
C VAL G 139 20.47 -0.44 -6.99
N PRO G 140 21.13 -1.59 -6.80
CA PRO G 140 22.57 -1.66 -7.17
C PRO G 140 22.88 -1.41 -8.64
N LEU G 141 22.16 -2.04 -9.59
CA LEU G 141 22.43 -1.80 -11.01
C LEU G 141 21.80 -0.51 -11.53
N LEU G 142 20.61 -0.12 -11.02
CA LEU G 142 20.01 1.11 -11.50
C LEU G 142 20.93 2.28 -11.16
N PHE G 143 21.53 2.24 -9.97
CA PHE G 143 22.56 3.20 -9.57
C PHE G 143 23.56 3.44 -10.69
N ASP G 144 24.06 2.35 -11.30
CA ASP G 144 25.06 2.48 -12.36
C ASP G 144 24.51 3.13 -13.61
N GLU G 145 23.29 2.75 -14.03
CA GLU G 145 22.71 3.33 -15.23
C GLU G 145 22.57 4.84 -15.11
N ILE G 146 22.13 5.32 -13.95
CA ILE G 146 21.98 6.76 -13.78
C ILE G 146 23.34 7.45 -13.85
N CYS G 147 24.37 6.85 -13.25
CA CYS G 147 25.70 7.45 -13.30
C CYS G 147 26.20 7.54 -14.74
N GLN G 148 25.99 6.49 -15.52
CA GLN G 148 26.34 6.53 -16.94
C GLN G 148 25.62 7.67 -17.64
N LYS G 149 24.31 7.78 -17.42
CA LYS G 149 23.53 8.84 -18.04
C LYS G 149 24.11 10.22 -17.74
N MET G 150 24.75 10.37 -16.59
CA MET G 150 25.28 11.64 -16.12
C MET G 150 26.78 11.81 -16.33
N ASP G 151 27.42 10.91 -17.08
CA ASP G 151 28.86 10.96 -17.31
C ASP G 151 29.65 10.89 -16.00
N ILE G 152 29.16 10.08 -15.05
CA ILE G 152 29.82 9.84 -13.78
C ILE G 152 30.40 8.43 -13.80
N PRO G 153 31.71 8.25 -13.88
CA PRO G 153 32.29 6.90 -13.82
C PRO G 153 32.11 6.26 -12.44
N VAL G 154 31.94 4.94 -12.43
CA VAL G 154 31.59 4.18 -11.21
C VAL G 154 32.66 3.15 -10.89
N LEU G 155 33.22 3.22 -9.69
CA LEU G 155 34.14 2.18 -9.19
C LEU G 155 33.35 1.08 -8.48
N HIS G 156 33.63 -0.18 -8.83
CA HIS G 156 33.09 -1.35 -8.13
C HIS G 156 34.20 -2.07 -7.39
N PRO G 157 34.36 -1.84 -6.09
CA PRO G 157 35.36 -2.57 -5.30
C PRO G 157 34.78 -3.84 -4.70
N TYR G 158 35.59 -4.90 -4.71
CA TYR G 158 35.23 -6.20 -4.16
C TYR G 158 36.34 -6.70 -3.26
N ASN G 159 35.95 -7.41 -2.21
CA ASN G 159 36.86 -8.00 -1.23
C ASN G 159 36.98 -9.49 -1.55
N LEU G 160 38.07 -9.88 -2.21
CA LEU G 160 38.30 -11.29 -2.54
C LEU G 160 39.18 -11.97 -1.51
N GLY G 161 39.02 -11.62 -0.24
CA GLY G 161 39.81 -12.24 0.81
C GLY G 161 41.27 -11.83 0.74
N TRP G 162 42.05 -12.60 -0.02
CA TRP G 162 43.45 -12.25 -0.23
C TRP G 162 43.62 -11.15 -1.26
N GLY G 163 42.60 -10.89 -2.08
CA GLY G 163 42.72 -9.95 -3.18
C GLY G 163 41.77 -8.77 -3.07
N GLY G 164 42.17 -7.65 -3.68
CA GLY G 164 41.28 -6.53 -3.94
C GLY G 164 41.00 -6.39 -5.43
N LEU G 165 39.72 -6.21 -5.77
CA LEU G 165 39.28 -6.12 -7.15
C LEU G 165 38.48 -4.84 -7.37
N VAL G 166 38.85 -4.06 -8.39
CA VAL G 166 38.11 -2.87 -8.80
C VAL G 166 37.89 -2.93 -10.31
N THR G 167 36.66 -2.65 -10.74
CA THR G 167 36.37 -2.40 -12.14
C THR G 167 35.60 -1.08 -12.23
N ILE G 168 35.87 -0.31 -13.28
CA ILE G 168 35.32 1.04 -13.43
C ILE G 168 34.29 0.98 -14.55
N ILE G 169 33.05 1.33 -14.23
CA ILE G 169 31.99 1.48 -15.22
C ILE G 169 32.12 2.87 -15.81
N SER G 170 32.45 2.95 -17.10
CA SER G 170 32.59 4.25 -17.75
C SER G 170 31.29 4.67 -18.45
N PRO G 171 31.05 5.99 -18.58
CA PRO G 171 29.77 6.45 -19.12
C PRO G 171 29.37 5.89 -20.48
N LYS G 172 30.31 5.79 -21.43
CA LYS G 172 30.02 5.31 -22.79
C LYS G 172 30.34 3.84 -22.97
N GLY G 173 30.62 3.11 -21.88
CA GLY G 173 31.02 1.73 -21.95
C GLY G 173 29.97 0.76 -21.41
N LEU G 174 30.35 -0.52 -21.42
CA LEU G 174 29.48 -1.58 -20.91
C LEU G 174 29.28 -1.44 -19.41
N SER G 175 28.08 -1.80 -18.97
CA SER G 175 27.71 -1.92 -17.58
C SER G 175 27.70 -3.39 -17.16
N LEU G 176 27.60 -3.61 -15.84
CA LEU G 176 27.48 -4.98 -15.35
C LEU G 176 26.23 -5.66 -15.91
N ASN G 177 25.25 -4.87 -16.36
CA ASN G 177 24.08 -5.45 -17.00
C ASN G 177 24.48 -6.38 -18.14
N SER G 178 25.56 -6.08 -18.85
CA SER G 178 25.99 -6.88 -19.99
C SER G 178 26.23 -8.33 -19.60
N ILE G 179 26.57 -8.52 -18.33
CA ILE G 179 26.87 -9.83 -17.77
C ILE G 179 25.66 -10.43 -17.08
N ALA G 180 24.67 -9.62 -16.74
CA ALA G 180 23.49 -10.10 -16.06
C ALA G 180 22.57 -10.75 -17.08
N LYS G 181 22.09 -11.94 -16.72
CA LYS G 181 21.15 -12.72 -17.51
C LYS G 181 19.74 -12.65 -16.93
N LYS G 182 18.77 -12.37 -17.79
CA LYS G 182 17.41 -12.20 -17.28
C LYS G 182 16.95 -13.50 -16.66
N GLY G 183 16.10 -13.42 -15.63
CA GLY G 183 15.57 -14.63 -15.04
C GLY G 183 16.45 -15.31 -14.02
N GLU G 184 17.71 -14.91 -13.90
CA GLU G 184 18.65 -15.52 -13.00
C GLU G 184 19.24 -14.50 -12.04
N LYS G 185 19.73 -15.00 -10.91
CA LYS G 185 20.22 -14.10 -9.88
C LYS G 185 21.57 -13.52 -10.30
N PHE G 186 21.78 -12.26 -9.95
CA PHE G 186 23.03 -11.57 -10.24
C PHE G 186 23.54 -10.99 -8.93
N ASN G 187 24.73 -11.39 -8.51
CA ASN G 187 25.31 -10.81 -7.31
C ASN G 187 26.82 -10.71 -7.49
N GLU G 188 27.53 -10.52 -6.38
CA GLU G 188 28.97 -10.33 -6.46
C GLU G 188 29.68 -11.61 -6.92
N LEU G 189 29.06 -12.77 -6.69
CA LEU G 189 29.65 -14.02 -7.14
C LEU G 189 29.75 -14.08 -8.65
N ASN G 190 28.82 -13.45 -9.36
CA ASN G 190 28.87 -13.41 -10.83
C ASN G 190 30.04 -12.57 -11.33
N VAL G 191 30.31 -11.41 -10.71
CA VAL G 191 31.47 -10.61 -11.13
C VAL G 191 32.77 -11.36 -10.86
N VAL G 192 32.88 -11.98 -9.69
CA VAL G 192 34.11 -12.66 -9.29
C VAL G 192 34.36 -13.90 -10.14
N GLU G 193 33.29 -14.63 -10.50
CA GLU G 193 33.44 -15.75 -11.41
C GLU G 193 33.86 -15.28 -12.81
N TYR G 194 33.40 -14.10 -13.22
CA TYR G 194 33.88 -13.53 -14.48
C TYR G 194 35.37 -13.23 -14.41
N VAL G 195 35.81 -12.63 -13.30
CA VAL G 195 37.22 -12.26 -13.12
C VAL G 195 38.09 -13.51 -13.13
N SER G 196 37.69 -14.52 -12.37
CA SER G 196 38.44 -15.77 -12.28
C SER G 196 38.62 -16.40 -13.65
N SER G 197 37.54 -16.51 -14.42
CA SER G 197 37.62 -17.04 -15.78
C SER G 197 38.50 -16.18 -16.69
N TYR G 198 38.38 -14.85 -16.60
CA TYR G 198 39.17 -13.97 -17.43
C TYR G 198 40.65 -14.22 -17.20
N MET G 199 41.04 -14.28 -15.93
CA MET G 199 42.44 -14.50 -15.58
C MET G 199 42.96 -15.82 -16.13
N ARG G 200 42.19 -16.90 -16.02
CA ARG G 200 42.67 -18.16 -16.56
C ARG G 200 42.77 -18.11 -18.09
N PHE G 201 41.78 -17.53 -18.75
CA PHE G 201 41.82 -17.47 -20.21
C PHE G 201 43.08 -16.79 -20.71
N TRP G 202 43.51 -15.74 -20.00
CA TRP G 202 44.63 -14.90 -20.40
C TRP G 202 45.96 -15.38 -19.82
N GLY G 203 46.03 -16.63 -19.37
CA GLY G 203 47.29 -17.21 -18.92
C GLY G 203 47.75 -16.82 -17.53
N LYS G 204 46.93 -16.12 -16.75
CA LYS G 204 47.26 -15.75 -15.37
C LYS G 204 46.23 -16.32 -14.40
N PRO G 205 46.05 -17.64 -14.38
CA PRO G 205 45.04 -18.20 -13.47
C PRO G 205 45.38 -17.86 -12.03
N GLN G 206 44.34 -17.51 -11.28
CA GLN G 206 44.42 -17.18 -9.85
C GLN G 206 43.89 -18.38 -9.08
N GLU G 207 44.80 -19.30 -8.73
CA GLU G 207 44.38 -20.55 -8.12
C GLU G 207 43.80 -20.32 -6.72
N TRP G 208 44.30 -19.32 -6.00
CA TRP G 208 43.70 -18.97 -4.71
C TRP G 208 42.25 -18.56 -4.87
N LEU G 209 41.97 -17.76 -5.91
CA LEU G 209 40.60 -17.27 -6.17
C LEU G 209 39.67 -18.39 -6.61
N GLU G 210 40.16 -19.27 -7.48
CA GLU G 210 39.34 -20.39 -7.90
C GLU G 210 38.99 -21.30 -6.73
N ASP G 211 39.93 -21.46 -5.78
CA ASP G 211 39.69 -22.34 -4.64
C ASP G 211 38.58 -21.79 -3.75
N ILE G 212 38.63 -20.49 -3.41
CA ILE G 212 37.60 -19.93 -2.53
C ILE G 212 36.24 -19.89 -3.23
N ILE G 213 36.19 -19.67 -4.55
CA ILE G 213 34.91 -19.78 -5.24
C ILE G 213 34.34 -21.18 -5.07
N TYR G 214 35.18 -22.20 -5.25
CA TYR G 214 34.71 -23.58 -5.11
C TYR G 214 34.20 -23.87 -3.70
N LYS G 215 34.97 -23.50 -2.68
CA LYS G 215 34.53 -23.73 -1.30
C LYS G 215 33.21 -23.02 -1.01
N PHE G 216 33.08 -21.76 -1.47
CA PHE G 216 31.88 -20.98 -1.14
C PHE G 216 30.62 -21.53 -1.81
N LYS G 217 30.69 -21.93 -3.09
CA LYS G 217 29.51 -22.45 -3.78
C LYS G 217 29.05 -23.76 -3.17
N ASN G 218 30.00 -24.64 -2.84
CA ASN G 218 29.77 -25.96 -2.27
C ASN G 218 29.57 -25.95 -0.75
N GLU G 219 29.32 -24.78 -0.18
CA GLU G 219 28.93 -24.67 1.23
C GLU G 219 27.54 -25.23 1.48
N ARG G 220 27.41 -26.03 2.54
CA ARG G 220 26.10 -26.54 2.92
C ARG G 220 25.15 -25.39 3.29
N GLU G 221 25.55 -24.56 4.25
CA GLU G 221 24.75 -23.44 4.73
C GLU G 221 24.68 -22.28 3.75
N LYS G 222 23.57 -21.52 3.81
CA LYS G 222 23.41 -20.33 2.98
C LYS G 222 23.92 -19.14 3.83
N LEU G 223 25.12 -18.63 3.49
CA LEU G 223 25.76 -17.53 4.23
C LEU G 223 26.32 -16.45 3.30
N SER G 224 26.66 -15.31 3.90
CA SER G 224 27.30 -14.21 3.17
C SER G 224 28.73 -14.59 2.81
N PRO G 225 29.27 -14.05 1.72
CA PRO G 225 30.66 -14.35 1.33
C PRO G 225 31.64 -13.94 2.41
N PRO G 226 32.67 -14.75 2.66
CA PRO G 226 33.70 -14.34 3.60
C PRO G 226 34.57 -13.24 3.00
N GLN G 227 35.13 -12.41 3.88
CA GLN G 227 36.02 -11.33 3.48
C GLN G 227 37.08 -11.14 4.57
N LEU G 228 38.25 -10.67 4.16
CA LEU G 228 39.39 -10.52 5.06
C LEU G 228 39.86 -9.07 5.12
N SER G 229 40.57 -8.73 6.20
CA SER G 229 41.16 -7.40 6.28
C SER G 229 42.14 -7.17 5.15
N VAL G 230 42.77 -8.24 4.66
CA VAL G 230 43.80 -8.11 3.63
C VAL G 230 43.23 -7.45 2.38
N GLY G 231 42.14 -7.99 1.86
CA GLY G 231 41.53 -7.45 0.64
C GLY G 231 40.98 -6.05 0.82
N SER G 232 40.40 -5.76 1.99
CA SER G 232 39.88 -4.43 2.27
C SER G 232 40.99 -3.38 2.17
N TRP G 233 42.14 -3.66 2.79
CA TRP G 233 43.22 -2.68 2.75
C TRP G 233 43.77 -2.51 1.34
N VAL G 234 43.92 -3.61 0.59
CA VAL G 234 44.42 -3.52 -0.78
C VAL G 234 43.44 -2.78 -1.68
N VAL G 235 42.15 -3.10 -1.59
CA VAL G 235 41.19 -2.45 -2.47
C VAL G 235 41.06 -0.98 -2.14
N ALA G 236 41.27 -0.60 -0.88
CA ALA G 236 41.26 0.82 -0.53
C ALA G 236 42.39 1.57 -1.23
N GLY G 237 43.58 0.96 -1.29
CA GLY G 237 44.67 1.61 -2.00
C GLY G 237 44.42 1.72 -3.49
N MET G 238 43.89 0.65 -4.10
CA MET G 238 43.59 0.66 -5.53
C MET G 238 42.57 1.76 -5.86
N CYS G 239 41.49 1.84 -5.09
CA CYS G 239 40.46 2.84 -5.38
C CYS G 239 41.04 4.24 -5.26
N THR G 240 41.91 4.46 -4.27
CA THR G 240 42.50 5.78 -4.14
C THR G 240 43.36 6.12 -5.35
N HIS G 241 44.17 5.16 -5.81
CA HIS G 241 44.96 5.35 -7.02
C HIS G 241 44.07 5.61 -8.23
N ILE G 242 43.01 4.80 -8.39
CA ILE G 242 42.11 4.98 -9.53
C ILE G 242 41.43 6.34 -9.47
N LEU G 243 40.95 6.74 -8.29
CA LEU G 243 40.31 8.04 -8.13
C LEU G 243 41.26 9.15 -8.52
N PHE G 244 42.54 9.05 -8.15
CA PHE G 244 43.49 10.08 -8.58
C PHE G 244 43.58 10.11 -10.10
N ASN G 245 43.57 8.93 -10.73
CA ASN G 245 43.65 8.88 -12.18
C ASN G 245 42.42 9.49 -12.83
N ILE G 246 41.23 9.20 -12.31
CA ILE G 246 40.01 9.73 -12.89
C ILE G 246 39.96 11.25 -12.73
N ALA G 247 40.32 11.76 -11.55
CA ALA G 247 40.23 13.20 -11.31
C ALA G 247 41.25 13.98 -12.14
N THR G 248 42.46 13.46 -12.29
CA THR G 248 43.50 14.10 -13.07
C THR G 248 43.48 13.69 -14.53
N GLN G 249 42.46 12.94 -14.96
CA GLN G 249 42.25 12.58 -16.36
C GLN G 249 43.42 11.78 -16.94
N ARG G 250 43.92 10.87 -16.14
CA ARG G 250 44.87 9.83 -16.52
C ARG G 250 44.14 8.58 -17.01
N GLU G 251 44.86 7.79 -17.80
CA GLU G 251 44.28 6.60 -18.41
C GLU G 251 43.83 5.61 -17.34
N ILE G 252 42.70 4.94 -17.59
CA ILE G 252 42.23 3.86 -16.73
C ILE G 252 41.63 2.78 -17.61
N LYS G 253 41.54 1.57 -17.06
CA LYS G 253 40.79 0.50 -17.71
C LYS G 253 39.33 0.60 -17.31
N SER G 254 38.45 0.48 -18.29
CA SER G 254 37.03 0.44 -17.99
C SER G 254 36.55 -0.98 -18.18
N PHE G 255 35.52 -1.34 -17.43
CA PHE G 255 34.85 -2.61 -17.64
C PHE G 255 34.51 -2.78 -19.12
N PRO G 256 34.68 -3.98 -19.70
CA PRO G 256 34.90 -5.32 -19.13
C PRO G 256 36.29 -5.63 -18.56
N GLU G 257 37.22 -4.67 -18.62
CA GLU G 257 38.51 -4.82 -17.97
C GLU G 257 38.46 -4.40 -16.50
N PHE G 258 39.45 -4.83 -15.74
CA PHE G 258 39.47 -4.62 -14.30
C PHE G 258 40.89 -4.59 -13.76
N TYR G 259 41.00 -4.23 -12.48
CA TYR G 259 42.26 -4.25 -11.75
C TYR G 259 42.16 -5.28 -10.62
N LEU G 260 43.11 -6.22 -10.58
CA LEU G 260 43.19 -7.26 -9.56
C LEU G 260 44.55 -7.25 -8.90
N SER G 261 44.57 -7.15 -7.56
CA SER G 261 45.81 -6.99 -6.82
C SER G 261 45.84 -7.96 -5.65
N SER G 262 46.94 -8.73 -5.53
CA SER G 262 47.09 -9.68 -4.44
C SER G 262 48.57 -10.00 -4.25
N LEU G 263 48.91 -10.56 -3.08
CA LEU G 263 50.28 -10.98 -2.82
C LEU G 263 50.77 -12.04 -3.81
N GLU G 264 50.05 -13.17 -3.86
CA GLU G 264 50.31 -14.29 -4.75
C GLU G 264 50.09 -13.95 -6.22
N GLY G 265 50.81 -12.94 -6.69
CA GLY G 265 50.67 -12.46 -8.05
C GLY G 265 51.08 -11.01 -8.17
CB A1BIH H . 9.93 14.14 26.51
CD A1BIH H . 10.95 15.32 28.55
C01 A1BIH H . 0.27 11.29 32.45
C02 A1BIH H . 0.52 12.69 31.91
C03 A1BIH H . 2.01 13.10 31.93
C04 A1BIH H . 2.60 13.18 30.53
C05 A1BIH H . 4.10 13.04 30.53
C06 A1BIH H . 4.90 14.00 29.61
C07 A1BIH H . 5.50 13.31 28.38
C08 A1BIH H . 6.39 14.17 27.44
CA A1BIH H . 8.50 14.20 25.90
C A1BIH H . 8.52 13.45 24.45
CG A1BIH H . 10.35 15.49 27.15
CE A1BIH H . 11.94 16.47 28.93
N A1BIH H . 7.51 13.53 26.83
NZ A1BIH H . 12.61 16.16 30.23
O09 A1BIH H . 6.12 15.35 27.29
OXT A1BIH H . 7.99 12.31 24.41
O A1BIH H . 9.03 14.04 23.47
C1 PEG I . 7.45 40.11 24.92
O1 PEG I . 6.69 41.01 25.70
C2 PEG I . 8.82 39.85 25.55
O2 PEG I . 8.68 38.82 26.50
C3 PEG I . 8.07 39.20 27.71
C4 PEG I . 8.59 38.43 28.95
O4 PEG I . 7.66 37.44 29.36
CB A1BIH J . -7.55 36.48 10.60
CD A1BIH J . -9.72 36.80 11.86
C01 A1BIH J . -1.96 45.07 16.22
C02 A1BIH J . -2.30 43.74 16.84
C03 A1BIH J . -3.63 43.17 16.41
C04 A1BIH J . -3.46 41.95 15.52
C05 A1BIH J . -4.66 41.65 14.64
C06 A1BIH J . -5.07 40.15 14.54
C07 A1BIH J . -4.73 39.53 13.18
C08 A1BIH J . -5.15 38.06 12.90
CA A1BIH J . -6.07 36.41 11.08
C A1BIH J . -5.15 35.93 9.82
CG A1BIH J . -8.53 35.88 11.61
CE A1BIH J . -10.97 35.99 12.31
N A1BIH J . -5.60 37.75 11.60
NZ A1BIH J . -12.18 36.87 12.39
O09 A1BIH J . -5.14 37.26 13.84
OXT A1BIH J . -4.43 36.82 9.31
O A1BIH J . -5.19 34.74 9.45
C1 PEG K . -9.02 35.43 30.01
O1 PEG K . -8.05 34.79 30.80
C2 PEG K . -10.42 35.05 30.50
O2 PEG K . -11.11 36.18 30.97
C3 PEG K . -12.34 35.87 31.59
C4 PEG K . -12.90 37.06 32.41
O4 PEG K . -12.44 37.03 33.73
CB A1BIH L . -16.42 -20.77 9.23
CD A1BIH L . -18.12 -22.55 8.63
C01 A1BIH L . -19.98 -20.51 20.39
C02 A1BIH L . -19.07 -21.59 19.86
C03 A1BIH L . -19.35 -21.95 18.42
C04 A1BIH L . -18.24 -21.51 17.44
C05 A1BIH L . -18.72 -21.35 16.01
C06 A1BIH L . -17.81 -21.90 14.89
C07 A1BIH L . -17.11 -20.79 14.07
C08 A1BIH L . -16.21 -21.23 12.83
CA A1BIH L . -15.45 -20.65 10.45
C A1BIH L . -14.40 -19.44 10.16
CG A1BIH L . -16.65 -22.22 8.84
CE A1BIH L . -18.26 -23.75 7.63
N A1BIH L . -16.22 -20.39 11.70
NZ A1BIH L . -19.68 -24.00 7.28
O09 A1BIH L . -15.58 -22.30 12.88
OXT A1BIH L . -14.60 -18.37 10.81
O A1BIH L . -13.47 -19.62 9.34
CB A1BIH M . 10.44 -36.77 19.22
CD A1BIH M . 9.99 -37.58 21.53
C01 A1BIH M . 5.96 -46.34 14.43
C02 A1BIH M . 5.11 -45.15 14.86
C03 A1BIH M . 5.59 -44.54 16.17
C04 A1BIH M . 6.20 -43.16 15.96
C05 A1BIH M . 7.18 -42.69 17.03
C06 A1BIH M . 7.02 -41.24 17.44
C07 A1BIH M . 8.17 -40.36 16.92
C08 A1BIH M . 8.18 -38.84 17.34
CA A1BIH M . 9.60 -36.79 17.93
C A1BIH M . 10.42 -35.94 16.80
CG A1BIH M . 9.61 -36.56 20.47
CE A1BIH M . 9.69 -37.05 22.96
N A1BIH M . 9.42 -38.21 17.51
NZ A1BIH M . 10.22 -38.00 24.00
O09 A1BIH M . 7.11 -38.25 17.50
OXT A1BIH M . 11.05 -36.62 15.95
O A1BIH M . 10.38 -34.70 16.87
CB A1BIH N . -2.88 2.18 -20.67
CD A1BIH N . -0.85 1.28 -22.00
C01 A1BIH N . -0.04 13.03 -23.29
C02 A1BIH N . -0.69 12.09 -24.28
C03 A1BIH N . -0.23 10.66 -24.15
C04 A1BIH N . -1.34 9.80 -23.62
C05 A1BIH N . -0.85 8.54 -22.96
C06 A1BIH N . -1.62 7.23 -23.28
C07 A1BIH N . -2.45 6.75 -22.06
C08 A1BIH N . -3.21 5.39 -22.19
CA A1BIH N . -3.93 3.25 -21.03
C A1BIH N . -5.10 3.24 -19.93
CG A1BIH N . -2.38 1.41 -21.93
CE A1BIH N . -0.43 0.00 -22.82
N A1BIH N . -3.28 4.57 -21.04
NZ A1BIH N . 1.05 -0.26 -22.77
O09 A1BIH N . -3.68 5.05 -23.29
OXT A1BIH N . -5.06 4.18 -19.10
O A1BIH N . -5.96 2.35 -19.99
C1 PEG O . 10.28 9.15 -46.93
O1 PEG O . 9.63 10.24 -47.53
C2 PEG O . 10.88 9.60 -45.58
O2 PEG O . 12.21 9.19 -45.50
C3 PEG O . 13.15 10.23 -45.53
C4 PEG O . 14.53 9.65 -45.89
O4 PEG O . 15.30 10.63 -46.53
C1 PEG P . 2.01 3.00 -40.09
O1 PEG P . 1.74 4.37 -40.14
C2 PEG P . 3.49 2.74 -39.72
O2 PEG P . 4.24 2.42 -40.87
C3 PEG P . 4.92 3.50 -41.49
C4 PEG P . 4.16 3.99 -42.73
O4 PEG P . 4.64 5.24 -43.13
CB A1BIH Q . -27.67 3.87 -41.72
CD A1BIH Q . -27.17 5.95 -43.09
C01 A1BIH Q . -21.85 -3.26 -48.91
C02 A1BIH Q . -21.13 -2.42 -47.86
C03 A1BIH Q . -21.78 -1.08 -47.63
C04 A1BIH Q . -22.45 -0.95 -46.27
C05 A1BIH Q . -23.52 0.12 -46.25
C06 A1BIH Q . -23.57 1.04 -45.03
C07 A1BIH Q . -24.78 0.73 -44.12
C08 A1BIH Q . -25.02 1.65 -42.86
CA A1BIH Q . -26.75 2.69 -41.27
C A1BIH Q . -27.53 1.79 -40.18
CG A1BIH Q . -26.90 5.19 -41.79
CE A1BIH Q . -26.95 7.48 -42.87
N A1BIH Q . -26.33 1.85 -42.46
NZ A1BIH Q . -27.36 8.25 -44.06
O09 A1BIH Q . -24.05 2.13 -42.27
OXT A1BIH Q . -27.91 0.65 -40.58
O A1BIH Q . -27.67 2.24 -39.02
CB A1BIH R . 29.94 -5.09 -1.75
CD A1BIH R . 29.92 -4.85 -4.30
C01 A1BIH R . 33.33 -16.17 -2.26
C02 A1BIH R . 34.26 -15.03 -2.64
C03 A1BIH R . 33.56 -13.87 -3.31
C04 A1BIH R . 33.53 -12.63 -2.40
C05 A1BIH R . 32.43 -11.68 -2.76
C06 A1BIH R . 32.71 -10.19 -2.78
C07 A1BIH R . 32.04 -9.46 -1.59
C08 A1BIH R . 32.14 -7.89 -1.50
CA A1BIH R . 31.01 -5.72 -0.85
C A1BIH R . 30.74 -5.33 0.69
CG A1BIH R . 30.61 -4.47 -2.99
CE A1BIH R . 30.14 -3.78 -5.39
N A1BIH R . 31.04 -7.20 -1.02
NZ A1BIH R . 29.31 -4.09 -6.58
O09 A1BIH R . 33.15 -7.32 -1.91
OXT A1BIH R . 30.31 -6.27 1.42
O A1BIH R . 30.98 -4.18 1.08
C1 PEG S . 35.54 -14.98 -20.80
O1 PEG S . 35.21 -14.44 -19.54
C2 PEG S . 37.05 -14.93 -21.08
O2 PEG S . 37.39 -13.67 -21.61
C3 PEG S . 37.93 -13.64 -22.92
C4 PEG S . 36.84 -13.35 -23.96
O4 PEG S . 37.21 -12.29 -24.81
C1 PEG T . 31.60 -7.47 -25.47
O1 PEG T . 31.57 -6.38 -26.35
C2 PEG T . 32.87 -7.36 -24.62
O2 PEG T . 33.78 -8.34 -25.02
C3 PEG T . 35.08 -8.27 -24.50
C4 PEG T . 36.13 -8.77 -25.53
O4 PEG T . 36.59 -10.07 -25.23
#